data_1H64
#
_entry.id   1H64
#
_cell.length_a   69.330
_cell.length_b   70.160
_cell.length_c   116.010
_cell.angle_alpha   90.21
_cell.angle_beta   97.70
_cell.angle_gamma   107.48
#
_symmetry.space_group_name_H-M   'P 1'
#
loop_
_entity.id
_entity.type
_entity.pdbx_description
1 polymer 'SNRNP SM-LIKE PROTEIN'
2 water water
#
_entity_poly.entity_id   1
_entity_poly.type   'polypeptide(L)'
_entity_poly.pdbx_seq_one_letter_code
;MAERPLDVIHRSLDKDVLVILKKGFEFRGRLIGYDIHLNVVLADAEMIQDGEVVKRYGKIVIRGDNVLAISPTEE
;
_entity_poly.pdbx_strand_id   1,2,A,B,C,D,E,F,G,H,I,J,K,L,M,N,O,P,Q,R,S,T,U,V,W,X,Y,Z
#
# COMPACT_ATOMS: atom_id res chain seq x y z
N GLU A 3 -4.82 -1.30 34.01
CA GLU A 3 -3.78 -1.53 35.07
C GLU A 3 -2.41 -1.68 34.42
N ARG A 4 -1.64 -0.60 34.45
CA ARG A 4 -0.30 -0.61 33.86
C ARG A 4 0.62 -1.47 34.71
N PRO A 5 1.64 -2.10 34.08
CA PRO A 5 2.61 -2.95 34.76
C PRO A 5 3.06 -2.42 36.11
N LEU A 6 3.47 -1.15 36.16
CA LEU A 6 3.92 -0.54 37.41
C LEU A 6 2.86 -0.43 38.49
N ASP A 7 1.60 -0.21 38.07
CA ASP A 7 0.48 -0.10 39.01
C ASP A 7 0.31 -1.42 39.72
N VAL A 8 0.32 -2.50 38.93
CA VAL A 8 0.18 -3.85 39.44
C VAL A 8 1.29 -4.15 40.43
N ILE A 9 2.51 -3.76 40.07
CA ILE A 9 3.66 -4.00 40.93
C ILE A 9 3.49 -3.24 42.24
N HIS A 10 3.11 -1.96 42.14
CA HIS A 10 2.93 -1.14 43.33
C HIS A 10 1.95 -1.75 44.33
N ARG A 11 0.85 -2.27 43.83
CA ARG A 11 -0.18 -2.87 44.68
C ARG A 11 0.18 -4.23 45.26
N SER A 12 1.32 -4.77 44.84
CA SER A 12 1.76 -6.07 45.34
C SER A 12 2.74 -5.95 46.49
N LEU A 13 3.05 -4.73 46.90
CA LEU A 13 3.96 -4.53 48.01
C LEU A 13 3.41 -5.21 49.26
N ASP A 14 4.29 -5.89 50.00
CA ASP A 14 3.90 -6.60 51.21
C ASP A 14 3.11 -7.86 50.93
N LYS A 15 2.92 -8.14 49.64
CA LYS A 15 2.19 -9.33 49.23
C LYS A 15 3.13 -10.34 48.62
N ASP A 16 2.72 -11.61 48.60
CA ASP A 16 3.53 -12.67 48.03
C ASP A 16 3.54 -12.57 46.51
N VAL A 17 4.72 -12.67 45.91
CA VAL A 17 4.82 -12.60 44.46
C VAL A 17 5.69 -13.70 43.89
N LEU A 18 5.48 -13.98 42.62
CA LEU A 18 6.24 -14.98 41.87
C LEU A 18 7.02 -14.21 40.79
N VAL A 19 8.33 -14.40 40.74
CA VAL A 19 9.19 -13.74 39.76
C VAL A 19 9.78 -14.82 38.88
N ILE A 20 9.35 -14.86 37.62
CA ILE A 20 9.80 -15.87 36.68
C ILE A 20 11.04 -15.42 35.94
N LEU A 21 12.05 -16.28 35.91
CA LEU A 21 13.31 -15.97 35.24
C LEU A 21 13.45 -16.78 33.95
N LYS A 22 14.35 -16.36 33.06
CA LYS A 22 14.51 -17.05 31.78
C LYS A 22 15.35 -18.32 31.83
N LYS A 23 15.41 -18.96 32.99
CA LYS A 23 16.21 -20.17 33.10
C LYS A 23 15.47 -21.38 33.65
N GLY A 24 14.14 -21.31 33.65
CA GLY A 24 13.35 -22.40 34.20
C GLY A 24 13.27 -22.17 35.68
N PHE A 25 13.97 -21.12 36.12
CA PHE A 25 14.00 -20.75 37.51
C PHE A 25 12.95 -19.70 37.83
N GLU A 26 12.67 -19.54 39.12
CA GLU A 26 11.72 -18.56 39.59
C GLU A 26 12.02 -18.25 41.05
N PHE A 27 11.56 -17.08 41.49
CA PHE A 27 11.74 -16.65 42.85
C PHE A 27 10.35 -16.41 43.40
N ARG A 28 10.16 -16.75 44.67
CA ARG A 28 8.88 -16.52 45.32
C ARG A 28 9.16 -15.91 46.68
N GLY A 29 8.47 -14.82 46.99
CA GLY A 29 8.68 -14.17 48.26
C GLY A 29 7.76 -12.97 48.40
N ARG A 30 7.95 -12.18 49.46
CA ARG A 30 7.14 -11.00 49.69
C ARG A 30 7.82 -9.80 49.07
N LEU A 31 7.12 -9.15 48.15
CA LEU A 31 7.67 -7.97 47.48
C LEU A 31 7.69 -6.77 48.41
N ILE A 32 8.89 -6.28 48.73
CA ILE A 32 8.98 -5.13 49.62
C ILE A 32 9.49 -3.85 48.96
N GLY A 33 9.82 -3.94 47.67
CA GLY A 33 10.31 -2.77 46.97
C GLY A 33 10.56 -3.02 45.50
N TYR A 34 10.75 -1.94 44.75
CA TYR A 34 11.02 -2.07 43.33
C TYR A 34 11.41 -0.69 42.79
N ASP A 35 11.82 -0.64 41.53
CA ASP A 35 12.17 0.62 40.92
C ASP A 35 11.61 0.62 39.51
N ILE A 36 11.66 1.77 38.86
CA ILE A 36 11.11 1.90 37.52
C ILE A 36 11.70 0.93 36.50
N HIS A 37 12.86 0.35 36.80
CA HIS A 37 13.52 -0.61 35.90
C HIS A 37 12.99 -2.03 36.09
N LEU A 38 12.13 -2.22 37.08
CA LEU A 38 11.55 -3.53 37.39
C LEU A 38 12.52 -4.40 38.19
N ASN A 39 13.49 -3.77 38.82
CA ASN A 39 14.40 -4.49 39.71
C ASN A 39 13.45 -4.57 40.91
N VAL A 40 13.45 -5.69 41.62
CA VAL A 40 12.56 -5.84 42.77
C VAL A 40 13.31 -6.35 43.98
N VAL A 41 12.74 -6.12 45.16
CA VAL A 41 13.33 -6.58 46.41
C VAL A 41 12.34 -7.55 47.05
N LEU A 42 12.81 -8.74 47.41
CA LEU A 42 11.92 -9.72 48.04
C LEU A 42 12.40 -10.04 49.44
N ALA A 43 11.46 -10.32 50.33
CA ALA A 43 11.78 -10.70 51.71
C ALA A 43 11.30 -12.13 51.90
N ASP A 44 12.04 -12.92 52.68
CA ASP A 44 11.68 -14.31 52.92
C ASP A 44 11.38 -14.97 51.58
N ALA A 45 12.36 -14.99 50.70
CA ALA A 45 12.18 -15.55 49.37
C ALA A 45 12.81 -16.91 49.15
N GLU A 46 12.25 -17.63 48.19
CA GLU A 46 12.74 -18.96 47.83
C GLU A 46 13.12 -19.00 46.35
N MET A 47 14.23 -19.65 46.03
CA MET A 47 14.61 -19.79 44.64
C MET A 47 14.05 -21.16 44.29
N ILE A 48 13.34 -21.24 43.17
CA ILE A 48 12.73 -22.48 42.72
C ILE A 48 13.25 -22.91 41.36
N GLN A 49 13.43 -24.21 41.21
CA GLN A 49 13.92 -24.77 39.95
C GLN A 49 13.07 -25.99 39.64
N ASP A 50 12.34 -25.91 38.52
CA ASP A 50 11.48 -27.00 38.09
C ASP A 50 10.48 -27.38 39.18
N GLY A 51 9.95 -26.38 39.87
CA GLY A 51 8.97 -26.63 40.91
C GLY A 51 9.49 -27.04 42.28
N GLU A 52 10.79 -26.91 42.52
CA GLU A 52 11.36 -27.25 43.81
C GLU A 52 12.23 -26.15 44.38
N VAL A 53 12.20 -26.00 45.71
CA VAL A 53 12.99 -25.00 46.40
C VAL A 53 14.45 -25.42 46.45
N VAL A 54 15.32 -24.63 45.83
CA VAL A 54 16.74 -24.92 45.81
C VAL A 54 17.52 -24.09 46.82
N LYS A 55 16.92 -22.99 47.26
CA LYS A 55 17.57 -22.13 48.24
C LYS A 55 16.59 -21.08 48.75
N ARG A 56 16.92 -20.47 49.89
CA ARG A 56 16.07 -19.45 50.46
C ARG A 56 16.91 -18.24 50.87
N TYR A 57 16.29 -17.07 50.87
CA TYR A 57 16.99 -15.86 51.24
C TYR A 57 16.11 -14.96 52.12
N GLY A 58 16.69 -14.39 53.16
CA GLY A 58 15.95 -13.50 54.04
C GLY A 58 15.47 -12.26 53.29
N LYS A 59 16.34 -11.71 52.45
CA LYS A 59 16.02 -10.55 51.62
C LYS A 59 16.92 -10.62 50.40
N ILE A 60 16.40 -10.22 49.24
CA ILE A 60 17.19 -10.30 48.02
C ILE A 60 16.74 -9.29 46.95
N VAL A 61 17.71 -8.68 46.28
CA VAL A 61 17.41 -7.72 45.21
C VAL A 61 17.68 -8.42 43.88
N ILE A 62 16.65 -8.51 43.04
CA ILE A 62 16.73 -9.18 41.74
C ILE A 62 16.70 -8.13 40.62
N ARG A 63 17.68 -8.20 39.73
CA ARG A 63 17.75 -7.26 38.62
C ARG A 63 16.69 -7.56 37.57
N GLY A 64 15.91 -6.52 37.24
CA GLY A 64 14.84 -6.67 36.27
C GLY A 64 15.25 -7.24 34.92
N ASP A 65 16.48 -6.97 34.50
CA ASP A 65 16.93 -7.48 33.20
C ASP A 65 16.84 -9.00 33.04
N ASN A 66 16.85 -9.75 34.15
CA ASN A 66 16.79 -11.20 34.06
C ASN A 66 15.36 -11.72 34.23
N VAL A 67 14.43 -10.82 34.47
CA VAL A 67 13.04 -11.23 34.69
C VAL A 67 12.21 -11.38 33.44
N LEU A 68 11.44 -12.47 33.40
CA LEU A 68 10.52 -12.71 32.29
C LEU A 68 9.16 -12.16 32.67
N ALA A 69 8.72 -12.45 33.91
CA ALA A 69 7.42 -11.98 34.39
C ALA A 69 7.29 -11.97 35.90
N ILE A 70 6.26 -11.29 36.40
CA ILE A 70 6.00 -11.20 37.84
C ILE A 70 4.50 -11.36 38.05
N SER A 71 4.10 -12.26 38.95
CA SER A 71 2.69 -12.48 39.23
C SER A 71 2.37 -12.35 40.71
N PRO A 72 1.39 -11.48 41.05
CA PRO A 72 1.01 -11.28 42.45
C PRO A 72 0.36 -12.58 42.93
N THR A 73 0.66 -13.01 44.14
CA THR A 73 0.08 -14.24 44.69
C THR A 73 0.39 -15.30 43.64
N GLU B 3 -3.38 1.58 13.58
CA GLU B 3 -2.25 1.19 12.68
C GLU B 3 -1.01 0.73 13.46
N ARG B 4 -0.31 1.71 14.03
CA ARG B 4 0.92 1.48 14.78
C ARG B 4 0.84 0.40 15.86
N PRO B 5 1.98 -0.23 16.19
CA PRO B 5 2.03 -1.28 17.21
C PRO B 5 1.27 -0.90 18.47
N LEU B 6 1.51 0.32 18.93
CA LEU B 6 0.88 0.87 20.12
C LEU B 6 -0.64 0.89 20.02
N ASP B 7 -1.15 1.27 18.85
CA ASP B 7 -2.59 1.35 18.63
C ASP B 7 -3.28 0.00 18.79
N VAL B 8 -2.71 -1.03 18.17
CA VAL B 8 -3.28 -2.36 18.26
C VAL B 8 -3.39 -2.81 19.72
N ILE B 9 -2.36 -2.51 20.50
CA ILE B 9 -2.32 -2.89 21.90
C ILE B 9 -3.43 -2.21 22.67
N HIS B 10 -3.61 -0.91 22.42
CA HIS B 10 -4.65 -0.18 23.12
C HIS B 10 -6.02 -0.77 22.76
N ARG B 11 -6.20 -1.14 21.50
CA ARG B 11 -7.47 -1.72 21.05
C ARG B 11 -7.74 -3.07 21.71
N SER B 12 -6.67 -3.77 22.07
CA SER B 12 -6.82 -5.09 22.68
C SER B 12 -7.11 -5.10 24.16
N LEU B 13 -7.23 -3.92 24.78
CA LEU B 13 -7.55 -3.91 26.19
C LEU B 13 -8.81 -4.74 26.41
N ASP B 14 -8.91 -5.36 27.59
CA ASP B 14 -10.04 -6.21 27.96
C ASP B 14 -10.35 -7.36 27.01
N LYS B 15 -9.40 -7.72 26.14
CA LYS B 15 -9.59 -8.82 25.21
C LYS B 15 -8.52 -9.90 25.39
N ASP B 16 -8.70 -11.04 24.72
CA ASP B 16 -7.75 -12.14 24.82
C ASP B 16 -6.60 -11.95 23.82
N VAL B 17 -5.37 -12.15 24.30
CA VAL B 17 -4.19 -11.99 23.46
C VAL B 17 -3.18 -13.11 23.70
N LEU B 18 -2.29 -13.30 22.74
CA LEU B 18 -1.23 -14.29 22.80
C LEU B 18 0.12 -13.56 22.85
N VAL B 19 0.87 -13.74 23.93
CA VAL B 19 2.18 -13.13 24.08
C VAL B 19 3.23 -14.21 23.85
N ILE B 20 3.94 -14.10 22.73
CA ILE B 20 4.94 -15.08 22.34
C ILE B 20 6.38 -14.67 22.72
N LEU B 21 7.07 -15.54 23.46
CA LEU B 21 8.44 -15.27 23.88
C LEU B 21 9.52 -15.92 23.02
N LYS B 22 10.68 -15.27 22.94
CA LYS B 22 11.82 -15.75 22.14
C LYS B 22 12.37 -17.09 22.66
N LYS B 23 12.02 -17.44 23.89
CA LYS B 23 12.50 -18.68 24.49
C LYS B 23 11.85 -19.95 23.95
N GLY B 24 10.61 -19.84 23.48
CA GLY B 24 9.93 -21.02 22.95
C GLY B 24 8.52 -21.19 23.45
N PHE B 25 8.18 -20.57 24.58
CA PHE B 25 6.84 -20.69 25.11
C PHE B 25 5.98 -19.46 24.86
N GLU B 26 4.75 -19.49 25.37
CA GLU B 26 3.79 -18.41 25.19
C GLU B 26 2.92 -18.19 26.40
N PHE B 27 2.26 -17.04 26.41
CA PHE B 27 1.33 -16.69 27.46
C PHE B 27 0.03 -16.28 26.76
N ARG B 28 -1.10 -16.77 27.26
CA ARG B 28 -2.41 -16.42 26.72
C ARG B 28 -3.23 -15.90 27.89
N GLY B 29 -3.95 -14.80 27.67
CA GLY B 29 -4.76 -14.23 28.73
C GLY B 29 -5.48 -12.96 28.35
N ARG B 30 -6.13 -12.33 29.32
CA ARG B 30 -6.84 -11.09 29.07
C ARG B 30 -5.96 -9.88 29.38
N LEU B 31 -5.68 -9.09 28.35
CA LEU B 31 -4.86 -7.88 28.49
C LEU B 31 -5.64 -6.83 29.29
N ILE B 32 -5.07 -6.42 30.42
CA ILE B 32 -5.72 -5.41 31.25
C ILE B 32 -4.85 -4.18 31.44
N GLY B 33 -3.72 -4.14 30.73
CA GLY B 33 -2.82 -3.00 30.87
C GLY B 33 -1.53 -3.14 30.07
N TYR B 34 -0.78 -2.04 29.95
CA TYR B 34 0.48 -2.07 29.21
C TYR B 34 1.19 -0.74 29.39
N ASP B 35 2.43 -0.67 28.91
CA ASP B 35 3.20 0.56 28.97
C ASP B 35 3.96 0.73 27.66
N ILE B 36 4.64 1.86 27.52
CA ILE B 36 5.36 2.18 26.30
C ILE B 36 6.49 1.24 25.86
N HIS B 37 7.06 0.49 26.80
CA HIS B 37 8.16 -0.43 26.47
C HIS B 37 7.63 -1.78 26.05
N LEU B 38 6.30 -1.87 25.93
CA LEU B 38 5.60 -3.09 25.58
C LEU B 38 5.60 -4.14 26.71
N ASN B 39 5.71 -3.69 27.95
CA ASN B 39 5.59 -4.62 29.05
C ASN B 39 4.07 -4.76 29.05
N VAL B 40 3.55 -5.92 29.45
CA VAL B 40 2.10 -6.09 29.46
C VAL B 40 1.56 -6.75 30.75
N VAL B 41 0.27 -6.54 31.01
CA VAL B 41 -0.38 -7.14 32.17
C VAL B 41 -1.52 -7.99 31.63
N LEU B 42 -1.59 -9.25 32.05
CA LEU B 42 -2.66 -10.12 31.59
C LEU B 42 -3.41 -10.67 32.78
N ALA B 43 -4.69 -10.96 32.58
CA ALA B 43 -5.54 -11.52 33.63
C ALA B 43 -5.93 -12.94 33.22
N ASP B 44 -6.12 -13.82 34.22
CA ASP B 44 -6.48 -15.22 33.97
C ASP B 44 -5.68 -15.73 32.79
N ALA B 45 -4.35 -15.70 32.93
CA ALA B 45 -3.43 -16.12 31.90
C ALA B 45 -2.91 -17.55 32.08
N GLU B 46 -2.52 -18.15 30.97
CA GLU B 46 -1.97 -19.49 30.96
C GLU B 46 -0.61 -19.46 30.27
N MET B 47 0.34 -20.22 30.80
CA MET B 47 1.67 -20.30 30.19
C MET B 47 1.65 -21.58 29.35
N ILE B 48 2.05 -21.46 28.09
CA ILE B 48 2.04 -22.59 27.18
C ILE B 48 3.40 -22.97 26.63
N GLN B 49 3.82 -24.20 26.91
CA GLN B 49 5.08 -24.74 26.44
C GLN B 49 4.79 -26.01 25.67
N ASP B 50 5.34 -26.12 24.47
CA ASP B 50 5.11 -27.30 23.64
C ASP B 50 3.62 -27.47 23.36
N GLY B 51 2.91 -26.34 23.29
CA GLY B 51 1.49 -26.37 23.01
C GLY B 51 0.68 -26.95 24.15
N GLU B 52 1.27 -27.00 25.34
CA GLU B 52 0.58 -27.56 26.49
C GLU B 52 0.58 -26.55 27.64
N VAL B 53 -0.59 -26.28 28.19
CA VAL B 53 -0.70 -25.35 29.30
C VAL B 53 0.03 -25.95 30.50
N VAL B 54 0.99 -25.21 31.05
CA VAL B 54 1.75 -25.70 32.18
C VAL B 54 1.41 -24.98 33.48
N LYS B 55 0.91 -23.75 33.34
CA LYS B 55 0.55 -22.98 34.52
C LYS B 55 -0.51 -21.93 34.21
N ARG B 56 -1.18 -21.48 35.26
CA ARG B 56 -2.21 -20.47 35.15
C ARG B 56 -1.96 -19.40 36.20
N TYR B 57 -2.29 -18.15 35.86
CA TYR B 57 -2.09 -17.06 36.80
C TYR B 57 -3.33 -16.18 36.83
N GLY B 58 -3.59 -15.59 38.00
CA GLY B 58 -4.72 -14.71 38.14
C GLY B 58 -4.40 -13.39 37.47
N LYS B 59 -3.13 -13.00 37.58
CA LYS B 59 -2.62 -11.78 36.99
C LYS B 59 -1.11 -11.91 36.84
N ILE B 60 -0.56 -11.42 35.72
CA ILE B 60 0.87 -11.52 35.48
C ILE B 60 1.41 -10.42 34.59
N VAL B 61 2.45 -9.74 35.06
CA VAL B 61 3.09 -8.69 34.30
C VAL B 61 4.26 -9.33 33.54
N ILE B 62 4.26 -9.20 32.21
CA ILE B 62 5.31 -9.76 31.37
C ILE B 62 6.16 -8.63 30.81
N ARG B 63 7.48 -8.73 30.94
CA ARG B 63 8.39 -7.71 30.44
C ARG B 63 8.51 -7.78 28.92
N GLY B 64 8.39 -6.64 28.26
CA GLY B 64 8.45 -6.61 26.82
C GLY B 64 9.79 -6.99 26.20
N ASP B 65 10.88 -6.79 26.95
CA ASP B 65 12.21 -7.11 26.43
C ASP B 65 12.40 -8.54 25.96
N ASN B 66 11.58 -9.48 26.43
CA ASN B 66 11.72 -10.86 26.00
C ASN B 66 10.60 -11.27 25.04
N VAL B 67 9.70 -10.34 24.75
CA VAL B 67 8.59 -10.64 23.86
C VAL B 67 9.00 -10.65 22.40
N LEU B 68 8.58 -11.69 21.70
CA LEU B 68 8.85 -11.82 20.29
C LEU B 68 7.67 -11.16 19.54
N ALA B 69 6.46 -11.41 20.03
CA ALA B 69 5.24 -10.86 19.40
C ALA B 69 4.00 -10.94 20.27
N ILE B 70 3.00 -10.11 19.97
CA ILE B 70 1.74 -10.08 20.70
C ILE B 70 0.63 -10.16 19.66
N SER B 71 -0.35 -11.03 19.88
CA SER B 71 -1.44 -11.19 18.94
C SER B 71 -2.81 -11.31 19.60
N PRO B 72 -3.74 -10.42 19.24
CA PRO B 72 -5.08 -10.50 19.84
C PRO B 72 -5.79 -11.72 19.25
N THR B 73 -6.54 -12.44 20.06
CA THR B 73 -7.24 -13.63 19.58
C THR B 73 -8.29 -13.26 18.53
N GLU C 3 -30.26 -7.86 -2.21
CA GLU C 3 -29.54 -6.60 -1.88
C GLU C 3 -29.03 -5.89 -3.14
N ARG C 4 -28.71 -6.66 -4.16
CA ARG C 4 -28.18 -6.09 -5.39
C ARG C 4 -29.24 -5.33 -6.17
N PRO C 5 -28.80 -4.43 -7.04
CA PRO C 5 -29.70 -3.63 -7.86
C PRO C 5 -30.91 -4.39 -8.40
N LEU C 6 -30.66 -5.50 -9.08
CA LEU C 6 -31.75 -6.29 -9.63
C LEU C 6 -32.70 -6.92 -8.60
N ASP C 7 -32.18 -7.28 -7.44
CA ASP C 7 -33.03 -7.86 -6.39
C ASP C 7 -34.07 -6.82 -5.95
N VAL C 8 -33.59 -5.59 -5.75
CA VAL C 8 -34.44 -4.49 -5.32
C VAL C 8 -35.55 -4.24 -6.34
N ILE C 9 -35.17 -4.16 -7.60
CA ILE C 9 -36.14 -3.94 -8.66
C ILE C 9 -37.17 -5.07 -8.67
N HIS C 10 -36.69 -6.31 -8.52
CA HIS C 10 -37.57 -7.48 -8.52
C HIS C 10 -38.58 -7.43 -7.37
N ARG C 11 -38.13 -7.00 -6.21
CA ARG C 11 -38.98 -6.90 -5.03
C ARG C 11 -40.05 -5.80 -5.16
N SER C 12 -39.84 -4.90 -6.11
CA SER C 12 -40.77 -3.78 -6.29
C SER C 12 -41.86 -4.02 -7.32
N LEU C 13 -41.96 -5.23 -7.85
CA LEU C 13 -43.00 -5.50 -8.83
C LEU C 13 -44.35 -5.23 -8.15
N ASP C 14 -45.28 -4.67 -8.93
CA ASP C 14 -46.62 -4.32 -8.46
C ASP C 14 -46.63 -3.25 -7.37
N LYS C 15 -45.52 -2.53 -7.23
CA LYS C 15 -45.42 -1.47 -6.24
C LYS C 15 -45.09 -0.12 -6.90
N ASP C 16 -45.50 0.98 -6.27
CA ASP C 16 -45.22 2.31 -6.81
C ASP C 16 -43.71 2.59 -6.71
N VAL C 17 -43.16 3.14 -7.77
CA VAL C 17 -41.74 3.50 -7.78
C VAL C 17 -41.54 4.86 -8.42
N LEU C 18 -40.37 5.42 -8.17
CA LEU C 18 -39.95 6.69 -8.73
C LEU C 18 -38.77 6.41 -9.68
N VAL C 19 -38.86 6.83 -10.93
CA VAL C 19 -37.76 6.63 -11.88
C VAL C 19 -37.20 8.02 -12.19
N ILE C 20 -36.00 8.29 -11.68
CA ILE C 20 -35.32 9.56 -11.87
C ILE C 20 -34.46 9.54 -13.13
N LEU C 21 -34.70 10.48 -14.02
CA LEU C 21 -33.95 10.56 -15.27
C LEU C 21 -32.81 11.55 -15.14
N LYS C 22 -31.84 11.46 -16.04
CA LYS C 22 -30.67 12.34 -16.03
C LYS C 22 -31.01 13.80 -16.31
N LYS C 23 -32.16 14.28 -15.86
CA LYS C 23 -32.56 15.66 -16.13
C LYS C 23 -33.34 16.39 -15.02
N GLY C 24 -33.47 15.80 -13.84
CA GLY C 24 -34.25 16.46 -12.79
C GLY C 24 -35.68 16.36 -13.29
N PHE C 25 -35.85 15.31 -14.08
CA PHE C 25 -37.08 14.95 -14.75
C PHE C 25 -37.41 13.53 -14.25
N GLU C 26 -38.67 13.22 -13.98
CA GLU C 26 -38.98 11.89 -13.48
C GLU C 26 -40.31 11.25 -13.83
N PHE C 27 -40.39 9.95 -13.61
CA PHE C 27 -41.61 9.20 -13.86
C PHE C 27 -42.01 8.52 -12.56
N ARG C 28 -43.31 8.37 -12.34
CA ARG C 28 -43.80 7.67 -11.15
C ARG C 28 -44.92 6.78 -11.63
N GLY C 29 -44.94 5.55 -11.13
CA GLY C 29 -45.97 4.62 -11.54
C GLY C 29 -45.81 3.29 -10.84
N ARG C 30 -46.67 2.33 -11.19
CA ARG C 30 -46.58 1.02 -10.59
C ARG C 30 -45.67 0.15 -11.45
N LEU C 31 -44.64 -0.40 -10.84
CA LEU C 31 -43.71 -1.25 -11.61
C LEU C 31 -44.34 -2.60 -11.99
N ILE C 32 -44.44 -2.89 -13.30
CA ILE C 32 -45.01 -4.17 -13.69
C ILE C 32 -44.07 -5.10 -14.46
N GLY C 33 -42.88 -4.62 -14.83
CA GLY C 33 -41.95 -5.46 -15.56
C GLY C 33 -40.59 -4.79 -15.65
N TYR C 34 -39.57 -5.56 -16.02
CA TYR C 34 -38.23 -5.03 -16.13
C TYR C 34 -37.35 -6.08 -16.81
N ASP C 35 -36.16 -5.68 -17.20
CA ASP C 35 -35.22 -6.65 -17.77
C ASP C 35 -33.83 -6.38 -17.21
N ILE C 36 -32.87 -7.20 -17.61
CA ILE C 36 -31.51 -7.08 -17.12
C ILE C 36 -30.76 -5.80 -17.45
N HIS C 37 -31.26 -5.02 -18.40
CA HIS C 37 -30.61 -3.76 -18.79
C HIS C 37 -31.21 -2.62 -17.96
N LEU C 38 -32.12 -2.98 -17.07
CA LEU C 38 -32.83 -2.02 -16.23
C LEU C 38 -33.83 -1.18 -17.03
N ASN C 39 -34.31 -1.75 -18.13
CA ASN C 39 -35.38 -1.08 -18.89
C ASN C 39 -36.54 -1.45 -17.97
N VAL C 40 -37.48 -0.53 -17.75
CA VAL C 40 -38.60 -0.85 -16.86
C VAL C 40 -39.94 -0.52 -17.47
N VAL C 41 -40.99 -1.16 -16.94
CA VAL C 41 -42.34 -0.94 -17.44
C VAL C 41 -43.18 -0.47 -16.27
N LEU C 42 -43.87 0.66 -16.43
CA LEU C 42 -44.71 1.18 -15.37
C LEU C 42 -46.15 1.21 -15.87
N ALA C 43 -47.09 1.05 -14.94
CA ALA C 43 -48.53 1.10 -15.25
C ALA C 43 -49.08 2.34 -14.53
N ASP C 44 -50.11 2.95 -15.11
CA ASP C 44 -50.74 4.16 -14.55
C ASP C 44 -49.65 5.16 -14.20
N ALA C 45 -48.86 5.53 -15.19
CA ALA C 45 -47.74 6.43 -14.99
C ALA C 45 -48.00 7.91 -15.25
N GLU C 46 -47.14 8.73 -14.66
CA GLU C 46 -47.18 10.16 -14.85
C GLU C 46 -45.75 10.70 -14.96
N MET C 47 -45.55 11.63 -15.90
CA MET C 47 -44.26 12.26 -16.07
C MET C 47 -44.27 13.49 -15.19
N ILE C 48 -43.26 13.62 -14.33
CA ILE C 48 -43.16 14.75 -13.45
C ILE C 48 -42.01 15.66 -13.85
N GLN C 49 -42.30 16.96 -13.97
CA GLN C 49 -41.31 17.96 -14.36
C GLN C 49 -41.34 19.11 -13.37
N ASP C 50 -40.24 19.32 -12.66
CA ASP C 50 -40.15 20.39 -11.68
C ASP C 50 -41.30 20.31 -10.68
N GLY C 51 -41.64 19.10 -10.27
CA GLY C 51 -42.70 18.91 -9.30
C GLY C 51 -44.13 18.73 -9.79
N GLU C 52 -44.40 18.95 -11.09
CA GLU C 52 -45.76 18.80 -11.56
C GLU C 52 -45.99 17.76 -12.66
N VAL C 53 -47.22 17.24 -12.69
CA VAL C 53 -47.60 16.23 -13.68
C VAL C 53 -47.80 16.88 -15.04
N VAL C 54 -47.05 16.42 -16.04
CA VAL C 54 -47.18 17.01 -17.38
C VAL C 54 -47.66 16.01 -18.42
N LYS C 55 -47.73 14.74 -18.04
CA LYS C 55 -48.20 13.68 -18.93
C LYS C 55 -48.62 12.46 -18.09
N ARG C 56 -49.51 11.65 -18.65
CA ARG C 56 -49.96 10.45 -17.98
C ARG C 56 -50.00 9.34 -19.00
N TYR C 57 -49.72 8.13 -18.56
CA TYR C 57 -49.70 7.00 -19.47
C TYR C 57 -50.33 5.79 -18.80
N GLY C 58 -51.15 5.05 -19.55
CA GLY C 58 -51.74 3.86 -18.97
C GLY C 58 -50.61 2.88 -18.69
N LYS C 59 -49.65 2.84 -19.60
CA LYS C 59 -48.50 1.94 -19.48
C LYS C 59 -47.33 2.52 -20.27
N ILE C 60 -46.13 2.50 -19.69
CA ILE C 60 -44.99 3.06 -20.40
C ILE C 60 -43.69 2.25 -20.17
N VAL C 61 -42.96 2.03 -21.27
CA VAL C 61 -41.69 1.30 -21.23
C VAL C 61 -40.60 2.37 -21.26
N ILE C 62 -39.77 2.41 -20.22
CA ILE C 62 -38.69 3.38 -20.08
C ILE C 62 -37.33 2.69 -20.30
N ARG C 63 -36.49 3.23 -21.18
CA ARG C 63 -35.20 2.58 -21.40
C ARG C 63 -34.22 2.90 -20.28
N GLY C 64 -33.56 1.86 -19.77
CA GLY C 64 -32.61 2.07 -18.67
C GLY C 64 -31.42 3.00 -18.90
N ASP C 65 -30.98 3.13 -20.16
CA ASP C 65 -29.83 3.98 -20.45
C ASP C 65 -30.03 5.44 -20.06
N ASN C 66 -31.28 5.87 -19.94
CA ASN C 66 -31.60 7.24 -19.57
C ASN C 66 -31.81 7.40 -18.08
N VAL C 67 -31.83 6.29 -17.36
CA VAL C 67 -32.11 6.33 -15.92
C VAL C 67 -30.94 6.64 -15.01
N LEU C 68 -31.16 7.57 -14.08
CA LEU C 68 -30.14 7.92 -13.09
C LEU C 68 -30.34 7.00 -11.88
N ALA C 69 -31.60 6.89 -11.43
CA ALA C 69 -31.88 6.06 -10.27
C ALA C 69 -33.34 5.66 -10.22
N ILE C 70 -33.62 4.62 -9.43
CA ILE C 70 -34.99 4.14 -9.23
C ILE C 70 -35.17 3.93 -7.74
N SER C 71 -36.29 4.42 -7.22
CA SER C 71 -36.56 4.29 -5.79
C SER C 71 -37.95 3.75 -5.51
N PRO C 72 -38.03 2.65 -4.75
CA PRO C 72 -39.36 2.11 -4.44
C PRO C 72 -40.03 3.11 -3.50
N THR C 73 -41.32 3.38 -3.72
CA THR C 73 -42.02 4.35 -2.89
C THR C 73 -42.85 3.64 -1.82
N GLU D 3 -7.77 -4.29 -2.99
CA GLU D 3 -7.36 -2.92 -3.42
C GLU D 3 -8.07 -2.49 -4.72
N ARG D 4 -8.61 -3.46 -5.44
CA ARG D 4 -9.30 -3.16 -6.70
C ARG D 4 -10.63 -2.46 -6.44
N PRO D 5 -11.12 -1.72 -7.43
CA PRO D 5 -12.39 -1.00 -7.28
C PRO D 5 -13.52 -1.80 -6.62
N LEU D 6 -13.80 -3.01 -7.12
CA LEU D 6 -14.88 -3.82 -6.55
C LEU D 6 -14.59 -4.32 -5.14
N ASP D 7 -13.31 -4.45 -4.80
CA ASP D 7 -12.89 -4.89 -3.46
C ASP D 7 -13.28 -3.80 -2.47
N VAL D 8 -12.91 -2.57 -2.79
CA VAL D 8 -13.22 -1.42 -1.95
C VAL D 8 -14.73 -1.29 -1.80
N ILE D 9 -15.47 -1.41 -2.90
CA ILE D 9 -16.92 -1.33 -2.83
C ILE D 9 -17.47 -2.45 -1.94
N HIS D 10 -16.97 -3.67 -2.12
CA HIS D 10 -17.44 -4.78 -1.30
C HIS D 10 -17.23 -4.53 0.20
N ARG D 11 -16.07 -3.99 0.57
CA ARG D 11 -15.78 -3.74 1.97
C ARG D 11 -16.69 -2.67 2.58
N SER D 12 -17.35 -1.89 1.73
CA SER D 12 -18.22 -0.81 2.18
C SER D 12 -19.66 -1.22 2.45
N LEU D 13 -19.99 -2.49 2.23
CA LEU D 13 -21.35 -2.93 2.48
C LEU D 13 -21.76 -2.57 3.91
N ASP D 14 -23.02 -2.14 4.06
CA ASP D 14 -23.62 -1.73 5.32
C ASP D 14 -22.93 -0.53 5.96
N LYS D 15 -22.11 0.16 5.17
CA LYS D 15 -21.40 1.33 5.64
C LYS D 15 -21.76 2.56 4.81
N ASP D 16 -21.59 3.73 5.41
CA ASP D 16 -21.90 5.00 4.74
C ASP D 16 -20.98 5.30 3.57
N VAL D 17 -21.55 5.71 2.44
CA VAL D 17 -20.73 6.05 1.28
C VAL D 17 -21.22 7.33 0.64
N LEU D 18 -20.35 7.94 -0.16
CA LEU D 18 -20.69 9.13 -0.93
C LEU D 18 -20.61 8.72 -2.41
N VAL D 19 -21.69 8.93 -3.17
CA VAL D 19 -21.69 8.62 -4.60
C VAL D 19 -21.74 9.96 -5.34
N ILE D 20 -20.63 10.29 -5.98
CA ILE D 20 -20.51 11.55 -6.70
C ILE D 20 -20.94 11.42 -8.15
N LEU D 21 -21.85 12.29 -8.57
CA LEU D 21 -22.36 12.30 -9.93
C LEU D 21 -21.74 13.50 -10.64
N LYS D 22 -21.74 13.48 -11.95
CA LYS D 22 -21.20 14.59 -12.72
C LYS D 22 -22.30 15.67 -12.73
N LYS D 23 -22.19 16.65 -11.83
CA LYS D 23 -23.20 17.71 -11.75
C LYS D 23 -23.03 18.65 -10.56
N GLY D 24 -22.25 18.22 -9.57
CA GLY D 24 -22.10 19.01 -8.37
C GLY D 24 -23.11 18.36 -7.43
N PHE D 25 -23.76 17.34 -7.97
CA PHE D 25 -24.75 16.54 -7.25
C PHE D 25 -24.09 15.28 -6.73
N GLU D 26 -24.66 14.75 -5.66
CA GLU D 26 -24.16 13.52 -5.07
C GLU D 26 -25.26 12.89 -4.22
N PHE D 27 -25.04 11.63 -3.87
CA PHE D 27 -25.93 10.88 -3.00
C PHE D 27 -25.06 10.43 -1.84
N ARG D 28 -25.67 10.38 -0.65
CA ARG D 28 -24.97 9.92 0.56
C ARG D 28 -25.91 8.92 1.22
N GLY D 29 -25.41 7.76 1.59
CA GLY D 29 -26.29 6.78 2.22
C GLY D 29 -25.59 5.51 2.62
N ARG D 30 -26.34 4.53 3.12
CA ARG D 30 -25.73 3.27 3.54
C ARG D 30 -25.74 2.30 2.36
N LEU D 31 -24.56 1.84 1.99
CA LEU D 31 -24.45 0.90 0.87
C LEU D 31 -24.95 -0.48 1.25
N ILE D 32 -25.98 -0.96 0.56
CA ILE D 32 -26.51 -2.28 0.87
C ILE D 32 -26.41 -3.31 -0.25
N GLY D 33 -25.89 -2.90 -1.41
CA GLY D 33 -25.75 -3.83 -2.53
C GLY D 33 -25.11 -3.17 -3.74
N TYR D 34 -24.69 -3.97 -4.72
CA TYR D 34 -24.04 -3.44 -5.91
C TYR D 34 -23.84 -4.58 -6.90
N ASP D 35 -23.41 -4.26 -8.12
CA ASP D 35 -23.14 -5.29 -9.10
C ASP D 35 -21.85 -4.92 -9.87
N ILE D 36 -21.42 -5.81 -10.75
CA ILE D 36 -20.19 -5.59 -11.50
C ILE D 36 -20.12 -4.33 -12.33
N HIS D 37 -21.27 -3.77 -12.70
CA HIS D 37 -21.30 -2.54 -13.51
C HIS D 37 -21.21 -1.31 -12.65
N LEU D 38 -21.10 -1.51 -11.34
CA LEU D 38 -21.03 -0.42 -10.36
C LEU D 38 -22.39 0.29 -10.14
N ASN D 39 -23.48 -0.41 -10.43
CA ASN D 39 -24.81 0.11 -10.13
C ASN D 39 -24.79 -0.17 -8.62
N VAL D 40 -25.32 0.74 -7.81
CA VAL D 40 -25.30 0.49 -6.37
C VAL D 40 -26.64 0.77 -5.74
N VAL D 41 -26.86 0.18 -4.57
CA VAL D 41 -28.11 0.36 -3.85
C VAL D 41 -27.79 1.02 -2.51
N LEU D 42 -28.52 2.08 -2.18
CA LEU D 42 -28.30 2.79 -0.92
C LEU D 42 -29.61 2.79 -0.14
N ALA D 43 -29.49 2.70 1.18
CA ALA D 43 -30.66 2.73 2.05
C ALA D 43 -30.52 3.99 2.87
N ASP D 44 -31.63 4.57 3.31
CA ASP D 44 -31.57 5.81 4.11
C ASP D 44 -30.69 6.82 3.39
N ALA D 45 -31.04 7.10 2.13
CA ALA D 45 -30.26 8.01 1.29
C ALA D 45 -30.73 9.45 1.20
N GLU D 46 -29.80 10.32 0.83
CA GLU D 46 -30.03 11.75 0.68
C GLU D 46 -29.43 12.23 -0.64
N MET D 47 -30.17 13.03 -1.40
CA MET D 47 -29.63 13.60 -2.63
C MET D 47 -29.15 14.98 -2.25
N ILE D 48 -27.88 15.24 -2.53
CA ILE D 48 -27.28 16.51 -2.21
C ILE D 48 -26.98 17.32 -3.47
N GLN D 49 -27.33 18.59 -3.44
CA GLN D 49 -27.09 19.50 -4.55
C GLN D 49 -26.39 20.72 -3.97
N ASP D 50 -25.10 20.87 -4.27
CA ASP D 50 -24.30 21.98 -3.78
C ASP D 50 -24.20 21.99 -2.26
N GLY D 51 -23.91 20.83 -1.68
CA GLY D 51 -23.76 20.74 -0.24
C GLY D 51 -25.04 20.76 0.57
N GLU D 52 -26.19 20.79 -0.10
CA GLU D 52 -27.48 20.83 0.59
C GLU D 52 -28.40 19.66 0.21
N VAL D 53 -29.07 19.09 1.20
CA VAL D 53 -29.98 17.97 0.97
C VAL D 53 -31.24 18.45 0.26
N VAL D 54 -31.54 17.91 -0.91
CA VAL D 54 -32.75 18.33 -1.61
C VAL D 54 -33.80 17.25 -1.66
N LYS D 55 -33.44 16.04 -1.23
CA LYS D 55 -34.39 14.95 -1.20
C LYS D 55 -33.86 13.77 -0.40
N ARG D 56 -34.77 12.95 0.11
CA ARG D 56 -34.40 11.78 0.90
C ARG D 56 -35.11 10.57 0.33
N TYR D 57 -34.49 9.41 0.45
CA TYR D 57 -35.10 8.18 -0.04
C TYR D 57 -34.83 7.04 0.92
N GLY D 58 -35.81 6.17 1.11
CA GLY D 58 -35.62 5.04 1.99
C GLY D 58 -34.67 4.03 1.38
N LYS D 59 -34.81 3.81 0.09
CA LYS D 59 -33.93 2.87 -0.64
C LYS D 59 -33.84 3.36 -2.07
N ILE D 60 -32.64 3.37 -2.65
CA ILE D 60 -32.52 3.85 -4.02
C ILE D 60 -31.46 3.08 -4.81
N VAL D 61 -31.79 2.79 -6.06
CA VAL D 61 -30.84 2.06 -6.92
C VAL D 61 -30.30 3.12 -7.87
N ILE D 62 -28.99 3.32 -7.86
CA ILE D 62 -28.36 4.31 -8.73
C ILE D 62 -27.50 3.60 -9.80
N ARG D 63 -27.68 3.98 -11.06
CA ARG D 63 -26.92 3.33 -12.14
C ARG D 63 -25.49 3.84 -12.23
N GLY D 64 -24.54 2.90 -12.26
CA GLY D 64 -23.14 3.29 -12.31
C GLY D 64 -22.71 4.14 -13.49
N ASP D 65 -23.45 4.06 -14.58
CA ASP D 65 -23.08 4.83 -15.77
C ASP D 65 -23.03 6.33 -15.53
N ASN D 66 -23.77 6.80 -14.52
CA ASN D 66 -23.81 8.22 -14.19
C ASN D 66 -22.82 8.56 -13.08
N VAL D 67 -22.15 7.56 -12.54
CA VAL D 67 -21.25 7.78 -11.42
C VAL D 67 -19.83 8.25 -11.78
N LEU D 68 -19.37 9.30 -11.10
CA LEU D 68 -18.01 9.79 -11.30
C LEU D 68 -17.07 9.03 -10.36
N ALA D 69 -17.51 8.91 -9.11
CA ALA D 69 -16.69 8.23 -8.11
C ALA D 69 -17.55 7.85 -6.91
N ILE D 70 -17.03 6.96 -6.08
CA ILE D 70 -17.73 6.51 -4.87
C ILE D 70 -16.67 6.56 -3.78
N SER D 71 -17.00 7.15 -2.64
CA SER D 71 -16.03 7.26 -1.57
C SER D 71 -16.63 6.76 -0.25
N PRO D 72 -15.99 5.77 0.38
CA PRO D 72 -16.58 5.30 1.65
C PRO D 72 -16.35 6.39 2.71
N THR D 73 -17.37 6.72 3.48
CA THR D 73 -17.20 7.77 4.48
C THR D 73 -16.73 7.16 5.79
N GLU E 3 5.84 0.86 -23.57
CA GLU E 3 5.05 0.62 -22.32
C GLU E 3 3.57 0.94 -22.45
N ARG E 4 2.80 -0.13 -22.36
CA ARG E 4 1.36 -0.09 -22.51
C ARG E 4 0.68 0.70 -21.40
N PRO E 5 -0.43 1.36 -21.72
CA PRO E 5 -1.19 2.15 -20.75
C PRO E 5 -1.31 1.39 -19.45
N LEU E 6 -1.67 0.12 -19.54
CA LEU E 6 -1.83 -0.75 -18.37
C LEU E 6 -0.54 -1.01 -17.60
N ASP E 7 0.58 -1.01 -18.31
CA ASP E 7 1.90 -1.22 -17.70
C ASP E 7 2.25 -0.02 -16.84
N VAL E 8 2.02 1.18 -17.38
CA VAL E 8 2.31 2.41 -16.66
C VAL E 8 1.47 2.51 -15.38
N ILE E 9 0.17 2.21 -15.49
CA ILE E 9 -0.69 2.27 -14.32
C ILE E 9 -0.19 1.31 -13.24
N HIS E 10 0.13 0.09 -13.66
CA HIS E 10 0.61 -0.92 -12.71
C HIS E 10 1.83 -0.40 -11.95
N ARG E 11 2.76 0.19 -12.69
CA ARG E 11 4.00 0.73 -12.13
C ARG E 11 3.77 1.91 -11.17
N SER E 12 2.60 2.54 -11.26
CA SER E 12 2.30 3.67 -10.39
C SER E 12 1.63 3.24 -9.09
N LEU E 13 1.45 1.94 -8.88
CA LEU E 13 0.81 1.50 -7.64
C LEU E 13 1.58 2.02 -6.43
N ASP E 14 0.81 2.45 -5.44
CA ASP E 14 1.31 3.02 -4.17
C ASP E 14 2.04 4.34 -4.34
N LYS E 15 2.00 4.88 -5.55
CA LYS E 15 2.63 6.15 -5.85
C LYS E 15 1.57 7.24 -6.12
N ASP E 16 1.99 8.49 -6.05
CA ASP E 16 1.10 9.62 -6.29
C ASP E 16 0.79 9.76 -7.79
N VAL E 17 -0.47 10.02 -8.12
CA VAL E 17 -0.84 10.20 -9.51
C VAL E 17 -1.86 11.34 -9.66
N LEU E 18 -1.97 11.87 -10.88
CA LEU E 18 -2.93 12.91 -11.22
C LEU E 18 -3.98 12.27 -12.14
N VAL E 19 -5.26 12.35 -11.77
CA VAL E 19 -6.31 11.79 -12.61
C VAL E 19 -7.09 12.98 -13.16
N ILE E 20 -6.89 13.25 -14.45
CA ILE E 20 -7.52 14.36 -15.14
C ILE E 20 -8.89 13.98 -15.71
N LEU E 21 -9.90 14.77 -15.36
CA LEU E 21 -11.25 14.48 -15.81
C LEU E 21 -11.62 15.37 -16.99
N LYS E 22 -12.62 14.95 -17.77
CA LYS E 22 -13.08 15.74 -18.89
C LYS E 22 -13.84 16.94 -18.31
N LYS E 23 -13.17 17.79 -17.55
CA LYS E 23 -13.85 18.94 -16.94
C LYS E 23 -12.96 20.13 -16.62
N GLY E 24 -11.71 19.84 -16.25
CA GLY E 24 -10.78 20.89 -15.86
C GLY E 24 -10.49 20.50 -14.42
N PHE E 25 -11.34 19.61 -13.92
CA PHE E 25 -11.24 19.08 -12.58
C PHE E 25 -10.31 17.88 -12.58
N GLU E 26 -9.78 17.55 -11.43
CA GLU E 26 -8.91 16.41 -11.34
C GLU E 26 -8.84 15.92 -9.91
N PHE E 27 -8.35 14.70 -9.76
CA PHE E 27 -8.19 14.12 -8.45
C PHE E 27 -6.69 13.86 -8.37
N ARG E 28 -6.13 13.97 -7.18
CA ARG E 28 -4.71 13.71 -7.01
C ARG E 28 -4.66 12.85 -5.77
N GLY E 29 -3.88 11.78 -5.80
CA GLY E 29 -3.82 10.92 -4.62
C GLY E 29 -2.88 9.74 -4.80
N ARG E 30 -2.82 8.85 -3.81
CA ARG E 30 -1.94 7.68 -3.90
C ARG E 30 -2.74 6.57 -4.57
N LEU E 31 -2.22 6.05 -5.67
CA LEU E 31 -2.92 4.98 -6.38
C LEU E 31 -2.76 3.67 -5.62
N ILE E 32 -3.86 3.06 -5.21
CA ILE E 32 -3.77 1.80 -4.48
C ILE E 32 -4.38 0.60 -5.21
N GLY E 33 -5.06 0.84 -6.33
CA GLY E 33 -5.68 -0.25 -7.09
C GLY E 33 -6.33 0.23 -8.41
N TYR E 34 -6.65 -0.71 -9.30
CA TYR E 34 -7.27 -0.36 -10.58
C TYR E 34 -7.78 -1.62 -11.25
N ASP E 35 -8.51 -1.47 -12.35
CA ASP E 35 -8.95 -2.65 -13.08
C ASP E 35 -8.73 -2.43 -14.57
N ILE E 36 -9.00 -3.44 -15.37
CA ILE E 36 -8.76 -3.35 -16.80
C ILE E 36 -9.54 -2.22 -17.50
N HIS E 37 -10.63 -1.75 -16.89
CA HIS E 37 -11.43 -0.67 -17.49
C HIS E 37 -10.87 0.71 -17.15
N LEU E 38 -9.77 0.71 -16.42
CA LEU E 38 -9.13 1.92 -15.95
C LEU E 38 -9.96 2.63 -14.85
N ASN E 39 -10.74 1.87 -14.11
CA ASN E 39 -11.40 2.44 -12.95
C ASN E 39 -10.19 2.42 -12.02
N VAL E 40 -10.09 3.38 -11.12
CA VAL E 40 -8.94 3.43 -10.21
C VAL E 40 -9.37 3.77 -8.80
N VAL E 41 -8.56 3.33 -7.84
CA VAL E 41 -8.80 3.63 -6.44
C VAL E 41 -7.65 4.50 -5.94
N LEU E 42 -7.97 5.58 -5.23
CA LEU E 42 -6.94 6.47 -4.71
C LEU E 42 -7.10 6.55 -3.21
N ALA E 43 -5.98 6.79 -2.52
CA ALA E 43 -5.99 6.91 -1.05
C ALA E 43 -5.46 8.31 -0.69
N ASP E 44 -5.96 8.90 0.40
CA ASP E 44 -5.53 10.25 0.79
C ASP E 44 -5.67 11.12 -0.46
N ALA E 45 -6.87 11.14 -1.02
CA ALA E 45 -7.09 11.87 -2.26
C ALA E 45 -7.71 13.25 -2.10
N GLU E 46 -7.56 14.08 -3.12
CA GLU E 46 -8.12 15.42 -3.12
C GLU E 46 -8.69 15.76 -4.50
N MET E 47 -9.80 16.51 -4.52
CA MET E 47 -10.37 16.96 -5.78
C MET E 47 -9.80 18.36 -5.93
N ILE E 48 -9.25 18.63 -7.11
CA ILE E 48 -8.63 19.90 -7.39
C ILE E 48 -9.29 20.61 -8.57
N GLN E 49 -9.31 21.93 -8.50
CA GLN E 49 -9.83 22.75 -9.57
C GLN E 49 -8.87 23.93 -9.62
N ASP E 50 -8.21 24.09 -10.76
CA ASP E 50 -7.24 25.17 -10.96
C ASP E 50 -6.20 25.16 -9.86
N GLY E 51 -5.67 23.97 -9.56
CA GLY E 51 -4.64 23.84 -8.54
C GLY E 51 -5.07 24.06 -7.10
N GLU E 52 -6.36 24.21 -6.85
CA GLU E 52 -6.85 24.41 -5.50
C GLU E 52 -7.66 23.21 -5.02
N VAL E 53 -7.47 22.80 -3.77
CA VAL E 53 -8.19 21.67 -3.22
C VAL E 53 -9.62 22.08 -2.90
N VAL E 54 -10.57 21.32 -3.43
CA VAL E 54 -11.99 21.60 -3.20
C VAL E 54 -12.64 20.58 -2.27
N LYS E 55 -12.07 19.38 -2.18
CA LYS E 55 -12.59 18.34 -1.31
C LYS E 55 -11.48 17.31 -1.03
N ARG E 56 -11.62 16.55 0.05
CA ARG E 56 -10.64 15.52 0.40
C ARG E 56 -11.32 14.19 0.67
N TYR E 57 -10.60 13.11 0.38
CA TYR E 57 -11.16 11.77 0.59
C TYR E 57 -10.12 10.82 1.17
N GLY E 58 -10.53 10.00 2.15
CA GLY E 58 -9.61 9.02 2.70
C GLY E 58 -9.31 7.99 1.61
N LYS E 59 -10.35 7.57 0.90
CA LYS E 59 -10.23 6.59 -0.19
C LYS E 59 -11.35 6.88 -1.17
N ILE E 60 -11.07 6.71 -2.47
CA ILE E 60 -12.09 6.98 -3.47
C ILE E 60 -11.91 6.13 -4.73
N VAL E 61 -13.02 5.61 -5.23
CA VAL E 61 -13.01 4.80 -6.44
C VAL E 61 -13.50 5.74 -7.56
N ILE E 62 -12.68 5.93 -8.57
CA ILE E 62 -13.02 6.79 -9.72
C ILE E 62 -13.26 5.95 -10.97
N ARG E 63 -14.40 6.16 -11.63
CA ARG E 63 -14.72 5.40 -12.83
C ARG E 63 -13.94 5.85 -14.08
N GLY E 64 -13.28 4.91 -14.74
CA GLY E 64 -12.49 5.23 -15.91
C GLY E 64 -13.21 5.95 -17.05
N ASP E 65 -14.51 5.68 -17.19
CA ASP E 65 -15.26 6.30 -18.27
C ASP E 65 -15.22 7.82 -18.27
N ASN E 66 -14.96 8.44 -17.11
CA ASN E 66 -14.92 9.90 -17.03
C ASN E 66 -13.51 10.48 -17.08
N VAL E 67 -12.53 9.59 -17.20
CA VAL E 67 -11.14 9.99 -17.20
C VAL E 67 -10.58 10.38 -18.56
N LEU E 68 -9.94 11.54 -18.61
CA LEU E 68 -9.31 12.02 -19.82
C LEU E 68 -7.91 11.41 -19.88
N ALA E 69 -7.18 11.53 -18.77
CA ALA E 69 -5.83 11.02 -18.69
C ALA E 69 -5.38 10.79 -17.25
N ILE E 70 -4.29 10.05 -17.10
CA ILE E 70 -3.74 9.76 -15.79
C ILE E 70 -2.23 9.97 -15.93
N SER E 71 -1.66 10.78 -15.02
CA SER E 71 -0.22 11.06 -15.06
C SER E 71 0.43 10.75 -13.70
N PRO E 72 1.45 9.88 -13.69
CA PRO E 72 2.08 9.60 -12.40
C PRO E 72 2.97 10.79 -12.05
N THR E 73 2.98 11.22 -10.79
CA THR E 73 3.82 12.36 -10.42
C THR E 73 4.95 11.93 -9.49
N GLU F 3 -2.05 1.08 -45.06
CA GLU F 3 -1.59 1.62 -43.74
C GLU F 3 -2.75 1.75 -42.78
N ARG F 4 -3.01 0.70 -42.03
CA ARG F 4 -4.10 0.70 -41.07
C ARG F 4 -3.80 1.63 -39.89
N PRO F 5 -4.85 2.12 -39.21
CA PRO F 5 -4.69 3.01 -38.06
C PRO F 5 -3.62 2.51 -37.08
N LEU F 6 -3.74 1.25 -36.63
CA LEU F 6 -2.78 0.69 -35.68
C LEU F 6 -1.34 0.61 -36.22
N ASP F 7 -1.19 0.34 -37.50
CA ASP F 7 0.15 0.26 -38.10
C ASP F 7 0.84 1.61 -37.99
N VAL F 8 0.12 2.66 -38.31
CA VAL F 8 0.65 4.02 -38.23
C VAL F 8 1.04 4.37 -36.80
N ILE F 9 0.24 3.93 -35.84
CA ILE F 9 0.55 4.21 -34.44
C ILE F 9 1.81 3.45 -34.02
N HIS F 10 1.84 2.15 -34.25
CA HIS F 10 3.00 1.35 -33.89
C HIS F 10 4.32 1.95 -34.39
N ARG F 11 4.30 2.45 -35.62
CA ARG F 11 5.49 3.04 -36.22
C ARG F 11 5.91 4.37 -35.61
N SER F 12 5.00 5.00 -34.88
CA SER F 12 5.31 6.28 -34.25
C SER F 12 5.94 6.09 -32.88
N LEU F 13 6.08 4.84 -32.44
CA LEU F 13 6.69 4.59 -31.14
C LEU F 13 8.01 5.34 -31.06
N ASP F 14 8.28 5.90 -29.88
CA ASP F 14 9.49 6.66 -29.63
C ASP F 14 9.56 7.96 -30.42
N LYS F 15 8.52 8.28 -31.18
CA LYS F 15 8.52 9.51 -31.97
C LYS F 15 7.48 10.52 -31.49
N ASP F 16 7.64 11.76 -31.96
CA ASP F 16 6.75 12.85 -31.60
C ASP F 16 5.38 12.76 -32.30
N VAL F 17 4.30 12.91 -31.52
CA VAL F 17 2.95 12.87 -32.09
C VAL F 17 2.04 13.98 -31.52
N LEU F 18 0.96 14.26 -32.23
CA LEU F 18 -0.02 15.25 -31.81
C LEU F 18 -1.32 14.49 -31.55
N VAL F 19 -1.87 14.62 -30.33
CA VAL F 19 -3.12 13.94 -29.97
C VAL F 19 -4.17 15.03 -29.82
N ILE F 20 -5.09 15.07 -30.78
CA ILE F 20 -6.16 16.05 -30.82
C ILE F 20 -7.38 15.50 -30.07
N LEU F 21 -7.85 16.27 -29.09
CA LEU F 21 -9.01 15.85 -28.31
C LEU F 21 -10.28 16.53 -28.83
N LYS F 22 -11.42 15.88 -28.61
CA LYS F 22 -12.69 16.48 -29.04
C LYS F 22 -13.16 17.44 -27.96
N LYS F 23 -12.21 18.20 -27.43
CA LYS F 23 -12.48 19.17 -26.38
C LYS F 23 -11.98 20.57 -26.72
N GLY F 24 -11.28 20.70 -27.84
CA GLY F 24 -10.78 22.00 -28.24
C GLY F 24 -9.29 22.14 -28.01
N PHE F 25 -8.68 21.14 -27.38
CA PHE F 25 -7.25 21.19 -27.15
C PHE F 25 -6.52 19.93 -27.57
N GLU F 26 -5.22 19.90 -27.32
CA GLU F 26 -4.42 18.76 -27.72
C GLU F 26 -3.24 18.47 -26.79
N PHE F 27 -2.62 17.32 -27.00
CA PHE F 27 -1.46 16.91 -26.24
C PHE F 27 -0.38 16.67 -27.29
N ARG F 28 0.86 16.99 -26.95
CA ARG F 28 1.97 16.75 -27.85
C ARG F 28 3.09 16.18 -27.00
N GLY F 29 3.72 15.13 -27.51
CA GLY F 29 4.81 14.50 -26.77
C GLY F 29 5.33 13.28 -27.49
N ARG F 30 6.18 12.52 -26.82
CA ARG F 30 6.75 11.32 -27.42
C ARG F 30 5.92 10.11 -27.07
N LEU F 31 5.52 9.38 -28.10
CA LEU F 31 4.71 8.18 -27.96
C LEU F 31 5.52 6.99 -27.48
N ILE F 32 5.25 6.52 -26.26
CA ILE F 32 6.00 5.38 -25.74
C ILE F 32 5.17 4.11 -25.54
N GLY F 33 3.89 4.16 -25.89
CA GLY F 33 3.05 2.99 -25.73
C GLY F 33 1.63 3.23 -26.19
N TYR F 34 0.86 2.15 -26.34
CA TYR F 34 -0.53 2.27 -26.77
C TYR F 34 -1.20 0.91 -26.67
N ASP F 35 -2.51 0.87 -26.85
CA ASP F 35 -3.20 -0.41 -26.84
C ASP F 35 -4.22 -0.41 -27.96
N ILE F 36 -4.87 -1.54 -28.19
CA ILE F 36 -5.85 -1.63 -29.28
C ILE F 36 -7.05 -0.69 -29.17
N HIS F 37 -7.30 -0.12 -28.00
CA HIS F 37 -8.43 0.80 -27.84
C HIS F 37 -7.99 2.21 -28.21
N LEU F 38 -6.73 2.34 -28.57
CA LEU F 38 -6.13 3.61 -28.90
C LEU F 38 -5.88 4.50 -27.68
N ASN F 39 -5.75 3.87 -26.52
CA ASN F 39 -5.33 4.57 -25.31
C ASN F 39 -3.84 4.70 -25.65
N VAL F 40 -3.22 5.81 -25.27
CA VAL F 40 -1.81 6.03 -25.58
C VAL F 40 -1.04 6.58 -24.39
N VAL F 41 0.28 6.38 -24.41
CA VAL F 41 1.17 6.87 -23.37
C VAL F 41 2.14 7.85 -24.03
N LEU F 42 2.33 9.00 -23.41
CA LEU F 42 3.22 10.02 -23.97
C LEU F 42 4.23 10.39 -22.90
N ALA F 43 5.45 10.69 -23.32
CA ALA F 43 6.52 11.11 -22.41
C ALA F 43 6.87 12.54 -22.76
N ASP F 44 7.28 13.32 -21.76
CA ASP F 44 7.66 14.71 -21.98
C ASP F 44 6.53 15.38 -22.76
N ALA F 45 5.32 15.26 -22.23
CA ALA F 45 4.12 15.79 -22.88
C ALA F 45 3.76 17.23 -22.54
N GLU F 46 3.10 17.88 -23.49
CA GLU F 46 2.65 19.27 -23.37
C GLU F 46 1.16 19.40 -23.71
N MET F 47 0.35 19.93 -22.80
CA MET F 47 -1.05 20.14 -23.09
C MET F 47 -1.15 21.50 -23.75
N ILE F 48 -1.67 21.53 -24.97
CA ILE F 48 -1.79 22.76 -25.74
C ILE F 48 -3.24 23.20 -25.89
N GLN F 49 -3.49 24.48 -25.68
CA GLN F 49 -4.82 25.03 -25.81
C GLN F 49 -4.75 26.36 -26.55
N ASP F 50 -5.41 26.41 -27.70
CA ASP F 50 -5.42 27.61 -28.52
C ASP F 50 -3.99 27.97 -28.90
N GLY F 51 -3.18 26.95 -29.17
CA GLY F 51 -1.80 27.17 -29.56
C GLY F 51 -0.77 27.41 -28.47
N GLU F 52 -1.18 27.52 -27.22
CA GLU F 52 -0.22 27.75 -26.15
C GLU F 52 -0.10 26.56 -25.21
N VAL F 53 1.13 26.27 -24.78
CA VAL F 53 1.38 25.18 -23.85
C VAL F 53 0.89 25.64 -22.49
N VAL F 54 -0.12 24.97 -21.94
CA VAL F 54 -0.66 25.36 -20.65
C VAL F 54 -0.28 24.40 -19.52
N LYS F 55 0.21 23.23 -19.87
CA LYS F 55 0.62 22.25 -18.87
C LYS F 55 1.66 21.32 -19.49
N ARG F 56 2.53 20.77 -18.65
CA ARG F 56 3.56 19.84 -19.10
C ARG F 56 3.57 18.63 -18.21
N TYR F 57 3.81 17.46 -18.79
CA TYR F 57 3.81 16.21 -18.04
C TYR F 57 5.02 15.33 -18.35
N GLY F 58 5.59 14.72 -17.33
CA GLY F 58 6.73 13.84 -17.55
C GLY F 58 6.25 12.60 -18.31
N LYS F 59 5.14 12.03 -17.84
CA LYS F 59 4.53 10.86 -18.45
C LYS F 59 3.01 10.96 -18.28
N ILE F 60 2.26 10.61 -19.33
CA ILE F 60 0.79 10.68 -19.27
C ILE F 60 0.09 9.61 -20.12
N VAL F 61 -0.92 8.98 -19.54
CA VAL F 61 -1.70 7.95 -20.24
C VAL F 61 -3.01 8.65 -20.63
N ILE F 62 -3.30 8.72 -21.93
CA ILE F 62 -4.52 9.38 -22.45
C ILE F 62 -5.51 8.33 -22.96
N ARG F 63 -6.75 8.39 -22.48
CA ARG F 63 -7.77 7.42 -22.91
C ARG F 63 -8.27 7.73 -24.30
N GLY F 64 -8.26 6.72 -25.15
CA GLY F 64 -8.68 6.88 -26.53
C GLY F 64 -10.09 7.36 -26.78
N ASP F 65 -11.02 7.06 -25.86
CA ASP F 65 -12.41 7.50 -26.04
C ASP F 65 -12.54 9.02 -26.18
N ASN F 66 -11.57 9.80 -25.71
CA ASN F 66 -11.68 11.26 -25.84
C ASN F 66 -10.86 11.82 -27.00
N VAL F 67 -10.28 10.92 -27.77
CA VAL F 67 -9.43 11.36 -28.87
C VAL F 67 -10.14 11.55 -30.20
N LEU F 68 -9.89 12.67 -30.86
CA LEU F 68 -10.48 12.90 -32.17
C LEU F 68 -9.53 12.30 -33.22
N ALA F 69 -8.24 12.56 -33.04
CA ALA F 69 -7.22 12.07 -33.98
C ALA F 69 -5.79 12.10 -33.41
N ILE F 70 -4.90 11.36 -34.07
CA ILE F 70 -3.50 11.27 -33.69
C ILE F 70 -2.69 11.51 -34.96
N SER F 71 -1.76 12.45 -34.91
CA SER F 71 -0.96 12.72 -36.09
C SER F 71 0.53 12.67 -35.78
N PRO F 72 1.27 11.78 -36.46
CA PRO F 72 2.71 11.71 -36.18
C PRO F 72 3.33 12.98 -36.77
N THR F 73 3.93 13.80 -35.93
CA THR F 73 4.52 15.05 -36.41
C THR F 73 5.72 14.80 -37.32
N GLU G 3 -22.64 -2.81 -52.43
CA GLU G 3 -22.00 -1.55 -51.92
C GLU G 3 -22.22 -1.25 -50.43
N ARG G 4 -21.84 -2.16 -49.55
CA ARG G 4 -22.02 -1.86 -48.14
C ARG G 4 -20.95 -0.85 -47.74
N PRO G 5 -21.11 -0.21 -46.58
CA PRO G 5 -20.18 0.79 -46.05
C PRO G 5 -18.69 0.48 -46.23
N LEU G 6 -18.26 -0.69 -45.80
CA LEU G 6 -16.84 -1.05 -45.94
C LEU G 6 -16.36 -1.24 -47.37
N ASP G 7 -17.23 -1.70 -48.27
CA ASP G 7 -16.83 -1.89 -49.66
C ASP G 7 -16.48 -0.52 -50.24
N VAL G 8 -17.33 0.46 -49.96
CA VAL G 8 -17.15 1.83 -50.44
C VAL G 8 -15.85 2.44 -49.93
N ILE G 9 -15.57 2.24 -48.64
CA ILE G 9 -14.35 2.76 -48.04
C ILE G 9 -13.15 2.06 -48.69
N HIS G 10 -13.24 0.74 -48.85
CA HIS G 10 -12.14 0.00 -49.44
C HIS G 10 -11.80 0.56 -50.82
N ARG G 11 -12.83 0.76 -51.62
CA ARG G 11 -12.66 1.27 -52.98
C ARG G 11 -12.06 2.67 -53.03
N SER G 12 -12.16 3.39 -51.92
CA SER G 12 -11.63 4.75 -51.88
C SER G 12 -10.17 4.81 -51.47
N LEU G 13 -9.56 3.66 -51.24
CA LEU G 13 -8.15 3.65 -50.88
C LEU G 13 -7.37 4.46 -51.92
N ASP G 14 -6.44 5.27 -51.44
CA ASP G 14 -5.61 6.14 -52.26
C ASP G 14 -6.38 7.14 -53.10
N LYS G 15 -7.61 7.43 -52.67
CA LYS G 15 -8.47 8.42 -53.34
C LYS G 15 -8.76 9.56 -52.35
N ASP G 16 -9.17 10.71 -52.87
CA ASP G 16 -9.50 11.83 -52.00
C ASP G 16 -10.86 11.60 -51.36
N VAL G 17 -10.97 11.90 -50.06
CA VAL G 17 -12.23 11.73 -49.35
C VAL G 17 -12.51 12.90 -48.42
N LEU G 18 -13.79 13.08 -48.13
CA LEU G 18 -14.29 14.11 -47.23
C LEU G 18 -14.79 13.36 -45.96
N VAL G 19 -14.30 13.74 -44.79
CA VAL G 19 -14.74 13.09 -43.56
C VAL G 19 -15.48 14.19 -42.78
N ILE G 20 -16.78 14.00 -42.60
CA ILE G 20 -17.59 14.98 -41.90
C ILE G 20 -17.65 14.63 -40.41
N LEU G 21 -17.31 15.62 -39.58
CA LEU G 21 -17.33 15.48 -38.14
C LEU G 21 -18.54 16.21 -37.54
N LYS G 22 -18.71 16.10 -36.23
CA LYS G 22 -19.86 16.67 -35.52
C LYS G 22 -19.99 18.16 -35.18
N LYS G 23 -18.97 18.99 -35.41
CA LYS G 23 -19.11 20.39 -35.01
C LYS G 23 -18.95 21.42 -36.14
N GLY G 24 -19.38 21.05 -37.34
CA GLY G 24 -19.23 21.95 -38.45
C GLY G 24 -17.80 21.80 -38.93
N PHE G 25 -17.13 20.78 -38.40
CA PHE G 25 -15.75 20.47 -38.75
C PHE G 25 -15.68 19.31 -39.74
N GLU G 26 -14.60 19.26 -40.49
CA GLU G 26 -14.40 18.18 -41.45
C GLU G 26 -12.93 18.07 -41.78
N PHE G 27 -12.56 16.92 -42.32
CA PHE G 27 -11.21 16.63 -42.73
C PHE G 27 -11.30 16.25 -44.19
N ARG G 28 -10.31 16.63 -44.98
CA ARG G 28 -10.27 16.30 -46.40
C ARG G 28 -8.86 15.79 -46.62
N GLY G 29 -8.73 14.71 -47.37
CA GLY G 29 -7.40 14.19 -47.62
C GLY G 29 -7.49 12.91 -48.41
N ARG G 30 -6.34 12.29 -48.62
CA ARG G 30 -6.29 11.04 -49.37
C ARG G 30 -6.35 9.87 -48.39
N LEU G 31 -7.33 9.01 -48.58
CA LEU G 31 -7.50 7.85 -47.71
C LEU G 31 -6.41 6.81 -47.99
N ILE G 32 -5.62 6.43 -46.98
CA ILE G 32 -4.59 5.42 -47.17
C ILE G 32 -4.72 4.23 -46.24
N GLY G 33 -5.72 4.25 -45.35
CA GLY G 33 -5.92 3.14 -44.44
C GLY G 33 -7.21 3.27 -43.64
N TYR G 34 -7.70 2.16 -43.11
CA TYR G 34 -8.94 2.18 -42.33
C TYR G 34 -9.06 0.83 -41.62
N ASP G 35 -9.99 0.73 -40.67
CA ASP G 35 -10.21 -0.54 -40.01
C ASP G 35 -11.69 -0.77 -39.87
N ILE G 36 -12.08 -1.90 -39.28
CA ILE G 36 -13.48 -2.23 -39.16
C ILE G 36 -14.33 -1.27 -38.31
N HIS G 37 -13.69 -0.47 -37.47
CA HIS G 37 -14.41 0.48 -36.61
C HIS G 37 -14.61 1.80 -37.34
N LEU G 38 -14.13 1.84 -38.56
CA LEU G 38 -14.19 3.02 -39.38
C LEU G 38 -13.22 4.11 -38.91
N ASN G 39 -12.15 3.70 -38.26
CA ASN G 39 -11.08 4.63 -37.91
C ASN G 39 -10.47 4.73 -39.31
N VAL G 40 -9.96 5.90 -39.68
CA VAL G 40 -9.39 6.05 -41.02
C VAL G 40 -8.09 6.80 -40.93
N VAL G 41 -7.20 6.57 -41.91
CA VAL G 41 -5.92 7.25 -41.95
C VAL G 41 -5.92 8.10 -43.23
N LEU G 42 -5.52 9.36 -43.12
CA LEU G 42 -5.48 10.24 -44.29
C LEU G 42 -4.09 10.83 -44.46
N ALA G 43 -3.67 11.02 -45.70
CA ALA G 43 -2.38 11.62 -46.03
C ALA G 43 -2.66 12.98 -46.65
N ASP G 44 -1.75 13.93 -46.45
CA ASP G 44 -1.90 15.28 -47.00
C ASP G 44 -3.32 15.79 -46.69
N ALA G 45 -3.64 15.80 -45.41
CA ALA G 45 -4.96 16.19 -44.94
C ALA G 45 -5.09 17.65 -44.49
N GLU G 46 -6.32 18.15 -44.56
CA GLU G 46 -6.65 19.50 -44.13
C GLU G 46 -7.82 19.44 -43.17
N MET G 47 -7.73 20.17 -42.06
CA MET G 47 -8.84 20.23 -41.13
C MET G 47 -9.59 21.49 -41.53
N ILE G 48 -10.90 21.36 -41.77
CA ILE G 48 -11.72 22.48 -42.18
C ILE G 48 -12.82 22.84 -41.17
N GLN G 49 -12.88 24.12 -40.80
CA GLN G 49 -13.90 24.58 -39.87
C GLN G 49 -14.84 25.55 -40.57
N ASP G 50 -16.10 25.14 -40.70
CA ASP G 50 -17.09 25.96 -41.36
C ASP G 50 -16.58 26.45 -42.71
N GLY G 51 -16.08 25.52 -43.51
CA GLY G 51 -15.58 25.84 -44.85
C GLY G 51 -14.22 26.52 -44.93
N GLU G 52 -13.52 26.67 -43.82
CA GLU G 52 -12.21 27.32 -43.83
C GLU G 52 -11.10 26.37 -43.38
N VAL G 53 -10.02 26.32 -44.16
CA VAL G 53 -8.90 25.46 -43.82
C VAL G 53 -8.15 26.09 -42.65
N VAL G 54 -8.06 25.36 -41.54
CA VAL G 54 -7.38 25.87 -40.35
C VAL G 54 -6.11 25.12 -39.99
N LYS G 55 -5.97 23.89 -40.47
CA LYS G 55 -4.78 23.09 -40.18
C LYS G 55 -4.45 22.06 -41.28
N ARG G 56 -3.18 21.65 -41.33
CA ARG G 56 -2.73 20.67 -42.32
C ARG G 56 -1.88 19.60 -41.67
N TYR G 57 -2.03 18.35 -42.14
CA TYR G 57 -1.27 17.25 -41.59
C TYR G 57 -0.73 16.36 -42.69
N GLY G 58 0.52 15.95 -42.53
CA GLY G 58 1.11 15.06 -43.53
C GLY G 58 0.33 13.77 -43.47
N LYS G 59 0.08 13.30 -42.24
CA LYS G 59 -0.66 12.08 -42.02
C LYS G 59 -1.42 12.17 -40.70
N ILE G 60 -2.62 11.60 -40.68
CA ILE G 60 -3.43 11.68 -39.47
C ILE G 60 -4.39 10.49 -39.35
N VAL G 61 -4.53 9.96 -38.15
CA VAL G 61 -5.43 8.84 -37.90
C VAL G 61 -6.67 9.47 -37.24
N ILE G 62 -7.85 9.25 -37.80
CA ILE G 62 -9.10 9.82 -37.25
C ILE G 62 -9.97 8.70 -36.68
N ARG G 63 -10.36 8.83 -35.41
CA ARG G 63 -11.19 7.77 -34.80
C ARG G 63 -12.61 7.81 -35.36
N GLY G 64 -13.09 6.65 -35.80
CA GLY G 64 -14.43 6.57 -36.37
C GLY G 64 -15.56 7.01 -35.44
N ASP G 65 -15.39 6.87 -34.14
CA ASP G 65 -16.48 7.25 -33.21
C ASP G 65 -16.92 8.71 -33.34
N ASN G 66 -16.05 9.56 -33.87
CA ASN G 66 -16.42 10.97 -34.03
C ASN G 66 -16.93 11.29 -35.42
N VAL G 67 -16.92 10.29 -36.29
CA VAL G 67 -17.32 10.54 -37.66
C VAL G 67 -18.81 10.48 -37.93
N LEU G 68 -19.32 11.48 -38.63
CA LEU G 68 -20.72 11.48 -39.00
C LEU G 68 -20.89 10.79 -40.36
N ALA G 69 -19.97 11.08 -41.28
CA ALA G 69 -20.03 10.52 -42.62
C ALA G 69 -18.71 10.63 -43.39
N ILE G 70 -18.58 9.79 -44.42
CA ILE G 70 -17.40 9.77 -45.27
C ILE G 70 -17.89 9.74 -46.72
N SER G 71 -17.34 10.61 -47.55
CA SER G 71 -17.77 10.66 -48.95
C SER G 71 -16.57 10.74 -49.88
N PRO G 72 -16.42 9.76 -50.79
CA PRO G 72 -15.27 9.81 -51.71
C PRO G 72 -15.45 11.05 -52.60
N THR G 73 -14.37 11.75 -52.89
CA THR G 73 -14.51 12.93 -53.72
C THR G 73 -14.34 12.65 -55.21
N GLU H 3 -42.78 -5.98 -39.77
CA GLU H 3 -41.59 -5.64 -40.61
C GLU H 3 -40.49 -5.13 -39.69
N ARG H 4 -39.47 -5.94 -39.46
CA ARG H 4 -38.40 -5.53 -38.60
C ARG H 4 -37.56 -4.45 -39.25
N PRO H 5 -36.90 -3.62 -38.42
CA PRO H 5 -36.05 -2.53 -38.91
C PRO H 5 -35.17 -2.89 -40.11
N LEU H 6 -34.44 -4.00 -40.01
CA LEU H 6 -33.56 -4.40 -41.10
C LEU H 6 -34.31 -4.82 -42.37
N ASP H 7 -35.52 -5.36 -42.20
CA ASP H 7 -36.33 -5.79 -43.35
C ASP H 7 -36.70 -4.57 -44.18
N VAL H 8 -37.14 -3.52 -43.50
CA VAL H 8 -37.52 -2.27 -44.14
C VAL H 8 -36.33 -1.64 -44.85
N ILE H 9 -35.16 -1.65 -44.23
CA ILE H 9 -33.98 -1.06 -44.83
C ILE H 9 -33.56 -1.86 -46.05
N HIS H 10 -33.60 -3.18 -45.91
CA HIS H 10 -33.23 -4.04 -47.01
C HIS H 10 -34.16 -3.78 -48.19
N ARG H 11 -35.46 -3.70 -47.90
CA ARG H 11 -36.47 -3.48 -48.92
C ARG H 11 -36.28 -2.13 -49.61
N SER H 12 -35.58 -1.22 -48.94
CA SER H 12 -35.35 0.10 -49.50
C SER H 12 -34.14 0.23 -50.40
N LEU H 13 -33.44 -0.87 -50.68
CA LEU H 13 -32.28 -0.79 -51.57
C LEU H 13 -32.69 -0.28 -52.95
N ASP H 14 -31.91 0.66 -53.47
CA ASP H 14 -32.15 1.26 -54.79
C ASP H 14 -33.37 2.17 -54.77
N LYS H 15 -33.86 2.48 -53.57
CA LYS H 15 -35.00 3.37 -53.35
C LYS H 15 -34.52 4.65 -52.64
N ASP H 16 -35.35 5.69 -52.64
CA ASP H 16 -34.99 6.95 -52.01
C ASP H 16 -35.31 6.91 -50.52
N VAL H 17 -34.37 7.39 -49.70
CA VAL H 17 -34.59 7.39 -48.26
C VAL H 17 -34.17 8.70 -47.59
N LEU H 18 -34.80 8.97 -46.45
CA LEU H 18 -34.50 10.15 -45.65
C LEU H 18 -33.81 9.67 -44.37
N VAL H 19 -32.57 10.13 -44.15
CA VAL H 19 -31.81 9.74 -42.97
C VAL H 19 -31.72 10.96 -42.05
N ILE H 20 -32.43 10.90 -40.93
CA ILE H 20 -32.43 11.99 -39.98
C ILE H 20 -31.41 11.78 -38.89
N LEU H 21 -30.49 12.72 -38.72
CA LEU H 21 -29.48 12.62 -37.67
C LEU H 21 -29.93 13.35 -36.41
N LYS H 22 -29.36 12.96 -35.28
CA LYS H 22 -29.73 13.54 -33.99
C LYS H 22 -29.65 15.06 -33.86
N LYS H 23 -29.00 15.74 -34.80
CA LYS H 23 -28.86 17.20 -34.70
C LYS H 23 -29.70 18.07 -35.62
N GLY H 24 -30.92 17.65 -35.94
CA GLY H 24 -31.75 18.47 -36.79
C GLY H 24 -31.55 18.39 -38.29
N PHE H 25 -30.35 18.02 -38.75
CA PHE H 25 -30.17 17.93 -40.19
C PHE H 25 -30.38 16.53 -40.72
N GLU H 26 -30.53 16.43 -42.04
CA GLU H 26 -30.80 15.16 -42.69
C GLU H 26 -30.04 14.98 -43.99
N PHE H 27 -30.01 13.73 -44.46
CA PHE H 27 -29.39 13.39 -45.74
C PHE H 27 -30.49 12.67 -46.52
N ARG H 28 -30.52 12.91 -47.83
CA ARG H 28 -31.52 12.24 -48.65
C ARG H 28 -30.83 11.73 -49.91
N GLY H 29 -31.16 10.52 -50.32
CA GLY H 29 -30.53 9.97 -51.50
C GLY H 29 -31.00 8.56 -51.78
N ARG H 30 -30.35 7.91 -52.73
CA ARG H 30 -30.74 6.55 -53.07
C ARG H 30 -29.94 5.59 -52.19
N LEU H 31 -30.65 4.74 -51.45
CA LEU H 31 -29.96 3.76 -50.60
C LEU H 31 -29.33 2.66 -51.43
N ILE H 32 -28.01 2.53 -51.37
CA ILE H 32 -27.33 1.51 -52.14
C ILE H 32 -26.59 0.46 -51.29
N GLY H 33 -26.59 0.66 -49.98
CA GLY H 33 -25.89 -0.29 -49.12
C GLY H 33 -26.15 -0.02 -47.64
N TYR H 34 -25.87 -1.00 -46.81
CA TYR H 34 -26.07 -0.85 -45.37
C TYR H 34 -25.46 -2.02 -44.63
N ASP H 35 -25.32 -1.90 -43.33
CA ASP H 35 -24.81 -3.02 -42.54
C ASP H 35 -25.67 -3.21 -41.30
N ILE H 36 -25.36 -4.22 -40.51
CA ILE H 36 -26.12 -4.51 -39.30
C ILE H 36 -26.12 -3.40 -38.24
N HIS H 37 -25.14 -2.49 -38.30
CA HIS H 37 -25.04 -1.39 -37.34
C HIS H 37 -25.88 -0.22 -37.81
N LEU H 38 -26.50 -0.36 -38.97
CA LEU H 38 -27.30 0.71 -39.53
C LEU H 38 -26.44 1.84 -40.13
N ASN H 39 -25.21 1.53 -40.51
CA ASN H 39 -24.37 2.48 -41.21
C ASN H 39 -25.05 2.34 -42.59
N VAL H 40 -25.15 3.43 -43.33
CA VAL H 40 -25.79 3.38 -44.65
C VAL H 40 -24.98 4.09 -45.72
N VAL H 41 -25.20 3.68 -46.97
CA VAL H 41 -24.52 4.27 -48.13
C VAL H 41 -25.61 4.82 -49.05
N LEU H 42 -25.54 6.10 -49.37
CA LEU H 42 -26.51 6.74 -50.24
C LEU H 42 -25.81 7.25 -51.51
N ALA H 43 -26.49 7.13 -52.65
CA ALA H 43 -25.96 7.60 -53.93
C ALA H 43 -26.76 8.85 -54.31
N ASP H 44 -26.10 9.79 -54.99
CA ASP H 44 -26.75 11.05 -55.39
C ASP H 44 -27.50 11.63 -54.18
N ALA H 45 -26.76 11.85 -53.10
CA ALA H 45 -27.32 12.34 -51.85
C ALA H 45 -27.39 13.85 -51.67
N GLU H 46 -28.24 14.27 -50.73
CA GLU H 46 -28.42 15.69 -50.43
C GLU H 46 -28.47 15.98 -48.92
N MET H 47 -27.55 16.82 -48.43
CA MET H 47 -27.61 17.18 -47.01
C MET H 47 -28.66 18.28 -46.91
N ILE H 48 -29.58 18.14 -45.96
CA ILE H 48 -30.66 19.10 -45.78
C ILE H 48 -30.70 19.70 -44.36
N GLN H 49 -30.84 21.02 -44.28
CA GLN H 49 -30.93 21.70 -42.99
C GLN H 49 -32.11 22.65 -43.01
N ASP H 50 -33.08 22.42 -42.13
CA ASP H 50 -34.28 23.26 -42.05
C ASP H 50 -35.10 23.24 -43.35
N GLY H 51 -34.76 22.34 -44.26
CA GLY H 51 -35.48 22.27 -45.51
C GLY H 51 -34.71 22.80 -46.70
N GLU H 52 -33.44 23.13 -46.49
CA GLU H 52 -32.59 23.65 -47.55
C GLU H 52 -31.47 22.67 -47.91
N VAL H 53 -31.31 22.38 -49.19
CA VAL H 53 -30.25 21.49 -49.65
C VAL H 53 -28.95 22.29 -49.60
N VAL H 54 -27.96 21.82 -48.85
CA VAL H 54 -26.71 22.56 -48.75
C VAL H 54 -25.50 21.88 -49.40
N LYS H 55 -25.63 20.60 -49.72
CA LYS H 55 -24.53 19.87 -50.34
C LYS H 55 -25.05 18.67 -51.12
N ARG H 56 -24.26 18.23 -52.09
CA ARG H 56 -24.60 17.07 -52.89
C ARG H 56 -23.39 16.16 -52.90
N TYR H 57 -23.64 14.86 -52.96
CA TYR H 57 -22.54 13.89 -52.98
C TYR H 57 -22.80 12.79 -53.98
N GLY H 58 -21.76 12.34 -54.68
CA GLY H 58 -21.96 11.24 -55.62
C GLY H 58 -22.40 10.07 -54.75
N LYS H 59 -21.61 9.80 -53.72
CA LYS H 59 -21.88 8.73 -52.76
C LYS H 59 -21.45 9.19 -51.37
N ILE H 60 -22.09 8.66 -50.35
CA ILE H 60 -21.74 9.03 -48.97
C ILE H 60 -22.10 7.93 -47.99
N VAL H 61 -21.16 7.60 -47.11
CA VAL H 61 -21.36 6.57 -46.10
C VAL H 61 -21.67 7.32 -44.79
N ILE H 62 -22.83 7.03 -44.21
CA ILE H 62 -23.28 7.68 -42.99
C ILE H 62 -23.24 6.66 -41.84
N ARG H 63 -22.65 7.04 -40.71
CA ARG H 63 -22.57 6.10 -39.58
C ARG H 63 -23.89 6.00 -38.80
N GLY H 64 -24.34 4.78 -38.57
CA GLY H 64 -25.59 4.59 -37.87
C GLY H 64 -25.62 5.11 -36.43
N ASP H 65 -24.47 5.23 -35.78
CA ASP H 65 -24.47 5.71 -34.38
C ASP H 65 -25.04 7.11 -34.19
N ASN H 66 -25.04 7.90 -35.25
CA ASN H 66 -25.58 9.26 -35.14
C ASN H 66 -26.97 9.39 -35.75
N VAL H 67 -27.48 8.30 -36.28
CA VAL H 67 -28.80 8.33 -36.91
C VAL H 67 -29.96 8.26 -35.92
N LEU H 68 -30.92 9.17 -36.08
CA LEU H 68 -32.11 9.17 -35.25
C LEU H 68 -33.15 8.27 -35.93
N ALA H 69 -33.34 8.44 -37.24
CA ALA H 69 -34.33 7.62 -37.95
C ALA H 69 -34.07 7.57 -39.43
N ILE H 70 -34.68 6.59 -40.09
CA ILE H 70 -34.53 6.39 -41.54
C ILE H 70 -35.91 6.15 -42.10
N SER H 71 -36.30 6.92 -43.13
CA SER H 71 -37.63 6.76 -43.71
C SER H 71 -37.59 6.55 -45.21
N PRO H 72 -38.12 5.42 -45.71
CA PRO H 72 -38.11 5.22 -47.16
C PRO H 72 -39.15 6.26 -47.61
N THR H 73 -38.76 7.20 -48.46
CA THR H 73 -39.70 8.23 -48.89
C THR H 73 -40.87 7.68 -49.70
N GLU I 3 -44.92 -9.14 -19.15
CA GLU I 3 -44.77 -7.92 -18.30
C GLU I 3 -43.46 -7.20 -18.63
N ARG I 4 -42.51 -7.93 -19.20
CA ARG I 4 -41.23 -7.37 -19.55
C ARG I 4 -41.32 -6.35 -20.67
N PRO I 5 -40.32 -5.46 -20.79
CA PRO I 5 -40.30 -4.45 -21.82
C PRO I 5 -40.60 -4.97 -23.22
N LEU I 6 -39.94 -6.05 -23.64
CA LEU I 6 -40.19 -6.58 -24.97
C LEU I 6 -41.57 -7.21 -25.13
N ASP I 7 -42.14 -7.68 -24.02
CA ASP I 7 -43.47 -8.29 -24.06
C ASP I 7 -44.49 -7.23 -24.45
N VAL I 8 -44.43 -6.10 -23.78
CA VAL I 8 -45.32 -4.98 -24.03
C VAL I 8 -45.21 -4.50 -25.48
N ILE I 9 -43.99 -4.31 -25.95
CA ILE I 9 -43.79 -3.86 -27.32
C ILE I 9 -44.42 -4.85 -28.30
N HIS I 10 -44.16 -6.13 -28.06
CA HIS I 10 -44.69 -7.19 -28.90
C HIS I 10 -46.20 -7.12 -29.06
N ARG I 11 -46.92 -7.00 -27.95
CA ARG I 11 -48.36 -6.94 -28.03
C ARG I 11 -48.90 -5.60 -28.52
N SER I 12 -48.00 -4.67 -28.81
CA SER I 12 -48.43 -3.37 -29.32
C SER I 12 -48.36 -3.41 -30.84
N LEU I 13 -47.94 -4.55 -31.39
CA LEU I 13 -47.86 -4.68 -32.84
C LEU I 13 -49.21 -4.35 -33.48
N ASP I 14 -49.18 -3.53 -34.53
CA ASP I 14 -50.37 -3.08 -35.25
C ASP I 14 -51.24 -2.14 -34.41
N LYS I 15 -50.66 -1.67 -33.31
CA LYS I 15 -51.35 -0.74 -32.42
C LYS I 15 -50.62 0.61 -32.43
N ASP I 16 -51.36 1.66 -32.08
CA ASP I 16 -50.83 3.01 -32.03
C ASP I 16 -49.91 3.18 -30.83
N VAL I 17 -48.78 3.84 -31.01
CA VAL I 17 -47.87 4.05 -29.89
C VAL I 17 -47.22 5.43 -29.95
N LEU I 18 -46.72 5.88 -28.81
CA LEU I 18 -46.01 7.13 -28.74
C LEU I 18 -44.55 6.77 -28.45
N VAL I 19 -43.62 7.27 -29.27
CA VAL I 19 -42.20 7.02 -29.07
C VAL I 19 -41.58 8.33 -28.62
N ILE I 20 -41.23 8.40 -27.35
CA ILE I 20 -40.64 9.61 -26.78
C ILE I 20 -39.12 9.63 -26.95
N LEU I 21 -38.60 10.69 -27.59
CA LEU I 21 -37.17 10.82 -27.82
C LEU I 21 -36.50 11.63 -26.71
N LYS I 22 -35.22 11.38 -26.50
CA LYS I 22 -34.43 12.04 -25.46
C LYS I 22 -34.32 13.55 -25.61
N LYS I 23 -34.22 14.02 -26.85
CA LYS I 23 -34.06 15.45 -27.10
C LYS I 23 -35.21 16.32 -26.59
N GLY I 24 -36.43 15.99 -26.95
CA GLY I 24 -37.56 16.78 -26.48
C GLY I 24 -38.82 16.63 -27.32
N PHE I 25 -38.75 15.87 -28.40
CA PHE I 25 -39.91 15.65 -29.25
C PHE I 25 -40.35 14.20 -29.24
N GLU I 26 -41.33 13.88 -30.10
CA GLU I 26 -41.87 12.53 -30.16
C GLU I 26 -42.35 12.13 -31.53
N PHE I 27 -42.58 10.83 -31.70
CA PHE I 27 -43.10 10.27 -32.92
C PHE I 27 -44.33 9.49 -32.47
N ARG I 28 -45.35 9.47 -33.33
CA ARG I 28 -46.56 8.71 -33.03
C ARG I 28 -46.91 7.99 -34.29
N GLY I 29 -47.34 6.74 -34.17
CA GLY I 29 -47.69 5.99 -35.36
C GLY I 29 -48.07 4.58 -35.02
N ARG I 30 -48.36 3.78 -36.05
CA ARG I 30 -48.73 2.40 -35.80
C ARG I 30 -47.49 1.52 -35.79
N LEU I 31 -47.26 0.83 -34.68
CA LEU I 31 -46.10 -0.05 -34.60
C LEU I 31 -46.28 -1.25 -35.54
N ILE I 32 -45.32 -1.47 -36.43
CA ILE I 32 -45.42 -2.61 -37.34
C ILE I 32 -44.18 -3.51 -37.26
N GLY I 33 -43.23 -3.14 -36.41
CA GLY I 33 -42.01 -3.93 -36.27
C GLY I 33 -41.06 -3.40 -35.19
N TYR I 34 -40.15 -4.27 -34.75
CA TYR I 34 -39.19 -3.88 -33.72
C TYR I 34 -38.14 -4.98 -33.59
N ASP I 35 -37.05 -4.67 -32.88
CA ASP I 35 -36.00 -5.65 -32.65
C ASP I 35 -35.53 -5.59 -31.20
N ILE I 36 -34.65 -6.52 -30.83
CA ILE I 36 -34.13 -6.59 -29.46
C ILE I 36 -33.45 -5.33 -28.94
N HIS I 37 -32.98 -4.47 -29.83
CA HIS I 37 -32.31 -3.25 -29.39
C HIS I 37 -33.35 -2.16 -29.17
N LEU I 38 -34.61 -2.53 -29.38
CA LEU I 38 -35.72 -1.59 -29.25
C LEU I 38 -35.74 -0.54 -30.37
N ASN I 39 -35.17 -0.88 -31.51
CA ASN I 39 -35.25 -0.03 -32.70
C ASN I 39 -36.69 -0.34 -33.13
N VAL I 40 -37.44 0.64 -33.64
CA VAL I 40 -38.82 0.35 -34.02
C VAL I 40 -39.22 0.88 -35.38
N VAL I 41 -40.25 0.28 -35.97
CA VAL I 41 -40.74 0.70 -37.28
C VAL I 41 -42.19 1.13 -37.10
N LEU I 42 -42.49 2.33 -37.56
CA LEU I 42 -43.84 2.88 -37.45
C LEU I 42 -44.39 3.21 -38.83
N ALA I 43 -45.69 2.94 -39.02
CA ALA I 43 -46.37 3.25 -40.27
C ALA I 43 -47.33 4.41 -39.98
N ASP I 44 -47.56 5.27 -40.98
CA ASP I 44 -48.45 6.42 -40.82
C ASP I 44 -48.05 7.18 -39.57
N ALA I 45 -46.81 7.64 -39.56
CA ALA I 45 -46.27 8.35 -38.40
C ALA I 45 -46.23 9.87 -38.51
N GLU I 46 -46.20 10.50 -37.35
CA GLU I 46 -46.14 11.95 -37.26
C GLU I 46 -45.13 12.38 -36.20
N MET I 47 -44.24 13.29 -36.56
CA MET I 47 -43.27 13.81 -35.60
C MET I 47 -44.04 14.89 -34.86
N ILE I 48 -44.00 14.85 -33.54
CA ILE I 48 -44.71 15.82 -32.73
C ILE I 48 -43.74 16.64 -31.88
N GLN I 49 -44.03 17.93 -31.78
CA GLN I 49 -43.21 18.84 -30.99
C GLN I 49 -44.12 19.86 -30.36
N ASP I 50 -44.17 19.88 -29.02
CA ASP I 50 -45.02 20.79 -28.28
C ASP I 50 -46.48 20.61 -28.67
N GLY I 51 -46.92 19.36 -28.77
CA GLY I 51 -48.29 19.07 -29.12
C GLY I 51 -48.66 19.29 -30.58
N GLU I 52 -47.74 19.85 -31.36
CA GLU I 52 -47.99 20.12 -32.78
C GLU I 52 -47.36 19.11 -33.74
N VAL I 53 -48.19 18.57 -34.63
CA VAL I 53 -47.73 17.61 -35.63
C VAL I 53 -46.91 18.41 -36.63
N VAL I 54 -45.60 18.17 -36.66
CA VAL I 54 -44.72 18.89 -37.57
C VAL I 54 -44.45 18.19 -38.90
N LYS I 55 -44.28 16.87 -38.87
CA LYS I 55 -44.02 16.11 -40.08
C LYS I 55 -44.79 14.81 -40.05
N ARG I 56 -44.87 14.17 -41.21
CA ARG I 56 -45.57 12.90 -41.32
C ARG I 56 -44.77 11.98 -42.22
N TYR I 57 -44.79 10.69 -41.93
CA TYR I 57 -44.05 9.74 -42.72
C TYR I 57 -44.92 8.54 -42.98
N GLY I 58 -44.85 7.99 -44.18
CA GLY I 58 -45.62 6.80 -44.48
C GLY I 58 -45.05 5.65 -43.67
N LYS I 59 -43.73 5.67 -43.47
CA LYS I 59 -43.05 4.60 -42.72
C LYS I 59 -41.70 5.13 -42.23
N ILE I 60 -41.36 4.84 -40.98
CA ILE I 60 -40.09 5.32 -40.43
C ILE I 60 -39.47 4.30 -39.46
N VAL I 61 -38.15 4.15 -39.53
CA VAL I 61 -37.44 3.23 -38.64
C VAL I 61 -36.70 4.13 -37.66
N ILE I 62 -37.00 4.00 -36.38
CA ILE I 62 -36.41 4.82 -35.34
C ILE I 62 -35.37 3.99 -34.54
N ARG I 63 -34.19 4.55 -34.28
CA ARG I 63 -33.18 3.79 -33.52
C ARG I 63 -33.42 3.88 -32.02
N GLY I 64 -33.46 2.71 -31.36
CA GLY I 64 -33.69 2.69 -29.92
C GLY I 64 -32.75 3.50 -29.04
N ASP I 65 -31.52 3.71 -29.48
CA ASP I 65 -30.55 4.46 -28.67
C ASP I 65 -31.01 5.89 -28.36
N ASN I 66 -31.87 6.44 -29.21
CA ASN I 66 -32.36 7.80 -29.03
C ASN I 66 -33.65 7.83 -28.21
N VAL I 67 -34.20 6.66 -27.98
CA VAL I 67 -35.48 6.58 -27.29
C VAL I 67 -35.43 6.67 -25.79
N LEU I 68 -36.31 7.51 -25.26
CA LEU I 68 -36.43 7.68 -23.83
C LEU I 68 -37.49 6.66 -23.34
N ALA I 69 -38.59 6.55 -24.07
CA ALA I 69 -39.65 5.63 -23.68
C ALA I 69 -40.65 5.37 -24.80
N ILE I 70 -41.46 4.32 -24.65
CA ILE I 70 -42.47 3.98 -25.64
C ILE I 70 -43.73 3.64 -24.86
N SER I 71 -44.87 4.19 -25.29
CA SER I 71 -46.13 3.92 -24.60
C SER I 71 -47.29 3.59 -25.54
N PRO I 72 -47.92 2.43 -25.32
CA PRO I 72 -49.07 2.05 -26.16
C PRO I 72 -50.16 3.04 -25.76
N THR I 73 -50.63 3.84 -26.71
CA THR I 73 -51.64 4.85 -26.38
C THR I 73 -53.06 4.34 -26.15
N GLU J 3 -19.96 -11.44 -53.04
CA GLU J 3 -20.26 -12.89 -52.80
C GLU J 3 -20.00 -13.30 -51.36
N ARG J 4 -20.45 -12.48 -50.41
CA ARG J 4 -20.28 -12.76 -48.99
C ARG J 4 -21.23 -13.86 -48.53
N PRO J 5 -20.87 -14.58 -47.46
CA PRO J 5 -21.67 -15.68 -46.90
C PRO J 5 -23.16 -15.36 -46.77
N LEU J 6 -23.47 -14.25 -46.12
CA LEU J 6 -24.87 -13.86 -45.92
C LEU J 6 -25.57 -13.51 -47.22
N ASP J 7 -24.82 -13.02 -48.20
CA ASP J 7 -25.44 -12.69 -49.49
C ASP J 7 -25.95 -13.99 -50.08
N VAL J 8 -25.03 -14.93 -50.26
CA VAL J 8 -25.35 -16.25 -50.83
C VAL J 8 -26.52 -16.90 -50.12
N ILE J 9 -26.51 -16.89 -48.79
CA ILE J 9 -27.60 -17.48 -48.03
C ILE J 9 -28.89 -16.75 -48.37
N HIS J 10 -28.86 -15.43 -48.31
CA HIS J 10 -30.06 -14.62 -48.60
C HIS J 10 -30.61 -14.91 -50.00
N ARG J 11 -29.74 -15.01 -50.99
CA ARG J 11 -30.18 -15.27 -52.35
C ARG J 11 -30.63 -16.71 -52.55
N SER J 12 -30.58 -17.49 -51.47
CA SER J 12 -30.99 -18.88 -51.51
C SER J 12 -32.37 -19.08 -50.88
N LEU J 13 -32.96 -18.01 -50.38
CA LEU J 13 -34.30 -18.11 -49.77
C LEU J 13 -35.25 -18.80 -50.77
N ASP J 14 -36.11 -19.68 -50.26
CA ASP J 14 -37.09 -20.44 -51.04
C ASP J 14 -36.48 -21.34 -52.11
N LYS J 15 -35.18 -21.56 -52.02
CA LYS J 15 -34.47 -22.41 -52.98
C LYS J 15 -33.92 -23.63 -52.25
N ASP J 16 -33.69 -24.70 -52.99
CA ASP J 16 -33.17 -25.93 -52.40
C ASP J 16 -31.74 -25.76 -51.90
N VAL J 17 -31.52 -26.12 -50.63
CA VAL J 17 -30.18 -26.01 -50.07
C VAL J 17 -29.79 -27.28 -49.31
N LEU J 18 -28.49 -27.56 -49.32
CA LEU J 18 -27.94 -28.70 -48.60
C LEU J 18 -27.18 -28.16 -47.39
N VAL J 19 -27.54 -28.61 -46.19
CA VAL J 19 -26.87 -28.18 -44.97
C VAL J 19 -26.05 -29.35 -44.41
N ILE J 20 -24.72 -29.25 -44.53
CA ILE J 20 -23.85 -30.31 -44.04
C ILE J 20 -23.50 -30.05 -42.57
N LEU J 21 -23.84 -31.02 -41.73
CA LEU J 21 -23.61 -30.94 -40.30
C LEU J 21 -22.29 -31.54 -39.86
N LYS J 22 -21.91 -31.23 -38.63
CA LYS J 22 -20.67 -31.73 -38.03
C LYS J 22 -20.53 -33.24 -38.08
N LYS J 23 -21.57 -33.95 -37.65
CA LYS J 23 -21.56 -35.41 -37.58
C LYS J 23 -21.93 -36.19 -38.85
N GLY J 24 -21.41 -35.78 -40.00
CA GLY J 24 -21.72 -36.49 -41.23
C GLY J 24 -23.19 -36.37 -41.62
N PHE J 25 -23.98 -35.81 -40.70
CA PHE J 25 -25.40 -35.60 -40.95
C PHE J 25 -25.55 -34.53 -42.01
N GLU J 26 -26.67 -34.56 -42.71
CA GLU J 26 -26.96 -33.56 -43.73
C GLU J 26 -28.46 -33.38 -43.83
N PHE J 27 -28.87 -32.17 -44.12
CA PHE J 27 -30.29 -31.87 -44.30
C PHE J 27 -30.45 -31.20 -45.65
N ARG J 28 -31.48 -31.63 -46.38
CA ARG J 28 -31.81 -31.07 -47.69
C ARG J 28 -33.19 -30.50 -47.53
N GLY J 29 -33.40 -29.30 -48.06
CA GLY J 29 -34.73 -28.73 -47.93
C GLY J 29 -34.81 -27.36 -48.55
N ARG J 30 -35.97 -26.74 -48.41
CA ARG J 30 -36.17 -25.41 -48.96
C ARG J 30 -35.90 -24.37 -47.89
N LEU J 31 -34.84 -23.61 -48.10
CA LEU J 31 -34.47 -22.57 -47.15
C LEU J 31 -35.55 -21.51 -47.15
N ILE J 32 -36.22 -21.32 -46.02
CA ILE J 32 -37.26 -20.30 -45.94
C ILE J 32 -36.95 -19.19 -44.94
N GLY J 33 -35.80 -19.29 -44.27
CA GLY J 33 -35.42 -18.28 -43.28
C GLY J 33 -34.03 -18.51 -42.71
N TYR J 34 -33.52 -17.52 -41.98
CA TYR J 34 -32.18 -17.63 -41.41
C TYR J 34 -31.94 -16.39 -40.56
N ASP J 35 -30.91 -16.41 -39.73
CA ASP J 35 -30.59 -15.23 -38.95
C ASP J 35 -29.11 -14.97 -39.04
N ILE J 36 -28.64 -13.95 -38.33
CA ILE J 36 -27.25 -13.58 -38.36
C ILE J 36 -26.29 -14.65 -37.83
N HIS J 37 -26.78 -15.54 -36.98
CA HIS J 37 -25.92 -16.60 -36.41
C HIS J 37 -25.87 -17.82 -37.34
N LEU J 38 -26.46 -17.66 -38.51
CA LEU J 38 -26.53 -18.72 -39.51
C LEU J 38 -27.43 -19.87 -39.04
N ASN J 39 -28.37 -19.56 -38.15
CA ASN J 39 -29.34 -20.54 -37.71
C ASN J 39 -30.22 -20.51 -38.96
N VAL J 40 -30.85 -21.62 -39.31
CA VAL J 40 -31.67 -21.63 -40.51
C VAL J 40 -32.97 -22.39 -40.31
N VAL J 41 -33.89 -22.17 -41.24
CA VAL J 41 -35.19 -22.82 -41.19
C VAL J 41 -35.37 -23.53 -42.55
N LEU J 42 -35.66 -24.82 -42.52
CA LEU J 42 -35.88 -25.57 -43.74
C LEU J 42 -37.33 -26.03 -43.82
N ALA J 43 -37.87 -26.08 -45.04
CA ALA J 43 -39.24 -26.52 -45.25
C ALA J 43 -39.17 -27.83 -46.00
N ASP J 44 -40.07 -28.76 -45.68
CA ASP J 44 -40.07 -30.08 -46.34
C ASP J 44 -38.64 -30.61 -46.41
N ALA J 45 -38.00 -30.73 -45.25
CA ALA J 45 -36.62 -31.18 -45.20
C ALA J 45 -36.47 -32.70 -45.06
N GLU J 46 -35.29 -33.18 -45.44
CA GLU J 46 -34.98 -34.59 -45.35
C GLU J 46 -33.65 -34.80 -44.63
N MET J 47 -33.71 -35.42 -43.46
CA MET J 47 -32.48 -35.70 -42.73
C MET J 47 -31.86 -36.87 -43.48
N ILE J 48 -30.68 -36.65 -44.02
CA ILE J 48 -29.98 -37.66 -44.78
C ILE J 48 -28.80 -38.22 -43.99
N GLN J 49 -28.75 -39.54 -43.87
CA GLN J 49 -27.69 -40.21 -43.13
C GLN J 49 -26.95 -41.14 -44.08
N ASP J 50 -25.76 -40.71 -44.50
CA ASP J 50 -24.89 -41.43 -45.44
C ASP J 50 -25.67 -42.02 -46.63
N GLY J 51 -26.10 -41.12 -47.51
CA GLY J 51 -26.82 -41.51 -48.71
C GLY J 51 -28.23 -42.06 -48.55
N GLU J 52 -28.92 -41.67 -47.48
CA GLU J 52 -30.28 -42.17 -47.27
C GLU J 52 -31.13 -41.23 -46.44
N VAL J 53 -32.40 -41.12 -46.81
CA VAL J 53 -33.34 -40.27 -46.09
C VAL J 53 -33.89 -41.08 -44.94
N VAL J 54 -33.59 -40.67 -43.72
CA VAL J 54 -34.06 -41.38 -42.55
C VAL J 54 -35.13 -40.61 -41.82
N LYS J 55 -35.28 -39.34 -42.15
CA LYS J 55 -36.27 -38.52 -41.50
C LYS J 55 -36.75 -37.41 -42.43
N ARG J 56 -38.02 -37.06 -42.30
CA ARG J 56 -38.60 -36.00 -43.11
C ARG J 56 -39.21 -35.01 -42.14
N TYR J 57 -39.12 -33.72 -42.46
CA TYR J 57 -39.70 -32.71 -41.58
C TYR J 57 -40.42 -31.66 -42.41
N GLY J 58 -41.63 -31.31 -41.98
CA GLY J 58 -42.40 -30.31 -42.69
C GLY J 58 -41.74 -28.96 -42.52
N LYS J 59 -41.14 -28.75 -41.34
CA LYS J 59 -40.43 -27.51 -41.03
C LYS J 59 -39.47 -27.76 -39.86
N ILE J 60 -38.21 -27.35 -40.05
CA ILE J 60 -37.21 -27.57 -39.02
C ILE J 60 -36.23 -26.39 -38.86
N VAL J 61 -35.95 -26.03 -37.62
CA VAL J 61 -35.04 -24.94 -37.26
C VAL J 61 -33.72 -25.60 -36.84
N ILE J 62 -32.66 -25.35 -37.59
CA ILE J 62 -31.34 -25.91 -37.33
C ILE J 62 -30.40 -24.81 -36.82
N ARG J 63 -29.68 -25.10 -35.75
CA ARG J 63 -28.77 -24.09 -35.19
C ARG J 63 -27.46 -24.05 -35.94
N GLY J 64 -27.04 -22.84 -36.32
CA GLY J 64 -25.80 -22.69 -37.08
C GLY J 64 -24.56 -23.24 -36.40
N ASP J 65 -24.56 -23.27 -35.07
CA ASP J 65 -23.38 -23.76 -34.36
C ASP J 65 -22.97 -25.17 -34.78
N ASN J 66 -23.92 -25.97 -35.26
CA ASN J 66 -23.58 -27.32 -35.66
C ASN J 66 -23.41 -27.47 -37.16
N VAL J 67 -23.39 -26.35 -37.85
CA VAL J 67 -23.27 -26.36 -39.32
C VAL J 67 -21.84 -26.31 -39.80
N LEU J 68 -21.52 -27.16 -40.76
CA LEU J 68 -20.18 -27.20 -41.34
C LEU J 68 -20.18 -26.37 -42.61
N ALA J 69 -21.28 -26.44 -43.35
CA ALA J 69 -21.40 -25.70 -44.61
C ALA J 69 -22.79 -25.82 -45.19
N ILE J 70 -23.12 -24.86 -46.06
CA ILE J 70 -24.41 -24.84 -46.73
C ILE J 70 -24.16 -24.63 -48.22
N SER J 71 -24.79 -25.44 -49.05
CA SER J 71 -24.61 -25.35 -50.49
C SER J 71 -25.97 -25.28 -51.20
N PRO J 72 -26.13 -24.29 -52.10
CA PRO J 72 -27.40 -24.15 -52.83
C PRO J 72 -27.40 -25.21 -53.94
N THR J 73 -28.45 -26.02 -53.98
CA THR J 73 -28.58 -27.09 -54.97
C THR J 73 -28.46 -26.58 -56.41
N GLU K 3 1.38 -8.88 -43.50
CA GLU K 3 0.63 -10.04 -44.08
C GLU K 3 -0.36 -10.61 -43.09
N ARG K 4 -1.37 -9.82 -42.76
CA ARG K 4 -2.40 -10.22 -41.81
C ARG K 4 -3.28 -11.32 -42.40
N PRO K 5 -3.85 -12.19 -41.54
CA PRO K 5 -4.72 -13.29 -41.96
C PRO K 5 -5.77 -12.83 -42.96
N LEU K 6 -6.46 -11.74 -42.63
CA LEU K 6 -7.50 -11.18 -43.50
C LEU K 6 -6.97 -10.60 -44.81
N ASP K 7 -5.73 -10.09 -44.79
CA ASP K 7 -5.13 -9.52 -45.99
C ASP K 7 -4.85 -10.63 -47.00
N VAL K 8 -4.36 -11.76 -46.50
CA VAL K 8 -4.04 -12.91 -47.34
C VAL K 8 -5.30 -13.49 -47.96
N ILE K 9 -6.35 -13.61 -47.15
CA ILE K 9 -7.62 -14.16 -47.62
C ILE K 9 -8.19 -13.24 -48.68
N HIS K 10 -8.11 -11.94 -48.44
CA HIS K 10 -8.62 -10.96 -49.39
C HIS K 10 -7.89 -11.06 -50.74
N ARG K 11 -6.58 -11.22 -50.67
CA ARG K 11 -5.72 -11.34 -51.87
C ARG K 11 -6.02 -12.60 -52.68
N SER K 12 -6.68 -13.57 -52.06
CA SER K 12 -7.02 -14.82 -52.74
C SER K 12 -8.40 -14.81 -53.38
N LEU K 13 -9.06 -13.67 -53.36
CA LEU K 13 -10.38 -13.61 -53.97
C LEU K 13 -10.27 -14.01 -55.44
N ASP K 14 -11.16 -14.89 -55.88
CA ASP K 14 -11.19 -15.37 -57.26
C ASP K 14 -10.03 -16.30 -57.64
N LYS K 15 -9.30 -16.76 -56.64
CA LYS K 15 -8.18 -17.69 -56.86
C LYS K 15 -8.48 -18.99 -56.10
N ASP K 16 -7.82 -20.09 -56.49
CA ASP K 16 -8.07 -21.36 -55.83
C ASP K 16 -7.39 -21.46 -54.47
N VAL K 17 -8.11 -22.04 -53.52
CA VAL K 17 -7.60 -22.19 -52.17
C VAL K 17 -7.95 -23.55 -51.58
N LEU K 18 -7.11 -23.98 -50.63
CA LEU K 18 -7.32 -25.23 -49.91
C LEU K 18 -7.86 -24.81 -48.54
N VAL K 19 -8.94 -25.45 -48.10
CA VAL K 19 -9.56 -25.17 -46.81
C VAL K 19 -9.48 -26.47 -46.01
N ILE K 20 -8.50 -26.56 -45.13
CA ILE K 20 -8.29 -27.75 -44.30
C ILE K 20 -9.26 -27.73 -43.13
N LEU K 21 -10.04 -28.80 -43.01
CA LEU K 21 -11.04 -28.94 -41.94
C LEU K 21 -10.60 -29.81 -40.77
N LYS K 22 -11.28 -29.64 -39.64
CA LYS K 22 -11.01 -30.37 -38.40
C LYS K 22 -11.43 -31.84 -38.41
N LYS K 23 -11.73 -32.40 -39.58
CA LYS K 23 -12.18 -33.78 -39.62
C LYS K 23 -11.28 -34.69 -40.44
N GLY K 24 -10.21 -34.14 -41.00
CA GLY K 24 -9.33 -34.94 -41.83
C GLY K 24 -9.81 -34.71 -43.25
N PHE K 25 -10.88 -33.93 -43.36
CA PHE K 25 -11.47 -33.60 -44.64
C PHE K 25 -10.85 -32.28 -45.07
N GLU K 26 -11.33 -31.76 -46.19
CA GLU K 26 -10.84 -30.50 -46.72
C GLU K 26 -11.60 -30.16 -47.98
N PHE K 27 -11.70 -28.88 -48.27
CA PHE K 27 -12.38 -28.41 -49.46
C PHE K 27 -11.37 -27.71 -50.34
N ARG K 28 -11.58 -27.82 -51.64
CA ARG K 28 -10.74 -27.22 -52.66
C ARG K 28 -11.71 -26.46 -53.56
N GLY K 29 -11.36 -25.23 -53.95
CA GLY K 29 -12.24 -24.46 -54.80
C GLY K 29 -11.76 -23.04 -55.03
N ARG K 30 -12.56 -22.24 -55.71
CA ARG K 30 -12.19 -20.86 -56.00
C ARG K 30 -12.85 -19.92 -54.97
N LEU K 31 -12.03 -19.21 -54.21
CA LEU K 31 -12.54 -18.30 -53.19
C LEU K 31 -13.23 -17.12 -53.86
N ILE K 32 -14.53 -16.97 -53.61
CA ILE K 32 -15.30 -15.88 -54.20
C ILE K 32 -15.89 -14.93 -53.15
N GLY K 33 -15.70 -15.23 -51.88
CA GLY K 33 -16.23 -14.35 -50.84
C GLY K 33 -15.85 -14.82 -49.45
N TYR K 34 -16.00 -13.93 -48.47
CA TYR K 34 -15.67 -14.25 -47.08
C TYR K 34 -16.12 -13.13 -46.16
N ASP K 35 -16.09 -13.36 -44.85
CA ASP K 35 -16.43 -12.31 -43.91
C ASP K 35 -15.42 -12.32 -42.77
N ILE K 36 -15.60 -11.39 -41.83
CA ILE K 36 -14.70 -11.23 -40.69
C ILE K 36 -14.49 -12.45 -39.80
N HIS K 37 -15.42 -13.39 -39.81
CA HIS K 37 -15.30 -14.61 -38.99
C HIS K 37 -14.54 -15.71 -39.73
N LEU K 38 -14.12 -15.40 -40.95
CA LEU K 38 -13.40 -16.36 -41.78
C LEU K 38 -14.34 -17.44 -42.30
N ASN K 39 -15.62 -17.07 -42.42
CA ASN K 39 -16.56 -17.96 -43.04
C ASN K 39 -16.15 -17.64 -44.51
N VAL K 40 -16.13 -18.63 -45.38
CA VAL K 40 -15.74 -18.38 -46.77
C VAL K 40 -16.72 -19.03 -47.72
N VAL K 41 -16.71 -18.58 -48.98
CA VAL K 41 -17.59 -19.12 -50.00
C VAL K 41 -16.71 -19.57 -51.16
N LEU K 42 -16.84 -20.84 -51.56
CA LEU K 42 -16.06 -21.35 -52.67
C LEU K 42 -16.93 -21.65 -53.88
N ALA K 43 -16.33 -21.53 -55.06
CA ALA K 43 -17.00 -21.81 -56.32
C ALA K 43 -16.36 -23.06 -56.93
N ASP K 44 -17.19 -23.92 -57.53
CA ASP K 44 -16.70 -25.16 -58.13
C ASP K 44 -15.78 -25.85 -57.14
N ALA K 45 -16.34 -26.22 -55.99
CA ALA K 45 -15.56 -26.86 -54.94
C ALA K 45 -15.68 -28.37 -54.91
N GLU K 46 -14.61 -29.01 -54.44
CA GLU K 46 -14.56 -30.45 -54.32
C GLU K 46 -14.22 -30.80 -52.88
N MET K 47 -15.01 -31.68 -52.28
CA MET K 47 -14.73 -32.11 -50.93
C MET K 47 -13.70 -33.22 -51.09
N ILE K 48 -12.55 -33.07 -50.44
CA ILE K 48 -11.48 -34.04 -50.53
C ILE K 48 -11.36 -34.84 -49.23
N GLN K 49 -11.20 -36.15 -49.36
CA GLN K 49 -11.07 -37.02 -48.20
C GLN K 49 -9.92 -37.99 -48.46
N ASP K 50 -8.79 -37.73 -47.81
CA ASP K 50 -7.59 -38.55 -47.96
C ASP K 50 -7.02 -38.41 -49.36
N GLY K 51 -7.10 -37.21 -49.91
CA GLY K 51 -6.57 -36.96 -51.24
C GLY K 51 -7.44 -37.45 -52.37
N GLU K 52 -8.71 -37.73 -52.08
CA GLU K 52 -9.61 -38.23 -53.10
C GLU K 52 -10.98 -37.54 -53.09
N VAL K 53 -11.31 -36.90 -54.19
CA VAL K 53 -12.57 -36.19 -54.33
C VAL K 53 -13.74 -37.12 -54.04
N VAL K 54 -14.59 -36.75 -53.09
CA VAL K 54 -15.73 -37.56 -52.74
C VAL K 54 -17.04 -36.88 -53.09
N LYS K 55 -17.00 -35.56 -53.24
CA LYS K 55 -18.18 -34.77 -53.57
C LYS K 55 -17.79 -33.47 -54.25
N ARG K 56 -18.73 -32.90 -55.01
CA ARG K 56 -18.50 -31.64 -55.69
C ARG K 56 -19.66 -30.69 -55.51
N TYR K 57 -19.35 -29.39 -55.42
CA TYR K 57 -20.37 -28.38 -55.23
C TYR K 57 -20.15 -27.19 -56.14
N GLY K 58 -21.23 -26.71 -56.75
CA GLY K 58 -21.11 -25.57 -57.63
C GLY K 58 -20.81 -24.32 -56.80
N LYS K 59 -21.42 -24.26 -55.61
CA LYS K 59 -21.23 -23.14 -54.70
C LYS K 59 -21.44 -23.63 -53.27
N ILE K 60 -20.59 -23.19 -52.35
CA ILE K 60 -20.74 -23.65 -50.98
C ILE K 60 -20.19 -22.63 -49.96
N VAL K 61 -20.91 -22.47 -48.86
CA VAL K 61 -20.52 -21.56 -47.80
C VAL K 61 -20.02 -22.39 -46.62
N ILE K 62 -18.74 -22.23 -46.28
CA ILE K 62 -18.09 -22.98 -45.21
C ILE K 62 -17.93 -22.09 -43.95
N ARG K 63 -18.44 -22.56 -42.81
CA ARG K 63 -18.33 -21.78 -41.58
C ARG K 63 -16.91 -21.83 -41.03
N GLY K 64 -16.36 -20.64 -40.77
CA GLY K 64 -14.99 -20.53 -40.26
C GLY K 64 -14.71 -21.33 -39.01
N ASP K 65 -15.71 -21.49 -38.16
CA ASP K 65 -15.56 -22.23 -36.89
C ASP K 65 -14.99 -23.63 -37.06
N ASN K 66 -15.23 -24.24 -38.22
CA ASN K 66 -14.74 -25.59 -38.48
C ASN K 66 -13.40 -25.65 -39.20
N VAL K 67 -12.86 -24.49 -39.56
CA VAL K 67 -11.63 -24.43 -40.31
C VAL K 67 -10.32 -24.49 -39.51
N LEU K 68 -9.39 -25.31 -39.98
CA LEU K 68 -8.09 -25.41 -39.33
C LEU K 68 -7.16 -24.42 -40.01
N ALA K 69 -7.16 -24.44 -41.34
CA ALA K 69 -6.30 -23.53 -42.10
C ALA K 69 -6.85 -23.32 -43.50
N ILE K 70 -6.33 -22.29 -44.15
CA ILE K 70 -6.70 -21.97 -45.52
C ILE K 70 -5.40 -21.60 -46.23
N SER K 71 -5.12 -22.27 -47.34
CA SER K 71 -3.88 -22.01 -48.08
C SER K 71 -4.14 -21.69 -49.55
N PRO K 72 -3.60 -20.55 -50.02
CA PRO K 72 -3.77 -20.13 -51.41
C PRO K 72 -2.90 -21.04 -52.28
N THR K 73 -3.49 -21.71 -53.25
CA THR K 73 -2.75 -22.61 -54.11
C THR K 73 -1.89 -21.90 -55.16
N GLU L 3 7.22 -9.10 -23.23
CA GLU L 3 7.17 -10.44 -22.60
C GLU L 3 5.82 -11.14 -22.81
N ARG L 4 4.80 -10.35 -23.17
CA ARG L 4 3.45 -10.86 -23.38
C ARG L 4 3.35 -11.73 -24.64
N PRO L 5 2.33 -12.62 -24.69
CA PRO L 5 2.13 -13.49 -25.84
C PRO L 5 2.21 -12.76 -27.18
N LEU L 6 1.47 -11.65 -27.30
CA LEU L 6 1.49 -10.89 -28.54
C LEU L 6 2.87 -10.30 -28.84
N ASP L 7 3.61 -9.91 -27.82
CA ASP L 7 4.95 -9.34 -28.00
C ASP L 7 5.90 -10.39 -28.60
N VAL L 8 5.85 -11.60 -28.02
CA VAL L 8 6.69 -12.68 -28.49
C VAL L 8 6.38 -13.01 -29.94
N ILE L 9 5.08 -13.04 -30.28
CA ILE L 9 4.66 -13.33 -31.64
C ILE L 9 5.11 -12.24 -32.59
N HIS L 10 4.89 -10.99 -32.19
CA HIS L 10 5.30 -9.86 -33.01
C HIS L 10 6.79 -9.89 -33.32
N ARG L 11 7.61 -10.15 -32.29
CA ARG L 11 9.06 -10.20 -32.47
C ARG L 11 9.53 -11.38 -33.33
N SER L 12 8.63 -12.34 -33.57
CA SER L 12 8.98 -13.51 -34.37
C SER L 12 8.65 -13.30 -35.85
N LEU L 13 8.19 -12.10 -36.20
CA LEU L 13 7.86 -11.80 -37.59
C LEU L 13 9.10 -12.01 -38.47
N ASP L 14 8.90 -12.73 -39.58
CA ASP L 14 9.95 -13.03 -40.53
C ASP L 14 10.96 -14.05 -40.00
N LYS L 15 10.61 -14.71 -38.90
CA LYS L 15 11.46 -15.72 -38.29
C LYS L 15 10.73 -17.06 -38.32
N ASP L 16 11.45 -18.16 -38.14
CA ASP L 16 10.82 -19.48 -38.16
C ASP L 16 10.11 -19.76 -36.83
N VAL L 17 8.97 -20.44 -36.91
CA VAL L 17 8.21 -20.76 -35.71
C VAL L 17 7.55 -22.10 -35.88
N LEU L 18 7.22 -22.71 -34.75
CA LEU L 18 6.54 -23.99 -34.73
C LEU L 18 5.15 -23.73 -34.14
N VAL L 19 4.10 -24.13 -34.85
CA VAL L 19 2.73 -23.96 -34.38
C VAL L 19 2.18 -25.36 -34.10
N ILE L 20 2.00 -25.68 -32.82
CA ILE L 20 1.50 -26.99 -32.40
C ILE L 20 -0.01 -26.96 -32.28
N LEU L 21 -0.66 -27.89 -32.98
CA LEU L 21 -2.11 -27.95 -32.94
C LEU L 21 -2.67 -28.95 -31.91
N LYS L 22 -3.88 -28.69 -31.45
CA LYS L 22 -4.52 -29.54 -30.46
C LYS L 22 -5.09 -30.82 -31.09
N LYS L 23 -4.28 -31.46 -31.92
CA LYS L 23 -4.68 -32.71 -32.57
C LYS L 23 -3.53 -33.60 -32.99
N GLY L 24 -2.37 -33.42 -32.35
CA GLY L 24 -1.21 -34.25 -32.65
C GLY L 24 -0.19 -33.79 -33.67
N PHE L 25 -0.62 -33.00 -34.64
CA PHE L 25 0.32 -32.52 -35.65
C PHE L 25 0.72 -31.06 -35.44
N GLU L 26 1.67 -30.61 -36.24
CA GLU L 26 2.16 -29.25 -36.12
C GLU L 26 2.51 -28.66 -37.48
N PHE L 27 2.75 -27.36 -37.49
CA PHE L 27 3.17 -26.66 -38.70
C PHE L 27 4.43 -25.90 -38.34
N ARG L 28 5.34 -25.84 -39.29
CA ARG L 28 6.60 -25.14 -39.10
C ARG L 28 6.73 -24.23 -40.32
N GLY L 29 7.21 -23.01 -40.12
CA GLY L 29 7.33 -22.09 -41.24
C GLY L 29 7.76 -20.71 -40.80
N ARG L 30 7.87 -19.79 -41.75
CA ARG L 30 8.29 -18.43 -41.47
C ARG L 30 7.08 -17.55 -41.13
N LEU L 31 7.09 -16.95 -39.95
CA LEU L 31 5.94 -16.11 -39.56
C LEU L 31 5.98 -14.82 -40.35
N ILE L 32 4.89 -14.52 -41.06
CA ILE L 32 4.81 -13.30 -41.84
C ILE L 32 3.61 -12.43 -41.44
N GLY L 33 2.76 -12.95 -40.58
CA GLY L 33 1.61 -12.16 -40.16
C GLY L 33 0.81 -12.82 -39.08
N TYR L 34 -0.06 -12.06 -38.43
CA TYR L 34 -0.89 -12.59 -37.36
C TYR L 34 -1.92 -11.54 -37.01
N ASP L 35 -2.95 -11.93 -36.24
CA ASP L 35 -3.94 -10.97 -35.77
C ASP L 35 -4.14 -11.17 -34.27
N ILE L 36 -4.98 -10.35 -33.66
CA ILE L 36 -5.20 -10.42 -32.20
C ILE L 36 -5.81 -11.72 -31.69
N HIS L 37 -6.38 -12.52 -32.59
CA HIS L 37 -7.01 -13.79 -32.20
C HIS L 37 -5.97 -14.91 -32.22
N LEU L 38 -4.75 -14.56 -32.61
CA LEU L 38 -3.65 -15.51 -32.73
C LEU L 38 -3.79 -16.38 -33.97
N ASN L 39 -4.54 -15.89 -34.94
CA ASN L 39 -4.61 -16.58 -36.22
C ASN L 39 -3.23 -16.17 -36.73
N VAL L 40 -2.52 -17.05 -37.42
CA VAL L 40 -1.20 -16.70 -37.91
C VAL L 40 -1.03 -17.06 -39.37
N VAL L 41 -0.03 -16.48 -40.02
CA VAL L 41 0.24 -16.76 -41.43
C VAL L 41 1.70 -17.17 -41.55
N LEU L 42 1.91 -18.37 -42.11
CA LEU L 42 3.26 -18.88 -42.30
C LEU L 42 3.62 -18.94 -43.78
N ALA L 43 4.88 -18.67 -44.07
CA ALA L 43 5.39 -18.73 -45.45
C ALA L 43 6.27 -19.98 -45.56
N ASP L 44 6.21 -20.66 -46.70
CA ASP L 44 7.00 -21.87 -46.93
C ASP L 44 6.86 -22.78 -45.70
N ALA L 45 5.63 -23.18 -45.42
CA ALA L 45 5.33 -24.01 -44.26
C ALA L 45 5.32 -25.50 -44.57
N GLU L 46 5.49 -26.30 -43.53
CA GLU L 46 5.47 -27.73 -43.66
C GLU L 46 4.62 -28.33 -42.51
N MET L 47 3.77 -29.28 -42.86
CA MET L 47 2.95 -29.96 -41.87
C MET L 47 3.74 -31.18 -41.39
N ILE L 48 3.93 -31.26 -40.07
CA ILE L 48 4.69 -32.35 -39.48
C ILE L 48 3.81 -33.29 -38.64
N GLN L 49 3.78 -34.57 -39.03
CA GLN L 49 3.00 -35.57 -38.29
C GLN L 49 3.94 -36.66 -37.75
N ASP L 50 3.91 -36.88 -36.44
CA ASP L 50 4.75 -37.89 -35.81
C ASP L 50 6.23 -37.74 -36.22
N GLY L 51 6.68 -36.50 -36.37
CA GLY L 51 8.06 -36.24 -36.74
C GLY L 51 8.35 -36.22 -38.23
N GLU L 52 7.34 -36.44 -39.06
CA GLU L 52 7.53 -36.46 -40.51
C GLU L 52 6.78 -35.36 -41.26
N VAL L 53 7.48 -34.66 -42.15
CA VAL L 53 6.87 -33.62 -42.97
C VAL L 53 5.88 -34.32 -43.90
N VAL L 54 4.58 -34.06 -43.72
CA VAL L 54 3.57 -34.69 -44.55
C VAL L 54 3.12 -33.83 -45.72
N LYS L 55 3.40 -32.54 -45.64
CA LYS L 55 3.03 -31.62 -46.71
C LYS L 55 3.71 -30.27 -46.59
N ARG L 56 3.74 -29.54 -47.70
CA ARG L 56 4.34 -28.23 -47.76
C ARG L 56 3.35 -27.24 -48.37
N TYR L 57 3.40 -25.99 -47.93
CA TYR L 57 2.52 -24.97 -48.44
C TYR L 57 3.35 -23.70 -48.62
N GLY L 58 3.17 -23.03 -49.76
CA GLY L 58 3.91 -21.81 -49.99
C GLY L 58 3.51 -20.77 -48.96
N LYS L 59 2.21 -20.73 -48.67
CA LYS L 59 1.65 -19.79 -47.69
C LYS L 59 0.38 -20.38 -47.09
N ILE L 60 0.23 -20.27 -45.78
CA ILE L 60 -0.94 -20.83 -45.12
C ILE L 60 -1.38 -19.97 -43.93
N VAL L 61 -2.70 -19.85 -43.76
CA VAL L 61 -3.28 -19.07 -42.67
C VAL L 61 -3.85 -20.07 -41.67
N ILE L 62 -3.35 -20.07 -40.44
CA ILE L 62 -3.81 -21.02 -39.43
C ILE L 62 -4.69 -20.32 -38.39
N ARG L 63 -5.87 -20.87 -38.12
CA ARG L 63 -6.77 -20.25 -37.13
C ARG L 63 -6.34 -20.53 -35.70
N GLY L 64 -6.22 -19.45 -34.94
CA GLY L 64 -5.79 -19.54 -33.55
C GLY L 64 -6.60 -20.45 -32.67
N ASP L 65 -7.88 -20.62 -32.98
CA ASP L 65 -8.74 -21.47 -32.16
C ASP L 65 -8.31 -22.94 -32.05
N ASN L 66 -7.55 -23.44 -33.03
CA ASN L 66 -7.11 -24.83 -33.00
C ASN L 66 -5.66 -24.96 -32.54
N VAL L 67 -5.08 -23.85 -32.14
CA VAL L 67 -3.67 -23.83 -31.72
C VAL L 67 -3.46 -24.11 -30.24
N LEU L 68 -2.50 -25.00 -29.97
CA LEU L 68 -2.14 -25.34 -28.60
C LEU L 68 -1.01 -24.39 -28.18
N ALA L 69 0.00 -24.26 -29.03
CA ALA L 69 1.11 -23.40 -28.70
C ALA L 69 1.91 -22.99 -29.92
N ILE L 70 2.73 -21.96 -29.76
CA ILE L 70 3.59 -21.47 -30.83
C ILE L 70 4.95 -21.18 -30.22
N SER L 71 5.98 -21.77 -30.82
CA SER L 71 7.35 -21.58 -30.34
C SER L 71 8.26 -21.01 -31.41
N PRO L 72 8.87 -19.85 -31.13
CA PRO L 72 9.79 -19.26 -32.12
C PRO L 72 11.08 -20.07 -32.01
N THR L 73 11.39 -20.82 -33.06
CA THR L 73 12.58 -21.66 -33.09
C THR L 73 13.88 -20.89 -32.85
N GLU M 3 -4.91 -12.37 -4.48
CA GLU M 3 -5.31 -13.80 -4.32
C GLU M 3 -6.08 -14.28 -5.53
N ARG M 4 -6.39 -13.36 -6.44
CA ARG M 4 -7.13 -13.68 -7.64
C ARG M 4 -6.24 -14.47 -8.58
N PRO M 5 -6.83 -15.21 -9.53
CA PRO M 5 -6.02 -15.98 -10.47
C PRO M 5 -4.91 -15.17 -11.13
N LEU M 6 -5.24 -13.96 -11.58
CA LEU M 6 -4.24 -13.13 -12.24
C LEU M 6 -3.16 -12.63 -11.29
N ASP M 7 -3.49 -12.52 -10.01
CA ASP M 7 -2.55 -12.07 -8.99
C ASP M 7 -1.50 -13.17 -8.79
N VAL M 8 -1.95 -14.40 -8.74
CA VAL M 8 -1.05 -15.53 -8.57
C VAL M 8 -0.12 -15.64 -9.79
N ILE M 9 -0.70 -15.52 -10.97
CA ILE M 9 0.09 -15.63 -12.19
C ILE M 9 1.11 -14.49 -12.30
N HIS M 10 0.72 -13.29 -11.88
CA HIS M 10 1.63 -12.17 -11.95
C HIS M 10 2.79 -12.36 -10.97
N ARG M 11 2.46 -12.86 -9.79
CA ARG M 11 3.45 -13.10 -8.73
C ARG M 11 4.46 -14.16 -9.15
N SER M 12 4.06 -14.99 -10.11
CA SER M 12 4.93 -16.08 -10.58
C SER M 12 5.89 -15.71 -11.70
N LEU M 13 5.83 -14.46 -12.15
CA LEU M 13 6.73 -14.05 -13.22
C LEU M 13 8.17 -14.35 -12.81
N ASP M 14 8.95 -14.85 -13.78
CA ASP M 14 10.34 -15.21 -13.60
C ASP M 14 10.58 -16.36 -12.63
N LYS M 15 9.53 -17.12 -12.33
CA LYS M 15 9.61 -18.28 -11.44
C LYS M 15 9.13 -19.53 -12.20
N ASP M 16 9.53 -20.71 -11.73
CA ASP M 16 9.15 -21.97 -12.38
C ASP M 16 7.66 -22.28 -12.17
N VAL M 17 7.00 -22.76 -13.22
CA VAL M 17 5.58 -23.09 -13.12
C VAL M 17 5.25 -24.36 -13.87
N LEU M 18 4.14 -24.99 -13.47
CA LEU M 18 3.65 -26.19 -14.14
C LEU M 18 2.33 -25.78 -14.81
N VAL M 19 2.19 -26.06 -16.10
CA VAL M 19 0.98 -25.75 -16.85
C VAL M 19 0.37 -27.09 -17.25
N ILE M 20 -0.74 -27.42 -16.60
CA ILE M 20 -1.42 -28.68 -16.84
C ILE M 20 -2.44 -28.59 -17.98
N LEU M 21 -2.33 -29.53 -18.93
CA LEU M 21 -3.23 -29.61 -20.08
C LEU M 21 -4.02 -30.93 -19.99
N LYS M 22 -4.80 -31.25 -21.03
CA LYS M 22 -5.55 -32.50 -21.04
C LYS M 22 -4.64 -33.65 -21.53
N LYS M 23 -5.15 -34.88 -21.51
CA LYS M 23 -4.41 -36.05 -21.97
C LYS M 23 -3.26 -36.48 -21.04
N GLY M 24 -3.11 -35.78 -19.91
CA GLY M 24 -2.03 -36.11 -19.01
C GLY M 24 -0.77 -35.40 -19.51
N PHE M 25 -1.01 -34.36 -20.29
CA PHE M 25 0.02 -33.52 -20.89
C PHE M 25 0.30 -32.35 -19.95
N GLU M 26 1.56 -31.93 -19.87
CA GLU M 26 1.94 -30.79 -19.05
C GLU M 26 3.15 -30.06 -19.63
N PHE M 27 3.26 -28.78 -19.32
CA PHE M 27 4.41 -27.96 -19.72
C PHE M 27 4.99 -27.49 -18.40
N ARG M 28 6.31 -27.40 -18.36
CA ARG M 28 7.01 -26.93 -17.18
C ARG M 28 8.03 -25.93 -17.69
N GLY M 29 8.15 -24.80 -17.01
CA GLY M 29 9.09 -23.81 -17.46
C GLY M 29 9.04 -22.55 -16.63
N ARG M 30 9.88 -21.58 -16.99
CA ARG M 30 9.93 -20.33 -16.27
C ARG M 30 8.94 -19.37 -16.91
N LEU M 31 8.00 -18.89 -16.11
CA LEU M 31 6.98 -17.97 -16.63
C LEU M 31 7.60 -16.59 -16.87
N ILE M 32 7.49 -16.07 -18.09
CA ILE M 32 8.05 -14.75 -18.37
C ILE M 32 7.02 -13.76 -18.89
N GLY M 33 5.78 -14.21 -19.09
CA GLY M 33 4.76 -13.31 -19.60
C GLY M 33 3.39 -13.95 -19.62
N TYR M 34 2.35 -13.13 -19.79
CA TYR M 34 1.00 -13.67 -19.81
C TYR M 34 0.04 -12.55 -20.22
N ASP M 35 -1.19 -12.90 -20.56
CA ASP M 35 -2.19 -11.87 -20.87
C ASP M 35 -3.47 -12.20 -20.15
N ILE M 36 -4.46 -11.32 -20.26
CA ILE M 36 -5.74 -11.51 -19.57
C ILE M 36 -6.49 -12.81 -19.88
N HIS M 37 -6.20 -13.42 -21.02
CA HIS M 37 -6.87 -14.65 -21.44
C HIS M 37 -6.22 -15.90 -20.82
N LEU M 38 -5.15 -15.68 -20.08
CA LEU M 38 -4.39 -16.76 -19.46
C LEU M 38 -3.53 -17.49 -20.49
N ASN M 39 -3.21 -16.81 -21.59
CA ASN M 39 -2.27 -17.36 -22.56
C ASN M 39 -0.97 -17.05 -21.77
N VAL M 40 0.01 -17.94 -21.80
CA VAL M 40 1.24 -17.70 -21.04
C VAL M 40 2.48 -17.94 -21.89
N VAL M 41 3.61 -17.38 -21.45
CA VAL M 41 4.87 -17.53 -22.18
C VAL M 41 5.86 -18.18 -21.22
N LEU M 42 6.50 -19.27 -21.64
CA LEU M 42 7.47 -19.94 -20.79
C LEU M 42 8.83 -19.97 -21.45
N ALA M 43 9.89 -19.89 -20.64
CA ALA M 43 11.26 -19.96 -21.14
C ALA M 43 11.87 -21.27 -20.66
N ASP M 44 12.80 -21.80 -21.44
CA ASP M 44 13.48 -23.06 -21.12
C ASP M 44 12.41 -24.03 -20.63
N ALA M 45 11.46 -24.31 -21.51
CA ALA M 45 10.31 -25.16 -21.18
C ALA M 45 10.44 -26.59 -21.65
N GLU M 46 9.59 -27.44 -21.07
CA GLU M 46 9.55 -28.85 -21.39
C GLU M 46 8.10 -29.32 -21.49
N MET M 47 7.82 -30.13 -22.50
CA MET M 47 6.52 -30.75 -22.66
C MET M 47 6.72 -32.13 -22.04
N ILE M 48 5.91 -32.44 -21.03
CA ILE M 48 5.97 -33.71 -20.31
C ILE M 48 4.67 -34.50 -20.51
N GLN M 49 4.80 -35.80 -20.80
CA GLN M 49 3.64 -36.67 -20.99
C GLN M 49 3.83 -37.87 -20.07
N ASP M 50 2.90 -38.06 -19.14
CA ASP M 50 2.97 -39.18 -18.19
C ASP M 50 4.36 -39.31 -17.56
N GLY M 51 4.89 -38.20 -17.05
CA GLY M 51 6.20 -38.24 -16.42
C GLY M 51 7.37 -38.15 -17.38
N GLU M 52 7.17 -38.51 -18.65
CA GLU M 52 8.24 -38.47 -19.65
C GLU M 52 8.40 -37.13 -20.34
N VAL M 53 9.63 -36.61 -20.39
CA VAL M 53 9.87 -35.35 -21.08
C VAL M 53 9.89 -35.73 -22.56
N VAL M 54 9.00 -35.15 -23.35
CA VAL M 54 8.94 -35.46 -24.79
C VAL M 54 9.44 -34.38 -25.72
N LYS M 55 9.63 -33.17 -25.21
CA LYS M 55 10.11 -32.08 -26.04
C LYS M 55 10.57 -30.91 -25.20
N ARG M 56 11.55 -30.17 -25.71
CA ARG M 56 12.08 -29.00 -25.01
C ARG M 56 11.98 -27.78 -25.93
N TYR M 57 11.69 -26.63 -25.34
CA TYR M 57 11.61 -25.39 -26.12
C TYR M 57 12.32 -24.28 -25.37
N GLY M 58 13.02 -23.42 -26.10
CA GLY M 58 13.71 -22.31 -25.47
C GLY M 58 12.70 -21.28 -25.00
N LYS M 59 11.67 -21.09 -25.81
CA LYS M 59 10.59 -20.15 -25.51
C LYS M 59 9.31 -20.68 -26.16
N ILE M 60 8.21 -20.64 -25.41
CA ILE M 60 6.95 -21.13 -25.94
C ILE M 60 5.74 -20.31 -25.43
N VAL M 61 4.82 -20.03 -26.34
CA VAL M 61 3.61 -19.28 -26.04
C VAL M 61 2.46 -20.30 -26.03
N ILE M 62 1.82 -20.48 -24.88
CA ILE M 62 0.75 -21.46 -24.75
C ILE M 62 -0.61 -20.76 -24.65
N ARG M 63 -1.58 -21.16 -25.47
CA ARG M 63 -2.92 -20.54 -25.39
C ARG M 63 -3.71 -21.01 -24.18
N GLY M 64 -4.25 -20.06 -23.43
CA GLY M 64 -5.00 -20.41 -22.23
C GLY M 64 -6.20 -21.32 -22.43
N ASP M 65 -6.81 -21.27 -23.60
CA ASP M 65 -7.98 -22.09 -23.89
C ASP M 65 -7.75 -23.59 -23.73
N ASN M 66 -6.48 -24.00 -23.77
CA ASN M 66 -6.15 -25.42 -23.64
C ASN M 66 -5.71 -25.77 -22.22
N VAL M 67 -5.57 -24.76 -21.37
CA VAL M 67 -5.08 -24.97 -20.02
C VAL M 67 -6.10 -25.43 -18.99
N LEU M 68 -5.72 -26.47 -18.24
CA LEU M 68 -6.57 -26.98 -17.17
C LEU M 68 -6.22 -26.24 -15.87
N ALA M 69 -4.92 -26.05 -15.62
CA ALA M 69 -4.46 -25.37 -14.42
C ALA M 69 -3.00 -24.92 -14.51
N ILE M 70 -2.61 -24.04 -13.60
CA ILE M 70 -1.23 -23.54 -13.54
C ILE M 70 -0.80 -23.47 -12.09
N SER M 71 0.39 -24.00 -11.81
CA SER M 71 0.87 -24.00 -10.44
C SER M 71 2.31 -23.53 -10.32
N PRO M 72 2.55 -22.52 -9.49
CA PRO M 72 3.95 -22.08 -9.35
C PRO M 72 4.65 -23.20 -8.58
N THR M 73 5.79 -23.66 -9.10
CA THR M 73 6.52 -24.74 -8.45
C THR M 73 7.40 -24.24 -7.30
N GLU N 3 -26.89 -16.81 -1.88
CA GLU N 3 -27.53 -17.99 -2.53
C GLU N 3 -26.98 -18.20 -3.94
N ARG N 4 -26.59 -17.12 -4.60
CA ARG N 4 -26.06 -17.18 -5.95
C ARG N 4 -24.72 -17.93 -5.99
N PRO N 5 -24.40 -18.53 -7.14
CA PRO N 5 -23.14 -19.27 -7.34
C PRO N 5 -21.94 -18.47 -6.84
N LEU N 6 -21.87 -17.19 -7.21
CA LEU N 6 -20.78 -16.34 -6.77
C LEU N 6 -20.79 -16.14 -5.26
N ASP N 7 -21.98 -16.00 -4.69
CA ASP N 7 -22.13 -15.82 -3.25
C ASP N 7 -21.53 -17.00 -2.50
N VAL N 8 -21.92 -18.21 -2.91
CA VAL N 8 -21.43 -19.43 -2.28
C VAL N 8 -19.91 -19.55 -2.37
N ILE N 9 -19.34 -19.18 -3.51
CA ILE N 9 -17.88 -19.25 -3.70
C ILE N 9 -17.18 -18.26 -2.78
N HIS N 10 -17.68 -17.02 -2.77
CA HIS N 10 -17.09 -16.01 -1.91
C HIS N 10 -17.12 -16.47 -0.46
N ARG N 11 -18.24 -17.08 -0.09
CA ARG N 11 -18.47 -17.57 1.27
C ARG N 11 -17.54 -18.72 1.65
N SER N 12 -16.93 -19.35 0.65
CA SER N 12 -16.04 -20.48 0.91
C SER N 12 -14.58 -20.07 0.98
N LEU N 13 -14.31 -18.76 0.87
CA LEU N 13 -12.91 -18.31 0.95
C LEU N 13 -12.30 -18.79 2.27
N ASP N 14 -11.07 -19.28 2.19
CA ASP N 14 -10.32 -19.79 3.34
C ASP N 14 -10.91 -21.06 3.95
N LYS N 15 -11.73 -21.77 3.17
CA LYS N 15 -12.32 -23.04 3.61
C LYS N 15 -11.99 -24.12 2.58
N ASP N 16 -12.15 -25.38 2.96
CA ASP N 16 -11.84 -26.48 2.04
C ASP N 16 -12.96 -26.65 1.02
N VAL N 17 -12.60 -26.92 -0.23
CA VAL N 17 -13.58 -27.11 -1.30
C VAL N 17 -13.15 -28.21 -2.25
N LEU N 18 -14.12 -28.77 -2.96
CA LEU N 18 -13.84 -29.82 -3.95
C LEU N 18 -14.16 -29.19 -5.31
N VAL N 19 -13.21 -29.24 -6.23
CA VAL N 19 -13.40 -28.69 -7.56
C VAL N 19 -13.46 -29.88 -8.52
N ILE N 20 -14.67 -30.21 -8.95
CA ILE N 20 -14.89 -31.34 -9.83
C ILE N 20 -14.77 -31.05 -11.33
N LEU N 21 -13.89 -31.79 -11.99
CA LEU N 21 -13.69 -31.66 -13.42
C LEU N 21 -14.60 -32.69 -14.10
N LYS N 22 -14.96 -32.39 -15.33
CA LYS N 22 -15.86 -33.24 -16.11
C LYS N 22 -15.57 -34.76 -16.26
N LYS N 23 -15.17 -35.45 -15.19
CA LYS N 23 -14.92 -36.91 -15.21
C LYS N 23 -14.18 -37.58 -14.02
N GLY N 24 -14.91 -37.92 -12.96
CA GLY N 24 -14.32 -38.56 -11.78
C GLY N 24 -12.87 -38.17 -11.54
N PHE N 25 -12.60 -36.89 -11.79
CA PHE N 25 -11.27 -36.30 -11.67
C PHE N 25 -11.46 -34.98 -10.94
N GLU N 26 -10.72 -34.75 -9.85
CA GLU N 26 -10.93 -33.49 -9.15
C GLU N 26 -9.75 -32.94 -8.41
N PHE N 27 -9.91 -31.70 -7.96
CA PHE N 27 -8.91 -31.01 -7.16
C PHE N 27 -9.62 -30.65 -5.85
N ARG N 28 -8.84 -30.69 -4.76
CA ARG N 28 -9.35 -30.39 -3.44
C ARG N 28 -8.34 -29.51 -2.76
N GLY N 29 -8.81 -28.52 -2.02
CA GLY N 29 -7.88 -27.65 -1.34
C GLY N 29 -8.60 -26.48 -0.71
N ARG N 30 -7.83 -25.59 -0.10
CA ARG N 30 -8.37 -24.41 0.55
C ARG N 30 -8.61 -23.32 -0.49
N LEU N 31 -9.83 -22.82 -0.57
CA LEU N 31 -10.12 -21.76 -1.55
C LEU N 31 -9.55 -20.44 -1.05
N ILE N 32 -8.62 -19.87 -1.80
CA ILE N 32 -8.03 -18.60 -1.40
C ILE N 32 -8.29 -17.45 -2.38
N GLY N 33 -8.96 -17.74 -3.49
CA GLY N 33 -9.23 -16.68 -4.46
C GLY N 33 -10.06 -17.17 -5.63
N TYR N 34 -10.62 -16.24 -6.40
CA TYR N 34 -11.44 -16.60 -7.55
C TYR N 34 -11.73 -15.36 -8.39
N ASP N 35 -12.26 -15.56 -9.60
CA ASP N 35 -12.66 -14.42 -10.43
C ASP N 35 -14.05 -14.67 -10.98
N ILE N 36 -14.61 -13.68 -11.68
CA ILE N 36 -15.97 -13.81 -12.20
C ILE N 36 -16.17 -14.99 -13.16
N HIS N 37 -15.09 -15.46 -13.78
CA HIS N 37 -15.17 -16.58 -14.73
C HIS N 37 -15.22 -17.95 -14.03
N LEU N 38 -15.15 -17.93 -12.70
CA LEU N 38 -15.11 -19.14 -11.88
C LEU N 38 -13.75 -19.85 -12.00
N ASN N 39 -12.73 -19.08 -12.35
CA ASN N 39 -11.36 -19.61 -12.34
C ASN N 39 -11.14 -19.50 -10.81
N VAL N 40 -10.50 -20.50 -10.20
CA VAL N 40 -10.27 -20.46 -8.77
C VAL N 40 -8.80 -20.72 -8.41
N VAL N 41 -8.43 -20.36 -7.18
CA VAL N 41 -7.07 -20.55 -6.68
C VAL N 41 -7.17 -21.37 -5.40
N LEU N 42 -6.46 -22.49 -5.34
CA LEU N 42 -6.49 -23.35 -4.17
C LEU N 42 -5.11 -23.41 -3.54
N ALA N 43 -5.08 -23.51 -2.22
CA ALA N 43 -3.81 -23.61 -1.48
C ALA N 43 -3.73 -25.02 -0.89
N ASP N 44 -2.51 -25.57 -0.79
CA ASP N 44 -2.31 -26.90 -0.23
C ASP N 44 -3.33 -27.84 -0.87
N ALA N 45 -3.28 -27.88 -2.19
CA ALA N 45 -4.22 -28.65 -2.97
C ALA N 45 -3.70 -30.02 -3.38
N GLU N 46 -4.63 -30.84 -3.85
CA GLU N 46 -4.30 -32.17 -4.31
C GLU N 46 -5.19 -32.56 -5.49
N MET N 47 -4.61 -33.25 -6.46
CA MET N 47 -5.35 -33.75 -7.59
C MET N 47 -5.79 -35.13 -7.15
N ILE N 48 -7.06 -35.43 -7.36
CA ILE N 48 -7.62 -36.71 -6.95
C ILE N 48 -8.23 -37.47 -8.12
N GLN N 49 -7.86 -38.74 -8.23
CA GLN N 49 -8.38 -39.60 -9.28
C GLN N 49 -8.87 -40.93 -8.61
N ASP N 50 -10.13 -41.41 -8.80
CA ASP N 50 -10.55 -42.75 -8.16
C ASP N 50 -10.52 -42.56 -6.61
N GLY N 51 -10.67 -41.33 -6.10
CA GLY N 51 -10.64 -41.09 -4.63
C GLY N 51 -9.20 -41.17 -4.05
N GLU N 52 -8.20 -41.31 -4.91
CA GLU N 52 -6.79 -41.39 -4.48
C GLU N 52 -6.04 -40.12 -4.89
N VAL N 53 -5.29 -39.58 -3.95
CA VAL N 53 -4.47 -38.38 -4.19
C VAL N 53 -3.33 -38.77 -5.13
N VAL N 54 -3.27 -38.18 -6.32
CA VAL N 54 -2.20 -38.51 -7.27
C VAL N 54 -1.13 -37.43 -7.38
N LYS N 55 -1.42 -36.25 -6.84
CA LYS N 55 -0.45 -35.15 -6.88
C LYS N 55 -0.85 -34.06 -5.89
N ARG N 56 0.13 -33.32 -5.40
CA ARG N 56 -0.12 -32.24 -4.46
C ARG N 56 0.51 -30.94 -4.98
N TYR N 57 -0.07 -29.81 -4.59
CA TYR N 57 0.46 -28.51 -5.00
C TYR N 57 0.34 -27.53 -3.86
N GLY N 58 1.34 -26.68 -3.70
CA GLY N 58 1.25 -25.69 -2.65
C GLY N 58 0.18 -24.66 -3.02
N LYS N 59 0.12 -24.31 -4.29
CA LYS N 59 -0.87 -23.35 -4.79
C LYS N 59 -1.19 -23.69 -6.24
N ILE N 60 -2.47 -23.61 -6.62
CA ILE N 60 -2.82 -23.93 -8.00
C ILE N 60 -4.03 -23.11 -8.50
N VAL N 61 -3.91 -22.61 -9.73
CA VAL N 61 -4.96 -21.83 -10.39
C VAL N 61 -5.65 -22.77 -11.39
N ILE N 62 -6.96 -22.98 -11.20
CA ILE N 62 -7.73 -23.87 -12.04
C ILE N 62 -8.69 -23.05 -12.89
N ARG N 63 -8.70 -23.31 -14.19
CA ARG N 63 -9.59 -22.58 -15.10
C ARG N 63 -11.03 -23.07 -15.05
N GLY N 64 -11.93 -22.13 -14.76
CA GLY N 64 -13.33 -22.49 -14.67
C GLY N 64 -13.93 -23.17 -15.89
N ASP N 65 -13.39 -22.90 -17.08
CA ASP N 65 -13.95 -23.50 -18.30
C ASP N 65 -14.00 -25.02 -18.30
N ASN N 66 -13.15 -25.69 -17.53
CA ASN N 66 -13.17 -27.14 -17.49
C ASN N 66 -13.83 -27.69 -16.24
N VAL N 67 -14.43 -26.81 -15.46
CA VAL N 67 -15.06 -27.24 -14.22
C VAL N 67 -16.52 -27.62 -14.36
N LEU N 68 -16.86 -28.75 -13.75
CA LEU N 68 -18.22 -29.23 -13.73
C LEU N 68 -18.94 -28.60 -12.54
N ALA N 69 -18.33 -28.70 -11.36
CA ALA N 69 -18.92 -28.18 -10.13
C ALA N 69 -17.91 -27.91 -9.03
N ILE N 70 -18.33 -27.14 -8.04
CA ILE N 70 -17.48 -26.81 -6.89
C ILE N 70 -18.37 -26.99 -5.67
N SER N 71 -17.88 -27.76 -4.71
CA SER N 71 -18.65 -28.01 -3.50
C SER N 71 -17.86 -27.71 -2.25
N PRO N 72 -18.36 -26.78 -1.41
CA PRO N 72 -17.61 -26.48 -0.21
C PRO N 72 -17.67 -27.74 0.66
N THR N 73 -16.54 -28.12 1.25
CA THR N 73 -16.47 -29.29 2.08
C THR N 73 -17.11 -29.03 3.45
N GLU O 3 -43.52 -20.90 -19.68
CA GLU O 3 -42.92 -19.60 -19.26
C GLU O 3 -41.47 -19.53 -19.76
N ARG O 4 -40.80 -18.43 -19.47
CA ARG O 4 -39.42 -18.24 -19.89
C ARG O 4 -38.49 -19.06 -19.01
N PRO O 5 -37.44 -19.65 -19.58
CA PRO O 5 -36.47 -20.47 -18.84
C PRO O 5 -36.10 -19.93 -17.46
N LEU O 6 -35.73 -18.65 -17.40
CA LEU O 6 -35.36 -18.06 -16.12
C LEU O 6 -36.53 -17.99 -15.15
N ASP O 7 -37.73 -17.76 -15.66
CA ASP O 7 -38.91 -17.70 -14.80
C ASP O 7 -39.15 -19.07 -14.17
N VAL O 8 -39.07 -20.11 -14.99
CA VAL O 8 -39.26 -21.47 -14.50
C VAL O 8 -38.21 -21.77 -13.43
N ILE O 9 -36.97 -21.34 -13.67
CA ILE O 9 -35.92 -21.58 -12.69
C ILE O 9 -36.12 -20.76 -11.43
N HIS O 10 -36.59 -19.52 -11.58
CA HIS O 10 -36.82 -18.69 -10.42
C HIS O 10 -37.93 -19.31 -9.56
N ARG O 11 -38.92 -19.86 -10.23
CA ARG O 11 -40.09 -20.46 -9.59
C ARG O 11 -39.76 -21.75 -8.84
N SER O 12 -38.60 -22.33 -9.14
CA SER O 12 -38.17 -23.56 -8.50
C SER O 12 -37.32 -23.36 -7.26
N LEU O 13 -36.99 -22.12 -6.94
CA LEU O 13 -36.18 -21.85 -5.76
C LEU O 13 -36.79 -22.49 -4.52
N ASP O 14 -35.95 -23.14 -3.73
CA ASP O 14 -36.38 -23.82 -2.50
C ASP O 14 -37.13 -25.12 -2.77
N LYS O 15 -37.25 -25.49 -4.04
CA LYS O 15 -37.92 -26.72 -4.43
C LYS O 15 -36.91 -27.69 -5.03
N ASP O 16 -37.25 -28.97 -5.06
CA ASP O 16 -36.36 -29.99 -5.61
C ASP O 16 -36.37 -29.97 -7.14
N VAL O 17 -35.20 -30.15 -7.76
CA VAL O 17 -35.07 -30.16 -9.21
C VAL O 17 -34.10 -31.25 -9.66
N LEU O 18 -34.19 -31.60 -10.94
CA LEU O 18 -33.29 -32.57 -11.55
C LEU O 18 -32.41 -31.78 -12.53
N VAL O 19 -31.09 -31.87 -12.39
CA VAL O 19 -30.18 -31.18 -13.30
C VAL O 19 -29.54 -32.25 -14.15
N ILE O 20 -29.90 -32.31 -15.44
CA ILE O 20 -29.39 -33.33 -16.35
C ILE O 20 -28.08 -32.90 -17.00
N LEU O 21 -27.08 -33.78 -16.93
CA LEU O 21 -25.77 -33.48 -17.54
C LEU O 21 -25.58 -34.31 -18.80
N LYS O 22 -24.52 -34.02 -19.55
CA LYS O 22 -24.26 -34.69 -20.82
C LYS O 22 -23.64 -36.09 -20.81
N LYS O 23 -24.09 -36.98 -19.92
CA LYS O 23 -23.51 -38.33 -19.92
C LYS O 23 -24.25 -39.37 -19.11
N GLY O 24 -25.57 -39.24 -19.00
CA GLY O 24 -26.32 -40.19 -18.21
C GLY O 24 -26.18 -39.79 -16.75
N PHE O 25 -25.39 -38.76 -16.51
CA PHE O 25 -25.19 -38.24 -15.17
C PHE O 25 -26.21 -37.15 -14.90
N GLU O 26 -26.58 -37.02 -13.63
CA GLU O 26 -27.54 -36.01 -13.22
C GLU O 26 -27.35 -35.71 -11.74
N PHE O 27 -27.85 -34.54 -11.34
CA PHE O 27 -27.80 -34.12 -9.95
C PHE O 27 -29.25 -33.83 -9.56
N ARG O 28 -29.61 -34.23 -8.35
CA ARG O 28 -30.94 -33.96 -7.80
C ARG O 28 -30.67 -33.23 -6.51
N GLY O 29 -31.50 -32.24 -6.20
CA GLY O 29 -31.30 -31.52 -4.96
C GLY O 29 -32.28 -30.37 -4.89
N ARG O 30 -32.18 -29.60 -3.81
CA ARG O 30 -33.05 -28.45 -3.60
C ARG O 30 -32.35 -27.25 -4.21
N LEU O 31 -33.01 -26.58 -5.16
CA LEU O 31 -32.42 -25.41 -5.79
C LEU O 31 -32.45 -24.26 -4.80
N ILE O 32 -31.27 -23.69 -4.51
CA ILE O 32 -31.20 -22.56 -3.60
C ILE O 32 -30.58 -21.30 -4.21
N GLY O 33 -30.20 -21.36 -5.47
CA GLY O 33 -29.59 -20.20 -6.10
C GLY O 33 -29.23 -20.42 -7.55
N TYR O 34 -29.05 -19.33 -8.30
CA TYR O 34 -28.69 -19.42 -9.71
C TYR O 34 -28.28 -18.04 -10.22
N ASP O 35 -27.75 -17.99 -11.44
CA ASP O 35 -27.38 -16.73 -12.07
C ASP O 35 -27.84 -16.77 -13.51
N ILE O 36 -27.68 -15.67 -14.23
CA ILE O 36 -28.13 -15.59 -15.62
C ILE O 36 -27.50 -16.59 -16.59
N HIS O 37 -26.34 -17.14 -16.25
CA HIS O 37 -25.65 -18.10 -17.12
C HIS O 37 -26.16 -19.53 -16.92
N LEU O 38 -27.09 -19.68 -15.99
CA LEU O 38 -27.67 -20.98 -15.66
C LEU O 38 -26.77 -21.85 -14.79
N ASN O 39 -25.84 -21.21 -14.09
CA ASN O 39 -25.00 -21.89 -13.12
C ASN O 39 -26.03 -21.99 -11.97
N VAL O 40 -26.10 -23.13 -11.31
CA VAL O 40 -27.07 -23.30 -10.23
C VAL O 40 -26.40 -23.79 -8.97
N VAL O 41 -27.09 -23.63 -7.83
CA VAL O 41 -26.58 -24.06 -6.53
C VAL O 41 -27.64 -24.99 -5.94
N LEU O 42 -27.23 -26.17 -5.48
CA LEU O 42 -28.16 -27.12 -4.91
C LEU O 42 -27.75 -27.44 -3.48
N ALA O 43 -28.75 -27.74 -2.65
CA ALA O 43 -28.48 -28.11 -1.26
C ALA O 43 -28.92 -29.56 -1.10
N ASP O 44 -28.21 -30.30 -0.26
CA ASP O 44 -28.53 -31.71 -0.03
C ASP O 44 -28.70 -32.39 -1.38
N ALA O 45 -27.64 -32.27 -2.17
CA ALA O 45 -27.61 -32.79 -3.53
C ALA O 45 -27.10 -34.22 -3.64
N GLU O 46 -27.56 -34.89 -4.69
CA GLU O 46 -27.15 -36.25 -4.99
C GLU O 46 -26.74 -36.36 -6.45
N MET O 47 -25.54 -36.89 -6.69
CA MET O 47 -25.07 -37.11 -8.05
C MET O 47 -25.59 -38.49 -8.45
N ILE O 48 -26.29 -38.56 -9.56
CA ILE O 48 -26.86 -39.81 -10.03
C ILE O 48 -26.25 -40.25 -11.34
N GLN O 49 -26.08 -41.55 -11.47
CA GLN O 49 -25.50 -42.16 -12.66
C GLN O 49 -26.33 -43.37 -13.07
N ASP O 50 -26.91 -43.32 -14.26
CA ASP O 50 -27.71 -44.42 -14.75
C ASP O 50 -28.79 -44.80 -13.71
N GLY O 51 -29.53 -43.80 -13.26
CA GLY O 51 -30.58 -44.02 -12.30
C GLY O 51 -30.15 -44.48 -10.91
N GLU O 52 -28.88 -44.31 -10.55
CA GLU O 52 -28.44 -44.74 -9.24
C GLU O 52 -27.54 -43.71 -8.54
N VAL O 53 -27.85 -43.43 -7.27
CA VAL O 53 -27.07 -42.49 -6.50
C VAL O 53 -25.62 -42.95 -6.44
N VAL O 54 -24.70 -42.01 -6.69
CA VAL O 54 -23.28 -42.31 -6.71
C VAL O 54 -22.46 -41.40 -5.78
N LYS O 55 -23.04 -40.27 -5.39
CA LYS O 55 -22.39 -39.32 -4.50
C LYS O 55 -23.43 -38.33 -3.95
N ARG O 56 -23.16 -37.79 -2.77
CA ARG O 56 -24.04 -36.80 -2.16
C ARG O 56 -23.20 -35.60 -1.72
N TYR O 57 -23.80 -34.41 -1.74
CA TYR O 57 -23.08 -33.21 -1.33
C TYR O 57 -23.99 -32.32 -0.48
N GLY O 58 -23.42 -31.63 0.50
CA GLY O 58 -24.20 -30.75 1.35
C GLY O 58 -24.66 -29.54 0.56
N LYS O 59 -23.76 -29.00 -0.26
CA LYS O 59 -24.07 -27.83 -1.09
C LYS O 59 -23.16 -27.94 -2.30
N ILE O 60 -23.67 -27.61 -3.47
CA ILE O 60 -22.85 -27.70 -4.68
C ILE O 60 -23.26 -26.68 -5.75
N VAL O 61 -22.24 -26.10 -6.37
CA VAL O 61 -22.41 -25.12 -7.43
C VAL O 61 -22.07 -25.85 -8.73
N ILE O 62 -23.05 -25.94 -9.63
CA ILE O 62 -22.88 -26.62 -10.91
C ILE O 62 -22.83 -25.58 -12.02
N ARG O 63 -21.81 -25.65 -12.86
CA ARG O 63 -21.70 -24.69 -13.96
C ARG O 63 -22.67 -24.98 -15.09
N GLY O 64 -23.39 -23.94 -15.52
CA GLY O 64 -24.37 -24.08 -16.58
C GLY O 64 -23.87 -24.69 -17.88
N ASP O 65 -22.62 -24.42 -18.24
CA ASP O 65 -22.05 -24.95 -19.48
C ASP O 65 -22.14 -26.48 -19.64
N ASN O 66 -22.21 -27.20 -18.53
CA ASN O 66 -22.27 -28.66 -18.56
C ASN O 66 -23.69 -29.19 -18.50
N VAL O 67 -24.65 -28.29 -18.34
CA VAL O 67 -26.04 -28.68 -18.18
C VAL O 67 -26.79 -28.87 -19.47
N LEU O 68 -27.49 -29.99 -19.57
CA LEU O 68 -28.32 -30.32 -20.71
C LEU O 68 -29.73 -29.75 -20.45
N ALA O 69 -30.27 -30.04 -19.27
CA ALA O 69 -31.60 -29.57 -18.92
C ALA O 69 -31.85 -29.54 -17.41
N ILE O 70 -32.90 -28.85 -17.00
CA ILE O 70 -33.26 -28.75 -15.59
C ILE O 70 -34.77 -28.95 -15.53
N SER O 71 -35.21 -29.83 -14.63
CA SER O 71 -36.64 -30.11 -14.48
C SER O 71 -37.11 -30.01 -13.04
N PRO O 72 -38.12 -29.15 -12.78
CA PRO O 72 -38.63 -29.02 -11.41
C PRO O 72 -39.32 -30.34 -11.13
N THR O 73 -39.13 -30.90 -9.94
CA THR O 73 -39.77 -32.18 -9.62
C THR O 73 -41.04 -32.01 -8.81
N GLU P 3 -39.30 -16.63 -43.22
CA GLU P 3 -39.53 -16.60 -41.75
C GLU P 3 -38.27 -16.98 -40.98
N ARG P 4 -37.93 -16.15 -40.01
CA ARG P 4 -36.73 -16.36 -39.21
C ARG P 4 -36.90 -17.39 -38.09
N PRO P 5 -35.78 -18.00 -37.66
CA PRO P 5 -35.76 -19.01 -36.60
C PRO P 5 -36.64 -18.70 -35.40
N LEU P 6 -36.43 -17.53 -34.80
CA LEU P 6 -37.19 -17.11 -33.63
C LEU P 6 -38.68 -16.96 -33.95
N ASP P 7 -39.01 -16.63 -35.19
CA ASP P 7 -40.42 -16.49 -35.56
C ASP P 7 -41.09 -17.87 -35.55
N VAL P 8 -40.42 -18.86 -36.10
CA VAL P 8 -40.96 -20.21 -36.12
C VAL P 8 -41.14 -20.71 -34.70
N ILE P 9 -40.18 -20.36 -33.84
CA ILE P 9 -40.24 -20.79 -32.45
C ILE P 9 -41.40 -20.11 -31.75
N HIS P 10 -41.50 -18.80 -31.89
CA HIS P 10 -42.58 -18.06 -31.24
C HIS P 10 -43.93 -18.61 -31.66
N ARG P 11 -44.07 -18.89 -32.94
CA ARG P 11 -45.32 -19.38 -33.49
C ARG P 11 -45.64 -20.79 -32.99
N SER P 12 -44.63 -21.50 -32.51
CA SER P 12 -44.79 -22.86 -32.01
C SER P 12 -45.24 -22.94 -30.56
N LEU P 13 -45.39 -21.79 -29.90
CA LEU P 13 -45.83 -21.79 -28.51
C LEU P 13 -47.15 -22.55 -28.41
N ASP P 14 -47.30 -23.28 -27.30
CA ASP P 14 -48.49 -24.07 -27.03
C ASP P 14 -48.72 -25.20 -28.03
N LYS P 15 -47.70 -25.48 -28.85
CA LYS P 15 -47.78 -26.55 -29.84
C LYS P 15 -46.73 -27.61 -29.53
N ASP P 16 -46.90 -28.80 -30.10
CA ASP P 16 -45.98 -29.91 -29.88
C ASP P 16 -44.71 -29.73 -30.73
N VAL P 17 -43.55 -29.96 -30.12
CA VAL P 17 -42.29 -29.82 -30.83
C VAL P 17 -41.28 -30.91 -30.46
N LEU P 18 -40.40 -31.20 -31.41
CA LEU P 18 -39.34 -32.18 -31.24
C LEU P 18 -38.03 -31.39 -31.10
N VAL P 19 -37.31 -31.61 -29.99
CA VAL P 19 -36.04 -30.92 -29.78
C VAL P 19 -34.96 -31.98 -29.88
N ILE P 20 -34.22 -31.94 -30.98
CA ILE P 20 -33.15 -32.89 -31.28
C ILE P 20 -31.81 -32.42 -30.69
N LEU P 21 -31.23 -33.24 -29.83
CA LEU P 21 -29.94 -32.91 -29.23
C LEU P 21 -28.79 -33.57 -29.97
N LYS P 22 -27.67 -32.86 -30.06
CA LYS P 22 -26.46 -33.35 -30.73
C LYS P 22 -25.82 -34.51 -29.97
N LYS P 23 -26.57 -35.59 -29.78
CA LYS P 23 -26.06 -36.76 -29.07
C LYS P 23 -26.69 -38.06 -29.59
N GLY P 24 -27.94 -37.96 -30.04
CA GLY P 24 -28.63 -39.14 -30.53
C GLY P 24 -30.05 -39.21 -29.99
N PHE P 25 -30.29 -38.51 -28.88
CA PHE P 25 -31.62 -38.51 -28.28
C PHE P 25 -32.34 -37.18 -28.44
N GLU P 26 -33.64 -37.21 -28.18
CA GLU P 26 -34.48 -36.03 -28.34
C GLU P 26 -35.49 -35.85 -27.21
N PHE P 27 -36.16 -34.70 -27.25
CA PHE P 27 -37.20 -34.38 -26.27
C PHE P 27 -38.43 -33.98 -27.09
N ARG P 28 -39.59 -34.44 -26.67
CA ARG P 28 -40.85 -34.10 -27.35
C ARG P 28 -41.82 -33.63 -26.29
N GLY P 29 -42.47 -32.50 -26.56
CA GLY P 29 -43.41 -31.96 -25.60
C GLY P 29 -44.00 -30.66 -26.11
N ARG P 30 -44.77 -30.00 -25.27
CA ARG P 30 -45.43 -28.75 -25.63
C ARG P 30 -44.56 -27.55 -25.29
N LEU P 31 -44.26 -26.73 -26.29
CA LEU P 31 -43.43 -25.53 -26.09
C LEU P 31 -44.19 -24.46 -25.32
N ILE P 32 -43.73 -24.12 -24.13
CA ILE P 32 -44.40 -23.10 -23.33
C ILE P 32 -43.56 -21.87 -23.02
N GLY P 33 -42.32 -21.87 -23.50
CA GLY P 33 -41.45 -20.72 -23.27
C GLY P 33 -40.12 -20.89 -23.99
N TYR P 34 -39.38 -19.80 -24.15
CA TYR P 34 -38.10 -19.83 -24.83
C TYR P 34 -37.41 -18.48 -24.64
N ASP P 35 -36.15 -18.39 -25.03
CA ASP P 35 -35.45 -17.11 -24.94
C ASP P 35 -34.60 -16.92 -26.17
N ILE P 36 -33.91 -15.78 -26.22
CA ILE P 36 -33.11 -15.45 -27.39
C ILE P 36 -31.94 -16.39 -27.69
N HIS P 37 -31.49 -17.16 -26.69
CA HIS P 37 -30.37 -18.09 -26.88
C HIS P 37 -30.87 -19.46 -27.29
N LEU P 38 -32.19 -19.52 -27.48
CA LEU P 38 -32.87 -20.74 -27.86
C LEU P 38 -32.91 -21.80 -26.77
N ASN P 39 -32.91 -21.37 -25.50
CA ASN P 39 -33.09 -22.27 -24.39
C ASN P 39 -34.61 -22.38 -24.47
N VAL P 40 -35.16 -23.58 -24.31
CA VAL P 40 -36.60 -23.72 -24.40
C VAL P 40 -37.20 -24.39 -23.17
N VAL P 41 -38.51 -24.23 -23.00
CA VAL P 41 -39.23 -24.82 -21.89
C VAL P 41 -40.34 -25.68 -22.48
N LEU P 42 -40.42 -26.93 -22.04
CA LEU P 42 -41.46 -27.83 -22.52
C LEU P 42 -42.32 -28.28 -21.37
N ALA P 43 -43.59 -28.55 -21.68
CA ALA P 43 -44.56 -29.02 -20.69
C ALA P 43 -44.91 -30.47 -21.05
N ASP P 44 -45.13 -31.29 -20.02
CA ASP P 44 -45.46 -32.70 -20.22
C ASP P 44 -44.59 -33.27 -21.35
N ALA P 45 -43.28 -33.32 -21.09
CA ALA P 45 -42.31 -33.80 -22.06
C ALA P 45 -41.82 -35.23 -21.88
N GLU P 46 -41.26 -35.78 -22.95
CA GLU P 46 -40.74 -37.14 -22.96
C GLU P 46 -39.33 -37.18 -23.54
N MET P 47 -38.38 -37.72 -22.79
CA MET P 47 -37.01 -37.85 -23.29
C MET P 47 -37.00 -39.11 -24.13
N ILE P 48 -36.53 -39.02 -25.37
CA ILE P 48 -36.50 -40.19 -26.22
C ILE P 48 -35.09 -40.57 -26.67
N GLN P 49 -34.72 -41.81 -26.36
CA GLN P 49 -33.41 -42.34 -26.72
C GLN P 49 -33.60 -43.61 -27.53
N ASP P 50 -33.00 -43.65 -28.72
CA ASP P 50 -33.13 -44.80 -29.59
C ASP P 50 -34.61 -45.12 -29.80
N GLY P 51 -35.36 -44.12 -30.24
CA GLY P 51 -36.78 -44.30 -30.48
C GLY P 51 -37.52 -44.94 -29.33
N GLU P 52 -37.21 -44.54 -28.10
CA GLU P 52 -37.87 -45.10 -26.94
C GLU P 52 -37.96 -44.13 -25.77
N VAL P 53 -39.17 -43.84 -25.32
CA VAL P 53 -39.36 -42.93 -24.20
C VAL P 53 -38.62 -43.56 -23.03
N VAL P 54 -37.84 -42.76 -22.31
CA VAL P 54 -37.08 -43.26 -21.17
C VAL P 54 -37.46 -42.53 -19.90
N LYS P 55 -37.95 -41.31 -20.05
CA LYS P 55 -38.34 -40.52 -18.89
C LYS P 55 -39.44 -39.53 -19.28
N ARG P 56 -40.20 -39.07 -18.31
CA ARG P 56 -41.26 -38.12 -18.56
C ARG P 56 -41.09 -36.98 -17.57
N TYR P 57 -41.36 -35.76 -18.02
CA TYR P 57 -41.24 -34.60 -17.15
C TYR P 57 -42.48 -33.72 -17.25
N GLY P 58 -42.93 -33.23 -16.11
CA GLY P 58 -44.09 -32.35 -16.11
C GLY P 58 -43.68 -31.02 -16.70
N LYS P 59 -42.38 -30.74 -16.65
CA LYS P 59 -41.83 -29.49 -17.17
C LYS P 59 -40.31 -29.58 -17.21
N ILE P 60 -39.72 -29.05 -18.27
CA ILE P 60 -38.27 -29.11 -18.39
C ILE P 60 -37.70 -27.97 -19.21
N VAL P 61 -36.62 -27.38 -18.71
CA VAL P 61 -35.92 -26.30 -19.39
C VAL P 61 -34.71 -26.95 -20.05
N ILE P 62 -34.62 -26.82 -21.37
CA ILE P 62 -33.51 -27.39 -22.14
C ILE P 62 -32.62 -26.27 -22.67
N ARG P 63 -31.33 -26.33 -22.34
CA ARG P 63 -30.41 -25.29 -22.81
C ARG P 63 -30.18 -25.39 -24.31
N GLY P 64 -30.27 -24.26 -25.00
CA GLY P 64 -30.11 -24.26 -26.45
C GLY P 64 -28.72 -24.64 -26.93
N ASP P 65 -27.70 -24.41 -26.12
CA ASP P 65 -26.33 -24.71 -26.53
C ASP P 65 -26.13 -26.15 -27.00
N ASN P 66 -26.93 -27.08 -26.50
CA ASN P 66 -26.80 -28.48 -26.92
C ASN P 66 -27.82 -28.90 -27.96
N VAL P 67 -28.67 -27.96 -28.38
CA VAL P 67 -29.70 -28.27 -29.37
C VAL P 67 -29.17 -28.28 -30.79
N LEU P 68 -29.52 -29.33 -31.52
CA LEU P 68 -29.13 -29.46 -32.92
C LEU P 68 -30.22 -28.83 -33.80
N ALA P 69 -31.47 -29.13 -33.48
CA ALA P 69 -32.59 -28.60 -34.25
C ALA P 69 -33.87 -28.74 -33.46
N ILE P 70 -34.88 -27.98 -33.88
CA ILE P 70 -36.19 -27.99 -33.26
C ILE P 70 -37.20 -28.02 -34.42
N SER P 71 -38.16 -28.91 -34.32
CA SER P 71 -39.17 -29.04 -35.37
C SER P 71 -40.58 -29.13 -34.82
N PRO P 72 -41.50 -28.31 -35.37
CA PRO P 72 -42.91 -28.31 -34.94
C PRO P 72 -43.56 -29.61 -35.44
N THR P 73 -44.33 -30.27 -34.58
CA THR P 73 -44.98 -31.54 -34.97
C THR P 73 -45.77 -31.44 -36.27
N GLU Q 3 10.40 9.54 51.14
CA GLU Q 3 11.15 10.80 51.37
C GLU Q 3 11.59 11.45 50.06
N ARG Q 4 11.69 10.66 48.99
CA ARG Q 4 12.11 11.18 47.69
C ARG Q 4 10.99 12.00 47.08
N PRO Q 5 11.34 12.91 46.14
CA PRO Q 5 10.38 13.77 45.46
C PRO Q 5 9.14 13.05 44.96
N LEU Q 6 9.33 11.92 44.28
CA LEU Q 6 8.18 11.17 43.78
C LEU Q 6 7.38 10.50 44.91
N ASP Q 7 8.02 10.17 46.03
CA ASP Q 7 7.27 9.57 47.15
C ASP Q 7 6.33 10.64 47.70
N VAL Q 8 6.83 11.85 47.89
CA VAL Q 8 6.01 12.94 48.40
C VAL Q 8 4.83 13.23 47.49
N ILE Q 9 5.06 13.30 46.18
CA ILE Q 9 3.98 13.57 45.23
C ILE Q 9 2.97 12.43 45.29
N HIS Q 10 3.45 11.19 45.30
CA HIS Q 10 2.56 10.05 45.35
C HIS Q 10 1.65 10.11 46.58
N ARG Q 11 2.24 10.42 47.73
CA ARG Q 11 1.46 10.50 48.96
C ARG Q 11 0.45 11.66 48.96
N SER Q 12 0.57 12.57 48.00
CA SER Q 12 -0.35 13.71 47.93
C SER Q 12 -1.54 13.47 47.00
N LEU Q 13 -1.65 12.29 46.43
CA LEU Q 13 -2.78 12.00 45.56
C LEU Q 13 -4.10 12.22 46.33
N ASP Q 14 -5.08 12.82 45.65
CA ASP Q 14 -6.39 13.11 46.22
C ASP Q 14 -6.38 14.16 47.34
N LYS Q 15 -5.24 14.83 47.50
CA LYS Q 15 -5.08 15.87 48.50
C LYS Q 15 -4.74 17.18 47.79
N ASP Q 16 -4.95 18.31 48.46
CA ASP Q 16 -4.63 19.57 47.82
C ASP Q 16 -3.15 19.92 47.83
N VAL Q 17 -2.73 20.58 46.77
CA VAL Q 17 -1.33 20.95 46.62
C VAL Q 17 -1.20 22.30 45.97
N LEU Q 18 -0.04 22.89 46.17
CA LEU Q 18 0.33 24.16 45.58
C LEU Q 18 1.44 23.83 44.56
N VAL Q 19 1.24 24.24 43.31
CA VAL Q 19 2.25 24.04 42.27
C VAL Q 19 2.77 25.43 41.88
N ILE Q 20 4.01 25.75 42.25
CA ILE Q 20 4.56 27.05 41.92
C ILE Q 20 5.31 27.03 40.59
N LEU Q 21 4.94 27.95 39.71
CA LEU Q 21 5.58 28.05 38.41
C LEU Q 21 6.73 29.04 38.43
N LYS Q 22 7.58 28.99 37.41
CA LYS Q 22 8.74 29.87 37.34
C LYS Q 22 8.35 31.32 37.03
N LYS Q 23 7.15 31.73 37.46
CA LYS Q 23 6.68 33.09 37.19
C LYS Q 23 5.85 33.76 38.29
N GLY Q 24 6.17 33.53 39.56
CA GLY Q 24 5.39 34.12 40.65
C GLY Q 24 3.93 33.84 40.30
N PHE Q 25 3.79 32.79 39.50
CA PHE Q 25 2.55 32.29 38.96
C PHE Q 25 2.34 30.94 39.62
N GLU Q 26 1.14 30.67 40.13
CA GLU Q 26 0.94 29.38 40.78
C GLU Q 26 -0.43 28.75 40.56
N PHE Q 27 -0.48 27.43 40.73
CA PHE Q 27 -1.72 26.68 40.60
C PHE Q 27 -1.97 26.01 41.95
N ARG Q 28 -3.24 25.88 42.30
CA ARG Q 28 -3.60 25.24 43.55
C ARG Q 28 -4.76 24.33 43.21
N GLY Q 29 -4.74 23.10 43.74
CA GLY Q 29 -5.84 22.19 43.45
C GLY Q 29 -5.62 20.79 44.00
N ARG Q 30 -6.55 19.89 43.70
CA ARG Q 30 -6.47 18.53 44.17
C ARG Q 30 -5.62 17.70 43.22
N LEU Q 31 -4.55 17.09 43.73
CA LEU Q 31 -3.66 16.28 42.90
C LEU Q 31 -4.33 14.95 42.64
N ILE Q 32 -4.55 14.64 41.36
CA ILE Q 32 -5.17 13.36 41.01
C ILE Q 32 -4.33 12.49 40.09
N GLY Q 33 -3.15 12.97 39.69
CA GLY Q 33 -2.31 12.15 38.83
C GLY Q 33 -0.99 12.82 38.55
N TYR Q 34 -0.01 12.04 38.13
CA TYR Q 34 1.32 12.55 37.82
C TYR Q 34 2.09 11.49 37.02
N ASP Q 35 3.29 11.83 36.56
CA ASP Q 35 4.13 10.86 35.88
C ASP Q 35 5.56 11.12 36.29
N ILE Q 36 6.46 10.25 35.84
CA ILE Q 36 7.87 10.37 36.19
C ILE Q 36 8.57 11.70 35.84
N HIS Q 37 8.04 12.47 34.91
CA HIS Q 37 8.65 13.76 34.56
C HIS Q 37 8.18 14.91 35.44
N LEU Q 38 7.31 14.59 36.40
CA LEU Q 38 6.74 15.59 37.29
C LEU Q 38 5.69 16.45 36.60
N ASN Q 39 5.09 15.91 35.55
CA ASN Q 39 3.96 16.57 34.92
C ASN Q 39 2.89 16.15 35.95
N VAL Q 40 1.96 17.02 36.30
CA VAL Q 40 0.94 16.63 37.27
C VAL Q 40 -0.44 16.98 36.72
N VAL Q 41 -1.46 16.35 37.29
CA VAL Q 41 -2.84 16.60 36.88
C VAL Q 41 -3.58 17.08 38.13
N LEU Q 42 -4.20 18.24 38.05
CA LEU Q 42 -4.94 18.77 39.21
C LEU Q 42 -6.43 18.80 38.89
N ALA Q 43 -7.26 18.65 39.93
CA ALA Q 43 -8.71 18.71 39.75
C ALA Q 43 -9.21 19.95 40.50
N ASP Q 44 -10.28 20.56 39.99
CA ASP Q 44 -10.86 21.77 40.62
C ASP Q 44 -9.72 22.71 40.96
N ALA Q 45 -8.95 23.09 39.94
CA ALA Q 45 -7.78 23.94 40.11
C ALA Q 45 -8.03 25.44 39.96
N GLU Q 46 -7.13 26.22 40.53
CA GLU Q 46 -7.20 27.67 40.46
C GLU Q 46 -5.84 28.27 40.10
N MET Q 47 -5.83 29.18 39.13
CA MET Q 47 -4.61 29.85 38.71
C MET Q 47 -4.50 31.10 39.58
N ILE Q 48 -3.41 31.20 40.33
CA ILE Q 48 -3.20 32.33 41.22
C ILE Q 48 -2.06 33.23 40.78
N GLN Q 49 -2.36 34.53 40.71
CA GLN Q 49 -1.38 35.53 40.30
C GLN Q 49 -1.30 36.64 41.33
N ASP Q 50 -0.09 36.92 41.80
CA ASP Q 50 0.13 37.96 42.79
C ASP Q 50 -0.81 37.78 43.97
N GLY Q 51 -1.16 36.54 44.27
CA GLY Q 51 -2.05 36.24 45.38
C GLY Q 51 -3.53 36.25 45.09
N GLU Q 52 -3.92 36.51 43.84
CA GLU Q 52 -5.33 36.55 43.47
C GLU Q 52 -5.73 35.47 42.48
N VAL Q 53 -6.82 34.77 42.77
CA VAL Q 53 -7.34 33.71 41.89
C VAL Q 53 -7.83 34.34 40.58
N VAL Q 54 -7.15 34.05 39.47
CA VAL Q 54 -7.55 34.63 38.20
C VAL Q 54 -8.28 33.66 37.26
N LYS Q 55 -8.06 32.36 37.44
CA LYS Q 55 -8.73 31.37 36.60
C LYS Q 55 -9.08 30.10 37.36
N ARG Q 56 -10.08 29.38 36.88
CA ARG Q 56 -10.50 28.13 37.50
C ARG Q 56 -10.63 27.05 36.42
N TYR Q 57 -10.16 25.84 36.72
CA TYR Q 57 -10.26 24.75 35.77
C TYR Q 57 -10.77 23.48 36.42
N GLY Q 58 -11.71 22.81 35.76
CA GLY Q 58 -12.25 21.57 36.29
C GLY Q 58 -11.13 20.55 36.39
N LYS Q 59 -10.29 20.49 35.36
CA LYS Q 59 -9.16 19.57 35.32
C LYS Q 59 -8.03 20.22 34.51
N ILE Q 60 -6.78 20.05 34.95
CA ILE Q 60 -5.69 20.64 34.20
C ILE Q 60 -4.42 19.79 34.33
N VAL Q 61 -3.71 19.65 33.21
CA VAL Q 61 -2.44 18.91 33.17
C VAL Q 61 -1.34 19.96 33.03
N ILE Q 62 -0.46 20.07 34.02
CA ILE Q 62 0.64 21.05 34.03
C ILE Q 62 1.95 20.34 33.71
N ARG Q 63 2.77 20.90 32.81
CA ARG Q 63 4.04 20.21 32.50
C ARG Q 63 5.12 20.48 33.53
N GLY Q 64 5.80 19.42 33.97
CA GLY Q 64 6.85 19.56 34.96
C GLY Q 64 7.96 20.53 34.58
N ASP Q 65 8.27 20.63 33.29
CA ASP Q 65 9.36 21.49 32.85
C ASP Q 65 9.23 22.94 33.30
N ASN Q 66 8.01 23.38 33.59
CA ASN Q 66 7.84 24.76 34.03
C ASN Q 66 7.62 24.92 35.53
N VAL Q 67 7.75 23.82 36.28
CA VAL Q 67 7.51 23.86 37.72
C VAL Q 67 8.76 24.19 38.53
N LEU Q 68 8.59 25.12 39.47
CA LEU Q 68 9.66 25.50 40.36
C LEU Q 68 9.57 24.54 41.55
N ALA Q 69 8.37 24.38 42.05
CA ALA Q 69 8.15 23.54 43.22
C ALA Q 69 6.69 23.13 43.37
N ILE Q 70 6.48 22.12 44.22
CA ILE Q 70 5.16 21.59 44.56
C ILE Q 70 5.16 21.33 46.07
N SER Q 71 4.15 21.88 46.76
CA SER Q 71 4.05 21.71 48.20
C SER Q 71 2.66 21.21 48.53
N PRO Q 72 2.56 20.07 49.22
CA PRO Q 72 1.22 19.60 49.54
C PRO Q 72 0.62 20.53 50.61
N THR Q 73 -0.59 21.01 50.36
CA THR Q 73 -1.28 21.92 51.28
C THR Q 73 -2.06 21.17 52.35
N GLU R 3 32.56 14.08 49.07
CA GLU R 3 33.20 15.09 48.18
C GLU R 3 32.37 15.28 46.91
N ARG R 4 31.80 14.20 46.40
CA ARG R 4 30.96 14.27 45.18
C ARG R 4 29.67 15.02 45.49
N PRO R 5 29.12 15.75 44.49
CA PRO R 5 27.87 16.47 44.73
C PRO R 5 26.82 15.66 45.46
N LEU R 6 26.53 14.46 44.97
CA LEU R 6 25.51 13.63 45.60
C LEU R 6 25.92 13.17 47.00
N ASP R 7 27.23 12.95 47.21
CA ASP R 7 27.71 12.54 48.54
C ASP R 7 27.35 13.61 49.56
N VAL R 8 27.66 14.86 49.24
CA VAL R 8 27.37 15.98 50.12
C VAL R 8 25.88 16.11 50.43
N ILE R 9 25.04 16.01 49.40
CA ILE R 9 23.60 16.13 49.58
C ILE R 9 23.11 14.99 50.47
N HIS R 10 23.61 13.78 50.21
CA HIS R 10 23.18 12.65 51.04
C HIS R 10 23.53 12.87 52.51
N ARG R 11 24.74 13.37 52.76
CA ARG R 11 25.20 13.62 54.14
C ARG R 11 24.38 14.72 54.80
N SER R 12 23.63 15.45 53.99
CA SER R 12 22.81 16.55 54.51
C SER R 12 21.40 16.14 54.88
N LEU R 13 21.08 14.86 54.73
CA LEU R 13 19.74 14.39 55.10
C LEU R 13 19.46 14.72 56.57
N ASP R 14 18.26 15.23 56.83
CA ASP R 14 17.81 15.64 58.16
C ASP R 14 18.67 16.75 58.77
N LYS R 15 19.27 17.57 57.93
CA LYS R 15 20.10 18.69 58.37
C LYS R 15 19.65 19.93 57.61
N ASP R 16 19.89 21.11 58.16
CA ASP R 16 19.46 22.34 57.48
C ASP R 16 20.29 22.64 56.24
N VAL R 17 19.63 23.14 55.21
CA VAL R 17 20.31 23.47 53.97
C VAL R 17 19.70 24.72 53.36
N LEU R 18 20.49 25.35 52.50
CA LEU R 18 20.07 26.53 51.78
C LEU R 18 20.04 26.08 50.31
N VAL R 19 18.93 26.29 49.64
CA VAL R 19 18.81 25.95 48.22
C VAL R 19 18.70 27.31 47.53
N ILE R 20 19.74 27.66 46.78
CA ILE R 20 19.80 28.95 46.10
C ILE R 20 19.23 28.84 44.69
N LEU R 21 18.29 29.72 44.36
CA LEU R 21 17.66 29.75 43.05
C LEU R 21 18.11 31.03 42.35
N LYS R 22 17.37 31.42 41.31
CA LYS R 22 17.69 32.64 40.58
C LYS R 22 16.73 33.73 41.04
N LYS R 23 17.15 35.00 40.86
CA LYS R 23 16.37 36.18 41.24
C LYS R 23 16.64 36.63 42.69
N GLY R 24 17.65 36.05 43.32
CA GLY R 24 17.94 36.43 44.70
C GLY R 24 16.98 35.69 45.63
N PHE R 25 16.29 34.70 45.08
CA PHE R 25 15.37 33.89 45.85
C PHE R 25 16.10 32.65 46.36
N GLU R 26 15.69 32.16 47.53
CA GLU R 26 16.29 30.98 48.10
C GLU R 26 15.30 30.30 49.03
N PHE R 27 15.52 29.01 49.27
CA PHE R 27 14.70 28.23 50.19
C PHE R 27 15.66 27.76 51.27
N ARG R 28 15.17 27.68 52.49
CA ARG R 28 15.96 27.23 53.62
C ARG R 28 15.08 26.18 54.30
N GLY R 29 15.67 25.06 54.72
CA GLY R 29 14.84 24.06 55.37
C GLY R 29 15.59 22.80 55.69
N ARG R 30 14.89 21.83 56.28
CA ARG R 30 15.49 20.54 56.63
C ARG R 30 15.41 19.59 55.43
N LEU R 31 16.56 19.12 54.95
CA LEU R 31 16.59 18.21 53.80
C LEU R 31 16.15 16.83 54.27
N ILE R 32 15.11 16.30 53.65
CA ILE R 32 14.58 14.99 54.02
C ILE R 32 14.50 14.04 52.83
N GLY R 33 14.84 14.51 51.64
CA GLY R 33 14.81 13.65 50.48
C GLY R 33 15.41 14.29 49.25
N TYR R 34 15.76 13.47 48.25
CA TYR R 34 16.33 13.98 47.02
C TYR R 34 16.38 12.87 45.97
N ASP R 35 16.74 13.24 44.74
CA ASP R 35 16.88 12.22 43.70
C ASP R 35 18.06 12.55 42.83
N ILE R 36 18.36 11.65 41.90
CA ILE R 36 19.52 11.83 41.04
C ILE R 36 19.55 13.12 40.23
N HIS R 37 18.38 13.69 39.95
CA HIS R 37 18.27 14.93 39.19
C HIS R 37 18.48 16.19 40.05
N LEU R 38 18.81 15.97 41.32
CA LEU R 38 19.00 17.04 42.30
C LEU R 38 17.69 17.76 42.63
N ASN R 39 16.58 17.05 42.43
CA ASN R 39 15.28 17.57 42.84
C ASN R 39 15.37 17.26 44.35
N VAL R 40 14.93 18.18 45.19
CA VAL R 40 15.05 17.94 46.63
C VAL R 40 13.72 18.15 47.37
N VAL R 41 13.64 17.61 48.59
CA VAL R 41 12.44 17.73 49.41
C VAL R 41 12.89 18.36 50.73
N LEU R 42 12.25 19.45 51.11
CA LEU R 42 12.60 20.12 52.36
C LEU R 42 11.40 20.10 53.30
N ALA R 43 11.68 19.97 54.60
CA ALA R 43 10.61 19.98 55.59
C ALA R 43 10.77 21.31 56.35
N ASP R 44 9.66 21.85 56.84
CA ASP R 44 9.68 23.11 57.59
C ASP R 44 10.54 24.12 56.84
N ALA R 45 10.19 24.34 55.58
CA ALA R 45 10.95 25.24 54.73
C ALA R 45 10.41 26.66 54.72
N GLU R 46 11.26 27.58 54.31
CA GLU R 46 10.86 28.98 54.18
C GLU R 46 11.42 29.51 52.86
N MET R 47 10.63 30.35 52.19
CA MET R 47 11.08 30.97 50.95
C MET R 47 11.67 32.30 51.39
N ILE R 48 12.87 32.61 50.92
CA ILE R 48 13.54 33.86 51.29
C ILE R 48 13.75 34.74 50.07
N GLN R 49 13.48 36.02 50.23
CA GLN R 49 13.64 37.01 49.17
C GLN R 49 14.17 38.29 49.81
N ASP R 50 15.23 38.84 49.26
CA ASP R 50 15.78 40.07 49.81
C ASP R 50 16.30 39.82 51.23
N GLY R 51 16.49 38.55 51.58
CA GLY R 51 16.99 38.21 52.90
C GLY R 51 15.87 38.10 53.92
N GLU R 52 14.64 38.24 53.45
CA GLU R 52 13.47 38.17 54.32
C GLU R 52 12.56 37.02 53.93
N VAL R 53 12.10 36.27 54.93
CA VAL R 53 11.20 35.15 54.73
C VAL R 53 9.91 35.71 54.11
N VAL R 54 9.44 35.11 53.02
CA VAL R 54 8.22 35.58 52.35
C VAL R 54 7.11 34.55 52.38
N LYS R 55 7.47 33.31 52.70
CA LYS R 55 6.47 32.25 52.79
C LYS R 55 7.05 31.05 53.49
N ARG R 56 6.17 30.24 54.05
CA ARG R 56 6.59 29.05 54.77
C ARG R 56 5.87 27.79 54.25
N TYR R 57 6.55 26.66 54.29
CA TYR R 57 5.94 25.43 53.83
C TYR R 57 6.30 24.30 54.78
N GLY R 58 5.32 23.47 55.10
CA GLY R 58 5.59 22.33 55.98
C GLY R 58 6.47 21.34 55.23
N LYS R 59 6.15 21.13 53.96
CA LYS R 59 6.93 20.22 53.12
C LYS R 59 6.91 20.72 51.68
N ILE R 60 8.07 20.68 51.03
CA ILE R 60 8.14 21.17 49.65
C ILE R 60 9.17 20.42 48.80
N VAL R 61 8.77 20.12 47.57
CA VAL R 61 9.62 19.43 46.60
C VAL R 61 10.07 20.50 45.60
N ILE R 62 11.38 20.69 45.51
CA ILE R 62 11.96 21.69 44.62
C ILE R 62 12.64 20.99 43.43
N ARG R 63 12.33 21.42 42.22
CA ARG R 63 12.95 20.80 41.03
C ARG R 63 14.38 21.28 40.83
N GLY R 64 15.29 20.33 40.65
CA GLY R 64 16.69 20.67 40.49
C GLY R 64 17.02 21.59 39.33
N ASP R 65 16.19 21.58 38.30
CA ASP R 65 16.41 22.41 37.11
C ASP R 65 16.47 23.90 37.40
N ASN R 66 15.82 24.35 38.45
CA ASN R 66 15.83 25.76 38.78
C ASN R 66 16.88 26.07 39.85
N VAL R 67 17.61 25.06 40.29
CA VAL R 67 18.59 25.27 41.34
C VAL R 67 19.98 25.73 40.90
N LEU R 68 20.47 26.78 41.55
CA LEU R 68 21.80 27.28 41.27
C LEU R 68 22.80 26.52 42.14
N ALA R 69 22.48 26.40 43.43
CA ALA R 69 23.36 25.71 44.36
C ALA R 69 22.65 25.26 45.62
N ILE R 70 23.32 24.40 46.38
CA ILE R 70 22.77 23.91 47.63
C ILE R 70 23.94 23.91 48.59
N SER R 71 23.70 24.47 49.78
CA SER R 71 24.74 24.55 50.80
C SER R 71 24.25 24.02 52.14
N PRO R 72 25.00 23.09 52.76
CA PRO R 72 24.57 22.57 54.05
C PRO R 72 24.84 23.70 55.06
N THR R 73 23.88 24.01 55.92
CA THR R 73 24.07 25.04 56.92
C THR R 73 25.08 24.57 57.97
N GLU S 3 44.57 17.80 26.99
CA GLU S 3 44.13 18.23 28.36
C GLU S 3 42.62 18.46 28.36
N ARG S 4 41.86 17.37 28.42
CA ARG S 4 40.39 17.43 28.42
C ARG S 4 39.80 18.21 29.60
N PRO S 5 38.62 18.82 29.40
CA PRO S 5 37.94 19.58 30.44
C PRO S 5 37.91 18.87 31.79
N LEU S 6 37.51 17.59 31.79
CA LEU S 6 37.48 16.83 33.04
C LEU S 6 38.87 16.58 33.61
N ASP S 7 39.88 16.52 32.76
CA ASP S 7 41.27 16.30 33.20
C ASP S 7 41.70 17.53 34.00
N VAL S 8 41.46 18.71 33.43
CA VAL S 8 41.82 19.94 34.11
C VAL S 8 41.06 20.07 35.43
N ILE S 9 39.77 19.77 35.43
CA ILE S 9 38.99 19.85 36.67
C ILE S 9 39.56 18.92 37.72
N HIS S 10 39.75 17.66 37.35
CA HIS S 10 40.29 16.68 38.27
C HIS S 10 41.63 17.13 38.86
N ARG S 11 42.47 17.71 38.02
CA ARG S 11 43.79 18.18 38.42
C ARG S 11 43.69 19.36 39.40
N SER S 12 42.62 20.13 39.29
CA SER S 12 42.41 21.28 40.16
C SER S 12 41.90 20.88 41.55
N LEU S 13 41.63 19.59 41.76
CA LEU S 13 41.12 19.16 43.06
C LEU S 13 42.01 19.64 44.21
N ASP S 14 41.36 19.95 45.34
CA ASP S 14 42.03 20.43 46.53
C ASP S 14 42.74 21.78 46.33
N LYS S 15 42.47 22.43 45.19
CA LYS S 15 43.05 23.74 44.88
C LYS S 15 41.97 24.80 44.67
N ASP S 16 42.37 26.06 44.69
CA ASP S 16 41.46 27.20 44.52
C ASP S 16 41.02 27.38 43.07
N VAL S 17 39.71 27.51 42.88
CA VAL S 17 39.17 27.69 41.54
C VAL S 17 38.15 28.82 41.50
N LEU S 18 37.94 29.35 40.31
CA LEU S 18 36.95 30.39 40.06
C LEU S 18 35.88 29.73 39.20
N VAL S 19 34.63 29.81 39.64
CA VAL S 19 33.49 29.27 38.91
C VAL S 19 32.65 30.45 38.44
N ILE S 20 32.77 30.78 37.15
CA ILE S 20 32.06 31.91 36.56
C ILE S 20 30.63 31.51 36.18
N LEU S 21 29.66 32.30 36.65
CA LEU S 21 28.25 32.03 36.37
C LEU S 21 27.71 32.99 35.32
N LYS S 22 26.59 32.63 34.72
CA LYS S 22 25.96 33.47 33.71
C LYS S 22 25.23 34.64 34.39
N LYS S 23 26.00 35.58 34.94
CA LYS S 23 25.44 36.74 35.62
C LYS S 23 26.48 37.85 35.84
N GLY S 24 27.71 37.43 36.09
CA GLY S 24 28.79 38.36 36.38
C GLY S 24 29.19 37.96 37.79
N PHE S 25 28.29 37.16 38.38
CA PHE S 25 28.46 36.61 39.71
C PHE S 25 29.35 35.39 39.55
N GLU S 26 30.12 35.08 40.58
CA GLU S 26 30.96 33.91 40.50
C GLU S 26 31.19 33.37 41.89
N PHE S 27 31.71 32.16 41.94
CA PHE S 27 32.02 31.54 43.21
C PHE S 27 33.53 31.36 43.20
N ARG S 28 34.13 31.46 44.38
CA ARG S 28 35.56 31.28 44.55
C ARG S 28 35.68 30.29 45.69
N GLY S 29 36.59 29.33 45.56
CA GLY S 29 36.73 28.36 46.63
C GLY S 29 37.68 27.23 46.28
N ARG S 30 37.84 26.31 47.22
CA ARG S 30 38.70 25.14 47.06
C ARG S 30 37.86 24.00 46.50
N LEU S 31 38.21 23.51 45.31
CA LEU S 31 37.46 22.43 44.70
C LEU S 31 37.71 21.12 45.45
N ILE S 32 36.66 20.51 45.95
CA ILE S 32 36.82 19.25 46.66
C ILE S 32 36.05 18.12 46.03
N GLY S 33 35.34 18.41 44.93
CA GLY S 33 34.58 17.37 44.28
C GLY S 33 33.85 17.84 43.03
N TYR S 34 33.44 16.89 42.20
CA TYR S 34 32.71 17.18 40.97
C TYR S 34 32.11 15.89 40.45
N ASP S 35 31.29 16.00 39.40
CA ASP S 35 30.73 14.81 38.77
C ASP S 35 30.80 15.02 37.27
N ILE S 36 30.37 14.03 36.51
CA ILE S 36 30.45 14.13 35.06
C ILE S 36 29.68 15.31 34.43
N HIS S 37 28.64 15.77 35.11
CA HIS S 37 27.81 16.88 34.63
C HIS S 37 28.45 18.23 34.92
N LEU S 38 29.62 18.18 35.53
CA LEU S 38 30.36 19.37 35.91
C LEU S 38 29.66 20.13 37.03
N ASN S 39 28.91 19.40 37.84
CA ASN S 39 28.33 19.97 39.06
C ASN S 39 29.60 19.87 39.90
N VAL S 40 29.88 20.85 40.73
CA VAL S 40 31.09 20.81 41.54
C VAL S 40 30.78 21.14 43.00
N VAL S 41 31.73 20.83 43.89
CA VAL S 41 31.59 21.09 45.32
C VAL S 41 32.77 21.94 45.75
N LEU S 42 32.51 23.06 46.41
CA LEU S 42 33.57 23.95 46.86
C LEU S 42 33.56 24.09 48.39
N ALA S 43 34.74 24.23 48.99
CA ALA S 43 34.82 24.40 50.45
C ALA S 43 35.37 25.81 50.70
N ASP S 44 34.99 26.40 51.83
CA ASP S 44 35.43 27.76 52.20
C ASP S 44 35.26 28.63 50.95
N ALA S 45 34.02 28.67 50.48
CA ALA S 45 33.65 29.38 49.25
C ALA S 45 33.06 30.76 49.47
N GLU S 46 33.19 31.59 48.44
CA GLU S 46 32.63 32.94 48.48
C GLU S 46 31.84 33.22 47.19
N MET S 47 30.69 33.83 47.34
CA MET S 47 29.90 34.26 46.18
C MET S 47 30.46 35.67 45.97
N ILE S 48 30.90 35.96 44.75
CA ILE S 48 31.49 37.25 44.47
C ILE S 48 30.78 38.01 43.37
N GLN S 49 30.72 39.33 43.53
CA GLN S 49 30.13 40.20 42.51
C GLN S 49 31.13 41.34 42.28
N ASP S 50 31.62 41.45 41.05
CA ASP S 50 32.57 42.50 40.72
C ASP S 50 33.77 42.52 41.67
N GLY S 51 34.29 41.34 42.00
CA GLY S 51 35.44 41.27 42.89
C GLY S 51 35.12 41.41 44.37
N GLU S 52 33.86 41.66 44.71
CA GLU S 52 33.47 41.82 46.10
C GLU S 52 32.71 40.60 46.62
N VAL S 53 33.04 40.19 47.85
CA VAL S 53 32.39 39.05 48.50
C VAL S 53 31.02 39.48 49.01
N VAL S 54 29.96 38.80 48.57
CA VAL S 54 28.61 39.14 49.01
C VAL S 54 28.00 38.05 49.89
N LYS S 55 28.61 36.88 49.89
CA LYS S 55 28.15 35.76 50.73
C LYS S 55 29.26 34.73 50.90
N ARG S 56 29.20 33.95 51.99
CA ARG S 56 30.20 32.92 52.26
C ARG S 56 29.51 31.60 52.59
N TYR S 57 30.20 30.49 52.29
CA TYR S 57 29.65 29.19 52.60
C TYR S 57 30.78 28.26 53.00
N GLY S 58 30.52 27.44 54.02
CA GLY S 58 31.52 26.49 54.47
C GLY S 58 31.74 25.50 53.34
N LYS S 59 30.63 25.02 52.78
CA LYS S 59 30.67 24.08 51.67
C LYS S 59 29.45 24.35 50.77
N ILE S 60 29.64 24.22 49.46
CA ILE S 60 28.52 24.45 48.56
C ILE S 60 28.63 23.62 47.29
N VAL S 61 27.50 23.07 46.86
CA VAL S 61 27.44 22.26 45.64
C VAL S 61 26.81 23.15 44.58
N ILE S 62 27.52 23.38 43.47
CA ILE S 62 27.01 24.25 42.40
C ILE S 62 26.64 23.40 41.19
N ARG S 63 25.41 23.57 40.68
CA ARG S 63 24.95 22.83 39.51
C ARG S 63 25.61 23.31 38.23
N GLY S 64 26.19 22.37 37.50
CA GLY S 64 26.91 22.70 36.30
C GLY S 64 26.12 23.39 35.21
N ASP S 65 24.80 23.21 35.19
CA ASP S 65 23.97 23.81 34.17
C ASP S 65 24.05 25.34 34.14
N ASN S 66 24.36 25.96 35.27
CA ASN S 66 24.43 27.41 35.34
C ASN S 66 25.85 27.96 35.20
N VAL S 67 26.82 27.07 35.03
CA VAL S 67 28.21 27.48 34.92
C VAL S 67 28.67 27.87 33.53
N LEU S 68 29.33 29.02 33.45
CA LEU S 68 29.88 29.49 32.17
C LEU S 68 31.28 28.91 31.99
N ALA S 69 32.08 29.03 33.04
CA ALA S 69 33.45 28.56 32.99
C ALA S 69 34.03 28.30 34.37
N ILE S 70 35.14 27.58 34.40
CA ILE S 70 35.84 27.27 35.63
C ILE S 70 37.32 27.49 35.39
N SER S 71 37.96 28.25 36.27
CA SER S 71 39.39 28.52 36.12
C SER S 71 40.11 28.30 37.44
N PRO S 72 41.13 27.42 37.44
CA PRO S 72 41.85 27.20 38.69
C PRO S 72 42.75 28.41 38.90
N THR S 73 42.74 28.95 40.11
CA THR S 73 43.57 30.11 40.43
C THR S 73 44.31 29.86 41.75
N GLU T 3 35.79 18.09 6.85
CA GLU T 3 35.93 19.21 7.82
C GLU T 3 34.71 19.34 8.74
N ARG T 4 34.50 18.31 9.55
CA ARG T 4 33.40 18.29 10.49
C ARG T 4 33.78 19.25 11.60
N PRO T 5 32.78 19.70 12.39
CA PRO T 5 33.05 20.62 13.50
C PRO T 5 34.14 20.11 14.44
N LEU T 6 34.08 18.83 14.81
CA LEU T 6 35.09 18.29 15.71
C LEU T 6 36.48 18.12 15.08
N ASP T 7 36.56 18.07 13.75
CA ASP T 7 37.85 17.94 13.09
C ASP T 7 38.53 19.31 13.09
N VAL T 8 37.74 20.34 12.80
CA VAL T 8 38.21 21.72 12.79
C VAL T 8 38.70 22.09 14.18
N ILE T 9 38.01 21.63 15.22
CA ILE T 9 38.43 21.94 16.59
C ILE T 9 39.65 21.12 16.96
N HIS T 10 39.67 19.85 16.56
CA HIS T 10 40.82 19.00 16.85
C HIS T 10 42.13 19.56 16.26
N ARG T 11 42.06 20.08 15.03
CA ARG T 11 43.27 20.59 14.38
C ARG T 11 43.64 21.99 14.82
N SER T 12 42.84 22.58 15.71
CA SER T 12 43.11 23.91 16.22
C SER T 12 43.88 23.80 17.53
N LEU T 13 44.11 22.57 17.99
CA LEU T 13 44.85 22.36 19.23
C LEU T 13 46.19 23.07 19.15
N ASP T 14 46.63 23.62 20.28
CA ASP T 14 47.88 24.36 20.35
C ASP T 14 47.86 25.61 19.45
N LYS T 15 46.68 26.01 19.00
CA LYS T 15 46.56 27.21 18.17
C LYS T 15 45.60 28.19 18.81
N ASP T 16 45.73 29.47 18.47
CA ASP T 16 44.85 30.48 19.05
C ASP T 16 43.46 30.42 18.45
N VAL T 17 42.44 30.55 19.30
CA VAL T 17 41.06 30.51 18.84
C VAL T 17 40.22 31.59 19.51
N LEU T 18 39.08 31.88 18.90
CA LEU T 18 38.16 32.85 19.46
C LEU T 18 36.91 32.05 19.84
N VAL T 19 36.44 32.22 21.07
CA VAL T 19 35.24 31.52 21.53
C VAL T 19 34.17 32.60 21.75
N ILE T 20 33.19 32.67 20.86
CA ILE T 20 32.14 33.66 20.94
C ILE T 20 30.99 33.14 21.80
N LEU T 21 30.62 33.89 22.82
CA LEU T 21 29.55 33.46 23.72
C LEU T 21 28.20 34.09 23.38
N LYS T 22 27.13 33.35 23.71
CA LYS T 22 25.76 33.80 23.48
C LYS T 22 25.47 34.93 24.46
N LYS T 23 26.51 35.55 25.00
CA LYS T 23 26.35 36.61 25.98
C LYS T 23 26.66 38.02 25.51
N GLY T 24 27.47 38.14 24.45
CA GLY T 24 27.83 39.45 23.96
C GLY T 24 29.33 39.67 24.07
N PHE T 25 30.01 38.73 24.72
CA PHE T 25 31.45 38.81 24.87
C PHE T 25 32.11 37.50 24.43
N GLU T 26 33.42 37.45 24.47
CA GLU T 26 34.11 36.24 24.04
C GLU T 26 35.43 36.02 24.77
N PHE T 27 35.98 34.81 24.59
CA PHE T 27 37.26 34.45 25.17
C PHE T 27 38.22 34.21 24.01
N ARG T 28 39.48 34.62 24.19
CA ARG T 28 40.54 34.42 23.20
C ARG T 28 41.67 33.73 23.95
N GLY T 29 42.28 32.73 23.33
CA GLY T 29 43.37 32.02 23.99
C GLY T 29 43.87 30.87 23.14
N ARG T 30 44.77 30.06 23.68
CA ARG T 30 45.30 28.92 22.93
C ARG T 30 44.51 27.66 23.29
N LEU T 31 43.93 27.01 22.29
CA LEU T 31 43.15 25.80 22.55
C LEU T 31 44.07 24.64 22.94
N ILE T 32 43.88 24.09 24.15
CA ILE T 32 44.71 22.95 24.56
C ILE T 32 43.90 21.71 24.89
N GLY T 33 42.58 21.79 24.80
CA GLY T 33 41.75 20.65 25.09
C GLY T 33 40.28 20.85 24.76
N TYR T 34 39.53 19.76 24.66
CA TYR T 34 38.12 19.83 24.33
C TYR T 34 37.47 18.47 24.52
N ASP T 35 36.16 18.41 24.39
CA ASP T 35 35.45 17.13 24.48
C ASP T 35 34.32 17.13 23.47
N ILE T 36 33.61 16.01 23.40
CA ILE T 36 32.54 15.87 22.44
C ILE T 36 31.36 16.82 22.61
N HIS T 37 31.25 17.44 23.78
CA HIS T 37 30.14 18.37 24.04
C HIS T 37 30.55 19.77 23.64
N LEU T 38 31.77 19.88 23.12
CA LEU T 38 32.34 21.15 22.72
C LEU T 38 32.72 22.01 23.94
N ASN T 39 32.93 21.38 25.08
CA ASN T 39 33.44 22.12 26.24
C ASN T 39 34.90 22.29 25.80
N VAL T 40 35.49 23.46 25.96
CA VAL T 40 36.89 23.66 25.56
C VAL T 40 37.77 24.17 26.70
N VAL T 41 39.08 24.01 26.54
CA VAL T 41 40.05 24.46 27.54
C VAL T 41 41.01 25.41 26.81
N LEU T 42 41.19 26.62 27.35
CA LEU T 42 42.07 27.61 26.74
C LEU T 42 43.20 27.99 27.66
N ALA T 43 44.38 28.20 27.09
CA ALA T 43 45.56 28.60 27.87
C ALA T 43 45.81 30.08 27.59
N ASP T 44 46.31 30.80 28.60
CA ASP T 44 46.59 32.22 28.43
C ASP T 44 45.42 32.92 27.74
N ALA T 45 44.25 32.76 28.34
CA ALA T 45 43.02 33.32 27.79
C ALA T 45 42.69 34.70 28.29
N GLU T 46 41.96 35.43 27.45
CA GLU T 46 41.53 36.78 27.79
C GLU T 46 40.03 36.90 27.53
N MET T 47 39.29 37.40 28.52
CA MET T 47 37.86 37.62 28.34
C MET T 47 37.78 38.98 27.67
N ILE T 48 37.03 39.05 26.56
CA ILE T 48 36.91 40.31 25.85
C ILE T 48 35.46 40.78 25.80
N GLN T 49 35.25 42.03 26.19
CA GLN T 49 33.91 42.61 26.18
C GLN T 49 33.98 43.91 25.39
N ASP T 50 33.23 43.97 24.30
CA ASP T 50 33.18 45.16 23.45
C ASP T 50 34.57 45.52 22.93
N GLY T 51 35.26 44.53 22.39
CA GLY T 51 36.59 44.75 21.84
C GLY T 51 37.67 45.17 22.82
N GLU T 52 37.45 44.91 24.11
CA GLU T 52 38.44 45.28 25.11
C GLU T 52 38.61 44.18 26.16
N VAL T 53 39.86 43.94 26.55
CA VAL T 53 40.16 42.90 27.54
C VAL T 53 39.73 43.34 28.92
N VAL T 54 38.92 42.52 29.59
CA VAL T 54 38.45 42.87 30.91
C VAL T 54 38.82 41.83 31.96
N LYS T 55 39.56 40.80 31.53
CA LYS T 55 39.98 39.75 32.46
C LYS T 55 40.91 38.78 31.77
N ARG T 56 41.87 38.23 32.52
CA ARG T 56 42.83 37.29 31.96
C ARG T 56 42.85 36.02 32.79
N TYR T 57 43.14 34.89 32.15
CA TYR T 57 43.21 33.62 32.84
C TYR T 57 44.37 32.80 32.31
N GLY T 58 45.11 32.17 33.21
CA GLY T 58 46.22 31.34 32.79
C GLY T 58 45.67 30.10 32.11
N LYS T 59 44.54 29.62 32.62
CA LYS T 59 43.89 28.43 32.07
C LYS T 59 42.40 28.48 32.40
N ILE T 60 41.54 28.21 31.42
CA ILE T 60 40.11 28.26 31.69
C ILE T 60 39.33 27.18 30.92
N VAL T 61 38.37 26.57 31.60
CA VAL T 61 37.51 25.55 31.02
C VAL T 61 36.15 26.18 30.77
N ILE T 62 35.76 26.28 29.51
CA ILE T 62 34.50 26.90 29.10
C ILE T 62 33.46 25.85 28.70
N ARG T 63 32.25 25.94 29.27
CA ARG T 63 31.20 24.98 28.93
C ARG T 63 30.60 25.27 27.57
N GLY T 64 30.54 24.23 26.74
CA GLY T 64 30.02 24.40 25.39
C GLY T 64 28.60 24.89 25.27
N ASP T 65 27.78 24.64 26.28
CA ASP T 65 26.37 25.06 26.24
C ASP T 65 26.18 26.57 26.12
N ASN T 66 27.19 27.35 26.47
CA ASN T 66 27.10 28.81 26.37
C ASN T 66 27.78 29.39 25.14
N VAL T 67 28.35 28.50 24.33
CA VAL T 67 29.11 28.92 23.15
C VAL T 67 28.30 29.10 21.89
N LEU T 68 28.49 30.23 21.23
CA LEU T 68 27.79 30.48 19.97
C LEU T 68 28.66 29.87 18.87
N ALA T 69 29.95 30.19 18.89
CA ALA T 69 30.86 29.70 17.86
C ALA T 69 32.30 29.72 18.32
N ILE T 70 33.15 29.10 17.52
CA ILE T 70 34.59 29.03 17.78
C ILE T 70 35.27 29.26 16.43
N SER T 71 36.21 30.20 16.39
CA SER T 71 36.90 30.50 15.15
C SER T 71 38.42 30.46 15.33
N PRO T 72 39.10 29.52 14.67
CA PRO T 72 40.55 29.43 14.81
C PRO T 72 41.23 30.67 14.24
N THR T 73 42.14 31.26 15.01
CA THR T 73 42.86 32.44 14.57
C THR T 73 43.75 32.07 13.38
N GLU U 3 12.95 15.47 0.81
CA GLU U 3 14.26 16.16 1.08
C GLU U 3 14.40 16.50 2.54
N ARG U 4 15.00 15.57 3.28
CA ARG U 4 15.21 15.73 4.72
C ARG U 4 16.17 16.87 4.98
N PRO U 5 16.06 17.49 6.17
CA PRO U 5 16.93 18.61 6.56
C PRO U 5 18.42 18.36 6.27
N LEU U 6 18.91 17.19 6.68
CA LEU U 6 20.32 16.84 6.49
C LEU U 6 20.70 16.61 5.03
N ASP U 7 19.73 16.21 4.21
CA ASP U 7 20.01 16.00 2.80
C ASP U 7 20.28 17.37 2.20
N VAL U 8 19.40 18.32 2.54
CA VAL U 8 19.55 19.67 2.03
C VAL U 8 20.87 20.28 2.48
N ILE U 9 21.24 20.07 3.74
CA ILE U 9 22.49 20.59 4.28
C ILE U 9 23.65 19.91 3.57
N HIS U 10 23.55 18.60 3.42
CA HIS U 10 24.60 17.86 2.74
C HIS U 10 24.80 18.36 1.30
N ARG U 11 23.70 18.63 0.60
CA ARG U 11 23.76 19.12 -0.78
C ARG U 11 24.31 20.54 -0.88
N SER U 12 24.44 21.20 0.27
CA SER U 12 24.95 22.58 0.29
C SER U 12 26.46 22.66 0.53
N LEU U 13 27.13 21.53 0.71
CA LEU U 13 28.57 21.58 0.92
C LEU U 13 29.23 22.40 -0.19
N ASP U 14 30.22 23.19 0.20
CA ASP U 14 30.97 24.07 -0.67
C ASP U 14 30.15 25.12 -1.42
N LYS U 15 28.95 25.42 -0.93
CA LYS U 15 28.08 26.42 -1.54
C LYS U 15 27.73 27.47 -0.49
N ASP U 16 27.41 28.68 -0.92
CA ASP U 16 27.08 29.73 0.03
C ASP U 16 25.75 29.48 0.75
N VAL U 17 25.74 29.77 2.06
CA VAL U 17 24.56 29.58 2.86
C VAL U 17 24.34 30.75 3.83
N LEU U 18 23.10 30.91 4.25
CA LEU U 18 22.70 31.94 5.21
C LEU U 18 22.31 31.17 6.48
N VAL U 19 22.92 31.53 7.62
CA VAL U 19 22.62 30.88 8.89
C VAL U 19 21.96 31.94 9.78
N ILE U 20 20.66 31.79 9.98
CA ILE U 20 19.91 32.75 10.77
C ILE U 20 19.99 32.36 12.25
N LEU U 21 20.38 33.33 13.07
CA LEU U 21 20.50 33.14 14.51
C LEU U 21 19.37 33.93 15.19
N LYS U 22 19.28 33.82 16.51
CA LYS U 22 18.21 34.49 17.27
C LYS U 22 18.07 36.01 17.38
N LYS U 23 19.12 36.73 17.74
CA LYS U 23 18.98 38.18 17.95
C LYS U 23 19.07 39.11 16.74
N GLY U 24 18.50 38.70 15.60
CA GLY U 24 18.59 39.55 14.42
C GLY U 24 19.98 39.41 13.85
N PHE U 25 20.70 38.40 14.32
CA PHE U 25 22.05 38.11 13.87
C PHE U 25 22.02 37.01 12.81
N GLU U 26 23.01 37.00 11.93
CA GLU U 26 23.11 35.98 10.89
C GLU U 26 24.58 35.80 10.54
N PHE U 27 24.90 34.63 9.98
CA PHE U 27 26.26 34.35 9.51
C PHE U 27 26.07 34.00 8.04
N ARG U 28 26.96 34.48 7.19
CA ARG U 28 26.91 34.17 5.77
C ARG U 28 28.28 33.61 5.44
N GLY U 29 28.33 32.58 4.61
CA GLY U 29 29.61 31.99 4.26
C GLY U 29 29.44 30.72 3.47
N ARG U 30 30.55 30.09 3.12
CA ARG U 30 30.53 28.84 2.36
C ARG U 30 30.51 27.64 3.30
N LEU U 31 29.47 26.82 3.20
CA LEU U 31 29.37 25.63 4.08
C LEU U 31 30.43 24.60 3.72
N ILE U 32 31.30 24.25 4.67
CA ILE U 32 32.34 23.27 4.38
C ILE U 32 32.32 22.05 5.28
N GLY U 33 31.34 22.00 6.20
CA GLY U 33 31.23 20.87 7.11
C GLY U 33 30.01 21.00 8.03
N TYR U 34 29.68 19.93 8.72
CA TYR U 34 28.53 19.89 9.62
C TYR U 34 28.47 18.51 10.29
N ASP U 35 27.67 18.37 11.34
CA ASP U 35 27.48 17.07 11.99
C ASP U 35 25.99 16.83 12.24
N ILE U 36 25.66 15.71 12.87
CA ILE U 36 24.26 15.38 13.11
C ILE U 36 23.50 16.35 14.04
N HIS U 37 24.22 17.18 14.79
CA HIS U 37 23.57 18.14 15.71
C HIS U 37 23.33 19.45 14.99
N LEU U 38 23.64 19.49 13.71
CA LEU U 38 23.50 20.68 12.89
C LEU U 38 24.49 21.78 13.29
N ASN U 39 25.58 21.37 13.92
CA ASN U 39 26.69 22.28 14.20
C ASN U 39 27.20 22.42 12.76
N VAL U 40 27.61 23.60 12.34
CA VAL U 40 28.10 23.75 10.96
C VAL U 40 29.43 24.47 10.95
N VAL U 41 30.15 24.34 9.83
CA VAL U 41 31.44 24.99 9.66
C VAL U 41 31.36 25.87 8.42
N LEU U 42 31.72 27.15 8.54
CA LEU U 42 31.68 28.05 7.40
C LEU U 42 33.08 28.58 7.06
N ALA U 43 33.34 28.78 5.77
CA ALA U 43 34.62 29.31 5.30
C ALA U 43 34.37 30.71 4.77
N ASP U 44 35.32 31.60 4.99
CA ASP U 44 35.21 33.00 4.55
C ASP U 44 33.83 33.56 4.87
N ALA U 45 33.49 33.50 6.15
CA ALA U 45 32.19 33.97 6.63
C ALA U 45 32.17 35.36 7.23
N GLU U 46 30.98 35.94 7.29
CA GLU U 46 30.81 37.24 7.89
C GLU U 46 29.65 37.20 8.88
N MET U 47 29.80 37.91 9.98
CA MET U 47 28.73 37.98 10.97
C MET U 47 27.92 39.23 10.60
N ILE U 48 26.61 39.08 10.52
CA ILE U 48 25.75 40.20 10.15
C ILE U 48 24.78 40.52 11.28
N GLN U 49 24.64 41.82 11.53
CA GLN U 49 23.76 42.27 12.58
C GLN U 49 22.74 43.21 11.97
N ASP U 50 21.49 42.76 11.92
CA ASP U 50 20.43 43.57 11.35
C ASP U 50 20.83 44.14 9.98
N GLY U 51 21.38 43.27 9.13
CA GLY U 51 21.76 43.70 7.79
C GLY U 51 23.16 44.25 7.57
N GLU U 52 23.86 44.62 8.63
CA GLU U 52 25.22 45.17 8.50
C GLU U 52 26.29 44.16 8.89
N VAL U 53 27.32 44.02 8.05
CA VAL U 53 28.43 43.11 8.35
C VAL U 53 29.24 43.75 9.46
N VAL U 54 29.52 42.99 10.52
CA VAL U 54 30.26 43.54 11.66
C VAL U 54 31.56 42.81 11.96
N LYS U 55 31.70 41.60 11.43
CA LYS U 55 32.90 40.81 11.65
C LYS U 55 33.11 39.81 10.53
N ARG U 56 34.36 39.38 10.36
CA ARG U 56 34.70 38.42 9.31
C ARG U 56 35.58 37.30 9.82
N TYR U 57 35.35 36.09 9.32
CA TYR U 57 36.12 34.94 9.76
C TYR U 57 36.55 34.07 8.59
N GLY U 58 37.81 33.63 8.61
CA GLY U 58 38.29 32.78 7.55
C GLY U 58 37.65 31.41 7.65
N LYS U 59 37.51 30.94 8.90
CA LYS U 59 36.92 29.65 9.22
C LYS U 59 36.15 29.77 10.55
N ILE U 60 34.92 29.28 10.59
CA ILE U 60 34.16 29.35 11.84
C ILE U 60 33.23 28.16 12.06
N VAL U 61 33.20 27.66 13.29
CA VAL U 61 32.36 26.54 13.67
C VAL U 61 31.23 27.13 14.52
N ILE U 62 30.00 26.96 14.07
CA ILE U 62 28.82 27.48 14.76
C ILE U 62 28.02 26.35 15.39
N ARG U 63 27.66 26.49 16.67
CA ARG U 63 26.89 25.42 17.30
C ARG U 63 25.44 25.49 16.91
N GLY U 64 24.93 24.36 16.44
CA GLY U 64 23.56 24.26 15.99
C GLY U 64 22.50 24.68 16.99
N ASP U 65 22.79 24.53 18.28
CA ASP U 65 21.78 24.91 19.28
C ASP U 65 21.33 26.37 19.18
N ASN U 66 22.15 27.22 18.58
CA ASN U 66 21.80 28.64 18.45
C ASN U 66 21.17 28.99 17.10
N VAL U 67 21.10 28.01 16.23
CA VAL U 67 20.59 28.25 14.88
C VAL U 67 19.07 28.19 14.74
N LEU U 68 18.52 29.17 14.03
CA LEU U 68 17.09 29.23 13.78
C LEU U 68 16.83 28.53 12.44
N ALA U 69 17.58 28.93 11.41
CA ALA U 69 17.39 28.34 10.10
C ALA U 69 18.67 28.44 9.28
N ILE U 70 18.76 27.64 8.22
CA ILE U 70 19.90 27.65 7.30
C ILE U 70 19.29 27.61 5.91
N SER U 71 19.75 28.48 5.04
CA SER U 71 19.21 28.54 3.68
C SER U 71 20.27 28.62 2.61
N PRO U 72 20.29 27.66 1.67
CA PRO U 72 21.29 27.67 0.60
C PRO U 72 21.05 28.96 -0.20
N THR U 73 22.11 29.74 -0.41
CA THR U 73 21.96 31.00 -1.14
C THR U 73 22.17 30.86 -2.64
N GLU V 3 -4.94 11.29 14.62
CA GLU V 3 -3.96 12.06 13.78
C GLU V 3 -2.83 12.57 14.66
N ARG V 4 -1.74 11.82 14.69
CA ARG V 4 -0.59 12.19 15.49
C ARG V 4 0.15 13.34 14.84
N PRO V 5 0.90 14.11 15.65
CA PRO V 5 1.66 15.24 15.15
C PRO V 5 2.45 14.92 13.88
N LEU V 6 3.16 13.80 13.87
CA LEU V 6 3.96 13.41 12.71
C LEU V 6 3.12 12.99 11.50
N ASP V 7 1.91 12.49 11.76
CA ASP V 7 1.00 12.07 10.68
C ASP V 7 0.60 13.32 9.92
N VAL V 8 0.18 14.32 10.67
CA VAL V 8 -0.23 15.58 10.08
C VAL V 8 0.91 16.21 9.29
N ILE V 9 2.13 16.18 9.83
CA ILE V 9 3.28 16.76 9.14
C ILE V 9 3.57 15.97 7.87
N HIS V 10 3.48 14.65 7.97
CA HIS V 10 3.74 13.81 6.81
C HIS V 10 2.74 14.07 5.69
N ARG V 11 1.46 14.21 6.05
CA ARG V 11 0.41 14.45 5.06
C ARG V 11 0.56 15.84 4.42
N SER V 12 1.30 16.73 5.08
CA SER V 12 1.50 18.08 4.57
C SER V 12 2.65 18.21 3.57
N LEU V 13 3.31 17.11 3.23
CA LEU V 13 4.40 17.18 2.27
C LEU V 13 3.84 17.71 0.94
N ASP V 14 4.60 18.61 0.33
CA ASP V 14 4.24 19.26 -0.91
C ASP V 14 3.01 20.16 -0.83
N LYS V 15 2.63 20.52 0.41
CA LYS V 15 1.49 21.41 0.62
C LYS V 15 2.00 22.67 1.32
N ASP V 16 1.18 23.71 1.37
CA ASP V 16 1.62 24.93 2.03
C ASP V 16 1.46 24.84 3.54
N VAL V 17 2.47 25.29 4.27
CA VAL V 17 2.40 25.27 5.72
C VAL V 17 2.93 26.58 6.31
N LEU V 18 2.44 26.89 7.49
CA LEU V 18 2.84 28.07 8.24
C LEU V 18 3.62 27.49 9.43
N VAL V 19 4.84 27.98 9.63
CA VAL V 19 5.70 27.53 10.74
C VAL V 19 5.88 28.72 11.66
N ILE V 20 5.26 28.67 12.82
CA ILE V 20 5.35 29.75 13.77
C ILE V 20 6.51 29.49 14.73
N LEU V 21 7.43 30.45 14.85
CA LEU V 21 8.52 30.27 15.80
C LEU V 21 8.23 30.98 17.13
N LYS V 22 8.98 30.62 18.16
CA LYS V 22 8.86 31.16 19.52
C LYS V 22 8.30 32.58 19.74
N LYS V 23 7.89 33.26 18.67
CA LYS V 23 7.35 34.61 18.77
C LYS V 23 6.21 34.81 17.75
N GLY V 24 6.08 36.06 17.26
CA GLY V 24 5.08 36.39 16.26
C GLY V 24 5.89 36.46 14.97
N PHE V 25 6.91 35.63 14.98
CA PHE V 25 7.91 35.46 13.93
C PHE V 25 7.51 34.16 13.21
N GLU V 26 7.33 34.21 11.88
CA GLU V 26 6.93 32.99 11.19
C GLU V 26 7.45 32.83 9.77
N PHE V 27 7.38 31.61 9.28
CA PHE V 27 7.81 31.27 7.93
C PHE V 27 6.62 30.57 7.26
N ARG V 28 6.46 30.81 5.95
CA ARG V 28 5.40 30.17 5.21
C ARG V 28 6.05 29.63 3.94
N GLY V 29 5.64 28.45 3.49
CA GLY V 29 6.22 27.88 2.30
C GLY V 29 5.68 26.51 2.04
N ARG V 30 6.24 25.85 1.02
CA ARG V 30 5.82 24.51 0.66
C ARG V 30 6.66 23.49 1.44
N LEU V 31 6.02 22.65 2.24
CA LEU V 31 6.80 21.64 2.99
C LEU V 31 7.32 20.55 2.05
N ILE V 32 8.64 20.41 1.98
CA ILE V 32 9.24 19.38 1.14
C ILE V 32 10.02 18.31 1.90
N GLY V 33 10.22 18.52 3.21
CA GLY V 33 10.92 17.53 4.01
C GLY V 33 10.89 17.82 5.50
N TYR V 34 11.13 16.80 6.31
CA TYR V 34 11.13 16.97 7.76
C TYR V 34 11.86 15.78 8.39
N ASP V 35 12.18 15.87 9.68
CA ASP V 35 12.78 14.73 10.37
C ASP V 35 12.03 14.54 11.69
N ILE V 36 12.45 13.54 12.46
CA ILE V 36 11.78 13.22 13.72
C ILE V 36 11.87 14.31 14.80
N HIS V 37 12.80 15.25 14.66
CA HIS V 37 12.96 16.32 15.63
C HIS V 37 12.06 17.50 15.26
N LEU V 38 11.33 17.34 14.17
CA LEU V 38 10.46 18.38 13.66
C LEU V 38 11.25 19.53 13.04
N ASN V 39 12.45 19.23 12.58
CA ASN V 39 13.22 20.21 11.83
C ASN V 39 12.45 20.05 10.49
N VAL V 40 12.28 21.13 9.73
CA VAL V 40 11.55 21.04 8.47
C VAL V 40 12.29 21.77 7.34
N VAL V 41 11.89 21.49 6.11
CA VAL V 41 12.46 22.14 4.95
C VAL V 41 11.31 22.73 4.13
N LEU V 42 11.40 24.00 3.77
CA LEU V 42 10.36 24.65 2.98
C LEU V 42 10.94 25.16 1.67
N ALA V 43 10.14 25.11 0.60
CA ALA V 43 10.56 25.61 -0.71
C ALA V 43 9.72 26.86 -1.03
N ASP V 44 10.30 27.79 -1.78
CA ASP V 44 9.61 29.04 -2.14
C ASP V 44 8.94 29.57 -0.88
N ALA V 45 9.76 29.76 0.14
CA ALA V 45 9.30 30.23 1.44
C ALA V 45 9.45 31.72 1.66
N GLU V 46 8.81 32.22 2.69
CA GLU V 46 8.86 33.63 3.01
C GLU V 46 8.93 33.78 4.52
N MET V 47 9.67 34.77 4.99
CA MET V 47 9.73 35.04 6.43
C MET V 47 8.69 36.14 6.62
N ILE V 48 7.78 35.92 7.56
CA ILE V 48 6.73 36.89 7.84
C ILE V 48 6.92 37.51 9.22
N GLN V 49 6.91 38.83 9.25
CA GLN V 49 7.10 39.59 10.48
C GLN V 49 5.92 40.54 10.65
N ASP V 50 5.09 40.28 11.65
CA ASP V 50 3.90 41.11 11.91
C ASP V 50 2.95 41.13 10.71
N GLY V 51 2.72 39.97 10.12
CA GLY V 51 1.82 39.87 8.99
C GLY V 51 2.33 40.56 7.75
N GLU V 52 3.65 40.60 7.58
CA GLU V 52 4.27 41.24 6.42
C GLU V 52 5.47 40.42 5.96
N VAL V 53 5.52 40.07 4.67
CA VAL V 53 6.63 39.31 4.12
C VAL V 53 7.87 40.20 4.12
N VAL V 54 8.92 39.75 4.81
CA VAL V 54 10.16 40.51 4.88
C VAL V 54 11.31 39.87 4.11
N LYS V 55 11.12 38.64 3.65
CA LYS V 55 12.16 37.97 2.89
C LYS V 55 11.69 36.67 2.27
N ARG V 56 12.34 36.26 1.18
CA ARG V 56 12.00 35.03 0.49
C ARG V 56 13.23 34.13 0.32
N TYR V 57 13.00 32.81 0.27
CA TYR V 57 14.09 31.86 0.09
C TYR V 57 13.62 30.76 -0.84
N GLY V 58 14.52 30.27 -1.70
CA GLY V 58 14.15 29.19 -2.60
C GLY V 58 13.90 27.94 -1.76
N LYS V 59 14.81 27.71 -0.81
CA LYS V 59 14.75 26.58 0.13
C LYS V 59 15.25 27.04 1.49
N ILE V 60 14.68 26.49 2.56
CA ILE V 60 15.17 26.86 3.87
C ILE V 60 14.88 25.73 4.86
N VAL V 61 15.88 25.42 5.66
CA VAL V 61 15.81 24.40 6.70
C VAL V 61 15.60 25.12 8.04
N ILE V 62 14.53 24.79 8.74
CA ILE V 62 14.15 25.41 10.01
C ILE V 62 14.27 24.38 11.15
N ARG V 63 15.05 24.70 12.18
CA ARG V 63 15.22 23.77 13.30
C ARG V 63 14.01 23.70 14.19
N GLY V 64 13.55 22.46 14.44
CA GLY V 64 12.37 22.24 15.28
C GLY V 64 12.45 22.77 16.70
N ASP V 65 13.66 22.89 17.25
CA ASP V 65 13.83 23.36 18.63
C ASP V 65 13.26 24.77 18.89
N ASN V 66 13.08 25.57 17.85
CA ASN V 66 12.54 26.91 18.02
C ASN V 66 11.12 27.07 17.49
N VAL V 67 10.50 25.96 17.10
CA VAL V 67 9.17 26.02 16.53
C VAL V 67 8.08 25.98 17.58
N LEU V 68 7.13 26.93 17.51
CA LEU V 68 6.00 26.95 18.42
C LEU V 68 4.95 26.01 17.84
N ALA V 69 4.68 26.13 16.53
CA ALA V 69 3.67 25.31 15.90
C ALA V 69 3.77 25.30 14.38
N ILE V 70 3.04 24.37 13.77
CA ILE V 70 3.01 24.26 12.33
C ILE V 70 1.56 23.99 11.94
N SER V 71 1.08 24.70 10.91
CA SER V 71 -0.29 24.55 10.45
C SER V 71 -0.38 24.43 8.93
N PRO V 72 -0.99 23.33 8.42
CA PRO V 72 -1.12 23.18 6.96
C PRO V 72 -2.18 24.23 6.62
N THR V 73 -1.83 25.23 5.82
CA THR V 73 -2.76 26.30 5.48
C THR V 73 -3.98 25.91 4.66
N GLU W 3 -5.93 8.80 35.28
CA GLU W 3 -5.42 9.80 36.26
C GLU W 3 -4.14 10.48 35.76
N ARG W 4 -3.28 9.70 35.10
CA ARG W 4 -2.01 10.21 34.58
C ARG W 4 -2.18 11.24 33.49
N PRO W 5 -1.20 12.17 33.37
CA PRO W 5 -1.26 13.22 32.34
C PRO W 5 -1.69 12.70 30.97
N LEU W 6 -1.13 11.57 30.53
CA LEU W 6 -1.45 11.00 29.23
C LEU W 6 -2.84 10.38 29.17
N ASP W 7 -3.33 9.92 30.32
CA ASP W 7 -4.66 9.32 30.40
C ASP W 7 -5.71 10.42 30.20
N VAL W 8 -5.42 11.60 30.75
CA VAL W 8 -6.34 12.73 30.62
C VAL W 8 -6.32 13.28 29.18
N ILE W 9 -5.14 13.39 28.58
CA ILE W 9 -5.05 13.88 27.20
C ILE W 9 -5.79 12.93 26.27
N HIS W 10 -5.54 11.63 26.44
CA HIS W 10 -6.19 10.62 25.60
C HIS W 10 -7.72 10.66 25.68
N ARG W 11 -8.26 10.86 26.87
CA ARG W 11 -9.70 10.93 27.03
C ARG W 11 -10.26 12.24 26.49
N SER W 12 -9.36 13.18 26.19
CA SER W 12 -9.76 14.47 25.64
C SER W 12 -9.85 14.46 24.11
N LEU W 13 -9.47 13.35 23.48
CA LEU W 13 -9.56 13.27 22.03
C LEU W 13 -10.98 13.61 21.58
N ASP W 14 -11.07 14.49 20.57
CA ASP W 14 -12.33 14.95 19.99
C ASP W 14 -13.14 15.87 20.91
N LYS W 15 -12.50 16.32 21.98
CA LYS W 15 -13.14 17.23 22.94
C LYS W 15 -12.45 18.58 22.82
N ASP W 16 -13.03 19.61 23.40
CA ASP W 16 -12.42 20.94 23.32
C ASP W 16 -11.37 21.07 24.42
N VAL W 17 -10.24 21.70 24.09
CA VAL W 17 -9.20 21.89 25.08
C VAL W 17 -8.55 23.26 24.99
N LEU W 18 -7.99 23.70 26.11
CA LEU W 18 -7.28 24.96 26.22
C LEU W 18 -5.79 24.57 26.40
N VAL W 19 -4.93 25.12 25.55
CA VAL W 19 -3.49 24.85 25.63
C VAL W 19 -2.82 26.16 26.03
N ILE W 20 -2.36 26.23 27.26
CA ILE W 20 -1.73 27.43 27.76
C ILE W 20 -0.24 27.46 27.47
N LEU W 21 0.19 28.49 26.75
CA LEU W 21 1.58 28.64 26.36
C LEU W 21 2.39 29.44 27.37
N LYS W 22 3.70 29.25 27.33
CA LYS W 22 4.62 29.92 28.24
C LYS W 22 4.68 31.42 28.05
N LYS W 23 4.57 31.88 26.81
CA LYS W 23 4.67 33.30 26.48
C LYS W 23 3.50 34.24 26.79
N GLY W 24 2.38 33.72 27.32
CA GLY W 24 1.28 34.62 27.64
C GLY W 24 -0.02 34.44 26.88
N PHE W 25 0.02 33.68 25.79
CA PHE W 25 -1.16 33.44 25.00
C PHE W 25 -1.54 31.96 25.05
N GLU W 26 -2.67 31.62 24.45
CA GLU W 26 -3.13 30.24 24.46
C GLU W 26 -3.74 29.85 23.13
N PHE W 27 -4.00 28.56 22.99
CA PHE W 27 -4.66 28.03 21.81
C PHE W 27 -5.91 27.32 22.35
N ARG W 28 -7.00 27.38 21.57
CA ARG W 28 -8.24 26.74 21.94
C ARG W 28 -8.63 25.93 20.70
N GLY W 29 -9.06 24.70 20.89
CA GLY W 29 -9.44 23.91 19.73
C GLY W 29 -9.86 22.51 20.10
N ARG W 30 -10.22 21.73 19.09
CA ARG W 30 -10.65 20.36 19.28
C ARG W 30 -9.42 19.44 19.21
N LEU W 31 -9.11 18.78 20.31
CA LEU W 31 -7.94 17.89 20.31
C LEU W 31 -8.20 16.70 19.40
N ILE W 32 -7.34 16.52 18.40
CA ILE W 32 -7.51 15.40 17.48
C ILE W 32 -6.33 14.44 17.47
N GLY W 33 -5.25 14.78 18.17
CA GLY W 33 -4.09 13.91 18.20
C GLY W 33 -3.02 14.39 19.18
N TYR W 34 -2.04 13.54 19.45
CA TYR W 34 -0.97 13.90 20.37
C TYR W 34 0.08 12.80 20.32
N ASP W 35 1.22 13.04 20.95
CA ASP W 35 2.25 12.02 21.01
C ASP W 35 2.82 12.06 22.41
N ILE W 36 3.71 11.11 22.70
CA ILE W 36 4.28 11.01 24.03
C ILE W 36 5.05 12.24 24.53
N HIS W 37 5.43 13.14 23.62
CA HIS W 37 6.14 14.36 24.05
C HIS W 37 5.17 15.48 24.42
N LEU W 38 3.87 15.19 24.32
CA LEU W 38 2.83 16.17 24.58
C LEU W 38 2.73 17.21 23.46
N ASN W 39 3.20 16.83 22.28
CA ASN W 39 3.04 17.66 21.10
C ASN W 39 1.56 17.35 20.87
N VAL W 40 0.76 18.34 20.48
CA VAL W 40 -0.66 18.08 20.27
C VAL W 40 -1.12 18.62 18.92
N VAL W 41 -2.26 18.12 18.46
CA VAL W 41 -2.82 18.59 17.20
C VAL W 41 -4.23 19.04 17.49
N LEU W 42 -4.57 20.24 17.06
CA LEU W 42 -5.90 20.78 17.27
C LEU W 42 -6.55 21.06 15.92
N ALA W 43 -7.88 20.92 15.89
CA ALA W 43 -8.68 21.18 14.70
C ALA W 43 -9.54 22.40 15.03
N ASP W 44 -9.77 23.27 14.04
CA ASP W 44 -10.58 24.48 14.25
C ASP W 44 -10.12 25.20 15.51
N ALA W 45 -8.83 25.52 15.53
CA ALA W 45 -8.23 26.17 16.68
C ALA W 45 -8.17 27.67 16.53
N GLU W 46 -7.97 28.35 17.65
CA GLU W 46 -7.88 29.80 17.67
C GLU W 46 -6.71 30.21 18.56
N MET W 47 -5.91 31.18 18.13
CA MET W 47 -4.85 31.65 18.99
C MET W 47 -5.47 32.79 19.78
N ILE W 48 -5.37 32.72 21.10
CA ILE W 48 -5.97 33.76 21.92
C ILE W 48 -4.91 34.55 22.68
N GLN W 49 -5.13 35.86 22.74
CA GLN W 49 -4.22 36.78 23.42
C GLN W 49 -5.03 37.74 24.29
N ASP W 50 -4.90 37.59 25.61
CA ASP W 50 -5.63 38.42 26.56
C ASP W 50 -7.14 38.29 26.40
N GLY W 51 -7.60 37.09 26.06
CA GLY W 51 -9.02 36.83 25.92
C GLY W 51 -9.61 37.01 24.53
N GLU W 52 -8.86 37.62 23.62
CA GLU W 52 -9.38 37.83 22.28
C GLU W 52 -8.73 36.96 21.22
N VAL W 53 -9.57 36.41 20.35
CA VAL W 53 -9.12 35.56 19.26
C VAL W 53 -8.28 36.37 18.29
N VAL W 54 -6.99 36.07 18.20
CA VAL W 54 -6.08 36.78 17.31
C VAL W 54 -5.88 36.07 15.96
N LYS W 55 -6.25 34.79 15.91
CA LYS W 55 -6.12 34.04 14.67
C LYS W 55 -6.78 32.67 14.74
N ARG W 56 -7.18 32.16 13.59
CA ARG W 56 -7.81 30.84 13.52
C ARG W 56 -7.03 29.93 12.58
N TYR W 57 -7.10 28.63 12.84
CA TYR W 57 -6.42 27.64 12.01
C TYR W 57 -7.32 26.43 11.84
N GLY W 58 -7.41 25.90 10.63
CA GLY W 58 -8.25 24.74 10.44
C GLY W 58 -7.68 23.55 11.19
N LYS W 59 -6.36 23.45 11.17
CA LYS W 59 -5.62 22.37 11.83
C LYS W 59 -4.25 22.92 12.25
N ILE W 60 -3.81 22.58 13.45
CA ILE W 60 -2.50 23.07 13.90
C ILE W 60 -1.81 22.06 14.82
N VAL W 61 -0.51 21.90 14.62
CA VAL W 61 0.33 21.01 15.43
C VAL W 61 1.15 21.92 16.37
N ILE W 62 1.01 21.72 17.68
CA ILE W 62 1.70 22.53 18.67
C ILE W 62 2.75 21.67 19.39
N ARG W 63 3.98 22.17 19.48
CA ARG W 63 5.05 21.41 20.14
C ARG W 63 4.94 21.51 21.64
N GLY W 64 4.97 20.34 22.28
CA GLY W 64 4.86 20.28 23.74
C GLY W 64 5.84 21.09 24.54
N ASP W 65 7.04 21.30 24.01
CA ASP W 65 8.08 22.06 24.73
C ASP W 65 7.69 23.48 25.08
N ASN W 66 6.73 24.05 24.35
CA ASN W 66 6.29 25.42 24.61
C ASN W 66 5.02 25.44 25.48
N VAL W 67 4.51 24.26 25.83
CA VAL W 67 3.27 24.22 26.59
C VAL W 67 3.42 24.32 28.09
N LEU W 68 2.60 25.18 28.70
CA LEU W 68 2.60 25.34 30.15
C LEU W 68 1.61 24.31 30.73
N ALA W 69 0.41 24.26 30.17
CA ALA W 69 -0.61 23.35 30.66
C ALA W 69 -1.69 23.14 29.61
N ILE W 70 -2.47 22.08 29.82
CA ILE W 70 -3.55 21.74 28.92
C ILE W 70 -4.77 21.40 29.76
N SER W 71 -5.88 22.09 29.47
CA SER W 71 -7.12 21.84 30.20
C SER W 71 -8.28 21.45 29.31
N PRO W 72 -8.89 20.28 29.54
CA PRO W 72 -10.01 19.92 28.68
C PRO W 72 -11.21 20.78 29.10
N THR W 73 -11.75 21.54 28.15
CA THR W 73 -12.90 22.40 28.41
C THR W 73 -14.14 21.57 28.70
N GLU X 3 14.93 6.14 0.25
CA GLU X 3 15.94 5.05 0.22
C GLU X 3 16.28 4.57 1.63
N ARG X 4 16.07 5.44 2.62
CA ARG X 4 16.35 5.08 4.01
C ARG X 4 15.47 3.97 4.50
N PRO X 5 15.98 3.14 5.44
CA PRO X 5 15.21 2.04 6.00
C PRO X 5 13.77 2.43 6.30
N LEU X 6 13.58 3.57 6.97
CA LEU X 6 12.23 4.00 7.31
C LEU X 6 11.38 4.34 6.08
N ASP X 7 12.03 4.85 5.04
CA ASP X 7 11.31 5.19 3.80
C ASP X 7 10.73 3.93 3.18
N VAL X 8 11.56 2.89 3.10
CA VAL X 8 11.15 1.62 2.53
C VAL X 8 9.98 0.96 3.27
N ILE X 9 10.02 1.01 4.60
CA ILE X 9 8.96 0.42 5.41
C ILE X 9 7.68 1.24 5.27
N HIS X 10 7.80 2.56 5.25
CA HIS X 10 6.61 3.37 5.13
C HIS X 10 5.94 3.11 3.79
N ARG X 11 6.77 2.94 2.77
CA ARG X 11 6.32 2.70 1.41
C ARG X 11 5.75 1.30 1.21
N SER X 12 5.99 0.41 2.19
CA SER X 12 5.51 -0.96 2.13
C SER X 12 4.17 -1.13 2.84
N LEU X 13 3.62 -0.03 3.35
CA LEU X 13 2.33 -0.12 4.02
C LEU X 13 1.29 -0.72 3.09
N ASP X 14 0.50 -1.63 3.66
CA ASP X 14 -0.54 -2.34 2.96
C ASP X 14 -0.03 -3.33 1.90
N LYS X 15 1.28 -3.54 1.86
CA LYS X 15 1.88 -4.51 0.94
C LYS X 15 2.28 -5.76 1.73
N ASP X 16 2.51 -6.86 1.03
CA ASP X 16 2.91 -8.10 1.68
C ASP X 16 4.41 -8.03 1.94
N VAL X 17 4.82 -8.40 3.15
CA VAL X 17 6.23 -8.34 3.50
C VAL X 17 6.70 -9.65 4.15
N LEU X 18 8.02 -9.82 4.17
CA LEU X 18 8.68 -10.97 4.78
C LEU X 18 9.57 -10.47 5.93
N VAL X 19 9.19 -10.78 7.18
CA VAL X 19 9.96 -10.36 8.34
C VAL X 19 10.87 -11.51 8.82
N ILE X 20 12.16 -11.39 8.54
CA ILE X 20 13.14 -12.41 8.93
C ILE X 20 13.60 -12.19 10.35
N LEU X 21 13.42 -13.21 11.19
CA LEU X 21 13.81 -13.12 12.60
C LEU X 21 15.19 -13.72 12.83
N LYS X 22 15.73 -13.46 14.02
CA LYS X 22 17.04 -13.97 14.39
C LYS X 22 17.01 -15.49 14.68
N LYS X 23 16.40 -16.25 13.79
CA LYS X 23 16.29 -17.70 13.97
C LYS X 23 16.01 -18.47 12.68
N GLY X 24 16.15 -17.82 11.52
CA GLY X 24 15.83 -18.52 10.28
C GLY X 24 14.34 -18.72 10.40
N PHE X 25 13.81 -18.00 11.38
CA PHE X 25 12.40 -17.96 11.76
C PHE X 25 11.81 -16.80 10.97
N GLU X 26 10.68 -17.01 10.30
CA GLU X 26 10.10 -15.93 9.50
C GLU X 26 8.60 -15.69 9.64
N PHE X 27 8.20 -14.46 9.32
CA PHE X 27 6.81 -14.04 9.33
C PHE X 27 6.52 -13.43 7.97
N ARG X 28 5.36 -13.76 7.42
CA ARG X 28 4.93 -13.26 6.12
C ARG X 28 3.53 -12.72 6.35
N GLY X 29 3.27 -11.50 5.89
CA GLY X 29 1.94 -10.93 6.08
C GLY X 29 1.77 -9.56 5.45
N ARG X 30 0.62 -8.95 5.70
CA ARG X 30 0.37 -7.62 5.16
C ARG X 30 0.78 -6.59 6.20
N LEU X 31 1.70 -5.71 5.83
CA LEU X 31 2.15 -4.66 6.75
C LEU X 31 1.12 -3.56 6.90
N ILE X 32 0.53 -3.41 8.09
CA ILE X 32 -0.46 -2.37 8.29
C ILE X 32 -0.03 -1.31 9.30
N GLY X 33 1.16 -1.46 9.89
CA GLY X 33 1.62 -0.48 10.86
C GLY X 33 3.07 -0.69 11.26
N TYR X 34 3.65 0.31 11.91
CA TYR X 34 5.04 0.23 12.35
C TYR X 34 5.42 1.46 13.18
N ASP X 35 6.60 1.41 13.80
CA ASP X 35 7.10 2.54 14.58
C ASP X 35 8.60 2.75 14.33
N ILE X 36 9.19 3.78 14.94
CA ILE X 36 10.60 4.09 14.76
C ILE X 36 11.59 3.00 15.22
N HIS X 37 11.15 2.14 16.12
CA HIS X 37 12.00 1.06 16.63
C HIS X 37 11.92 -0.15 15.70
N LEU X 38 11.15 0.01 14.63
CA LEU X 38 10.93 -1.04 13.66
C LEU X 38 10.05 -2.16 14.21
N ASN X 39 9.18 -1.80 15.15
CA ASN X 39 8.22 -2.78 15.63
C ASN X 39 7.23 -2.70 14.45
N VAL X 40 6.63 -3.83 14.07
CA VAL X 40 5.71 -3.82 12.94
C VAL X 40 4.43 -4.59 13.22
N VAL X 41 3.37 -4.23 12.51
CA VAL X 41 2.07 -4.89 12.67
C VAL X 41 1.73 -5.56 11.34
N LEU X 42 1.37 -6.84 11.41
CA LEU X 42 1.01 -7.60 10.21
C LEU X 42 -0.41 -8.12 10.33
N ALA X 43 -1.09 -8.21 9.21
CA ALA X 43 -2.46 -8.75 9.17
C ALA X 43 -2.37 -9.99 8.31
N ASP X 44 -3.26 -10.95 8.55
CA ASP X 44 -3.25 -12.21 7.79
C ASP X 44 -1.82 -12.71 7.72
N ALA X 45 -1.21 -12.85 8.89
CA ALA X 45 0.18 -13.28 8.96
C ALA X 45 0.37 -14.79 9.07
N GLU X 46 1.49 -15.25 8.54
CA GLU X 46 1.89 -16.65 8.57
C GLU X 46 3.30 -16.80 9.18
N MET X 47 3.48 -17.75 10.08
CA MET X 47 4.79 -17.99 10.68
C MET X 47 5.41 -19.13 9.88
N ILE X 48 6.56 -18.85 9.26
CA ILE X 48 7.24 -19.83 8.44
C ILE X 48 8.48 -20.41 9.13
N GLN X 49 8.40 -21.67 9.51
CA GLN X 49 9.52 -22.32 10.16
C GLN X 49 10.07 -23.39 9.22
N ASP X 50 11.30 -23.17 8.77
CA ASP X 50 11.96 -24.09 7.86
C ASP X 50 11.20 -24.32 6.56
N GLY X 51 10.61 -23.26 6.02
CA GLY X 51 9.89 -23.36 4.77
C GLY X 51 8.44 -23.79 4.81
N GLU X 52 7.90 -24.01 6.01
CA GLU X 52 6.52 -24.44 6.16
C GLU X 52 5.72 -23.46 7.02
N VAL X 53 4.43 -23.35 6.75
CA VAL X 53 3.58 -22.46 7.52
C VAL X 53 3.09 -23.22 8.76
N VAL X 54 3.62 -22.87 9.91
CA VAL X 54 3.26 -23.56 11.14
C VAL X 54 2.24 -22.81 11.98
N LYS X 55 1.98 -21.55 11.63
CA LYS X 55 1.00 -20.76 12.36
C LYS X 55 0.44 -19.63 11.50
N ARG X 56 -0.75 -19.16 11.87
CA ARG X 56 -1.41 -18.08 11.14
C ARG X 56 -2.06 -17.14 12.15
N TYR X 57 -1.98 -15.84 11.88
CA TYR X 57 -2.59 -14.87 12.79
C TYR X 57 -3.42 -13.87 12.00
N GLY X 58 -4.50 -13.40 12.61
CA GLY X 58 -5.33 -12.41 11.96
C GLY X 58 -4.59 -11.08 12.04
N LYS X 59 -3.99 -10.83 13.21
CA LYS X 59 -3.25 -9.59 13.46
C LYS X 59 -2.13 -9.89 14.47
N ILE X 60 -0.91 -9.44 14.17
CA ILE X 60 0.21 -9.69 15.08
C ILE X 60 1.26 -8.57 15.12
N VAL X 61 1.64 -8.16 16.33
CA VAL X 61 2.63 -7.10 16.53
C VAL X 61 3.99 -7.76 16.82
N ILE X 62 4.97 -7.50 15.98
CA ILE X 62 6.32 -8.08 16.13
C ILE X 62 7.34 -7.02 16.57
N ARG X 63 8.05 -7.28 17.67
CA ARG X 63 9.05 -6.31 18.16
C ARG X 63 10.29 -6.24 17.27
N GLY X 64 10.71 -5.02 16.96
CA GLY X 64 11.88 -4.82 16.13
C GLY X 64 13.17 -5.43 16.63
N ASP X 65 13.34 -5.48 17.94
CA ASP X 65 14.57 -6.01 18.55
C ASP X 65 14.95 -7.41 18.05
N ASN X 66 13.96 -8.24 17.72
CA ASN X 66 14.24 -9.58 17.25
C ASN X 66 14.28 -9.70 15.75
N VAL X 67 14.04 -8.59 15.06
CA VAL X 67 14.04 -8.62 13.61
C VAL X 67 15.43 -8.57 13.01
N LEU X 68 15.67 -9.44 12.04
CA LEU X 68 16.94 -9.49 11.34
C LEU X 68 16.79 -8.58 10.13
N ALA X 69 15.67 -8.73 9.44
CA ALA X 69 15.41 -7.94 8.25
C ALA X 69 13.94 -7.95 7.85
N ILE X 70 13.57 -6.98 7.03
CA ILE X 70 12.21 -6.86 6.53
C ILE X 70 12.33 -6.67 5.02
N SER X 71 11.63 -7.50 4.27
CA SER X 71 11.66 -7.43 2.81
C SER X 71 10.27 -7.36 2.20
N PRO X 72 9.95 -6.24 1.55
CA PRO X 72 8.63 -6.08 0.94
C PRO X 72 8.57 -6.89 -0.35
N THR X 73 7.58 -7.76 -0.48
CA THR X 73 7.44 -8.56 -1.69
C THR X 73 6.28 -8.05 -2.54
N GLU Y 3 36.77 8.42 5.93
CA GLU Y 3 37.51 7.40 6.73
C GLU Y 3 36.64 6.80 7.82
N ARG Y 4 35.81 7.64 8.44
CA ARG Y 4 34.92 7.20 9.50
C ARG Y 4 33.88 6.24 8.96
N PRO Y 5 33.42 5.29 9.80
CA PRO Y 5 32.41 4.31 9.38
C PRO Y 5 31.30 4.92 8.51
N LEU Y 6 30.68 5.99 9.00
CA LEU Y 6 29.62 6.66 8.28
C LEU Y 6 30.07 7.13 6.89
N ASP Y 7 31.31 7.60 6.80
CA ASP Y 7 31.88 8.09 5.55
C ASP Y 7 31.93 6.98 4.48
N VAL Y 8 32.43 5.82 4.88
CA VAL Y 8 32.55 4.69 3.97
C VAL Y 8 31.18 4.22 3.48
N ILE Y 9 30.25 4.02 4.40
CA ILE Y 9 28.91 3.59 4.03
C ILE Y 9 28.28 4.57 3.06
N HIS Y 10 28.54 5.85 3.27
CA HIS Y 10 27.98 6.88 2.39
C HIS Y 10 28.51 6.73 0.96
N ARG Y 11 29.83 6.60 0.84
CA ARG Y 11 30.50 6.48 -0.44
C ARG Y 11 30.14 5.23 -1.23
N SER Y 12 29.54 4.25 -0.55
CA SER Y 12 29.18 3.00 -1.22
C SER Y 12 27.74 2.98 -1.72
N LEU Y 13 27.06 4.12 -1.65
CA LEU Y 13 25.69 4.17 -2.14
C LEU Y 13 25.61 3.73 -3.59
N ASP Y 14 24.64 2.85 -3.86
CA ASP Y 14 24.40 2.29 -5.19
C ASP Y 14 25.53 1.39 -5.68
N LYS Y 15 26.43 1.03 -4.76
CA LYS Y 15 27.54 0.14 -5.07
C LYS Y 15 27.34 -1.19 -4.34
N ASP Y 16 28.01 -2.23 -4.82
CA ASP Y 16 27.90 -3.55 -4.22
C ASP Y 16 28.65 -3.59 -2.89
N VAL Y 17 27.99 -4.14 -1.88
CA VAL Y 17 28.57 -4.26 -0.54
C VAL Y 17 28.26 -5.64 0.04
N LEU Y 18 29.08 -6.04 1.02
CA LEU Y 18 28.91 -7.33 1.69
C LEU Y 18 28.60 -7.09 3.16
N VAL Y 19 27.41 -7.49 3.58
CA VAL Y 19 26.98 -7.31 4.98
C VAL Y 19 27.15 -8.65 5.73
N ILE Y 20 28.14 -8.70 6.61
CA ILE Y 20 28.39 -9.91 7.40
C ILE Y 20 27.56 -9.90 8.68
N LEU Y 21 26.91 -11.02 8.96
CA LEU Y 21 26.10 -11.15 10.17
C LEU Y 21 26.80 -12.13 11.12
N LYS Y 22 26.27 -12.25 12.33
CA LYS Y 22 26.83 -13.12 13.36
C LYS Y 22 26.38 -14.57 13.21
N LYS Y 23 27.05 -15.35 12.36
CA LYS Y 23 26.70 -16.77 12.16
C LYS Y 23 27.31 -17.38 10.91
N GLY Y 24 28.29 -16.72 10.30
CA GLY Y 24 28.86 -17.26 9.08
C GLY Y 24 27.65 -17.24 8.16
N PHE Y 25 26.99 -16.10 8.20
CA PHE Y 25 25.77 -15.82 7.45
C PHE Y 25 26.02 -14.45 6.83
N GLU Y 26 25.72 -14.28 5.54
CA GLU Y 26 25.96 -13.00 4.89
C GLU Y 26 24.91 -12.59 3.88
N PHE Y 27 24.84 -11.28 3.64
CA PHE Y 27 23.94 -10.71 2.66
C PHE Y 27 24.83 -9.97 1.68
N ARG Y 28 24.48 -10.01 0.40
CA ARG Y 28 25.25 -9.33 -0.63
C ARG Y 28 24.25 -8.62 -1.54
N GLY Y 29 24.53 -7.37 -1.89
CA GLY Y 29 23.62 -6.64 -2.74
C GLY Y 29 24.00 -5.19 -2.94
N ARG Y 30 23.17 -4.45 -3.69
CA ARG Y 30 23.45 -3.05 -3.94
C ARG Y 30 22.95 -2.16 -2.82
N LEU Y 31 23.87 -1.44 -2.18
CA LEU Y 31 23.49 -0.51 -1.10
C LEU Y 31 22.70 0.64 -1.71
N ILE Y 32 21.46 0.83 -1.27
CA ILE Y 32 20.65 1.92 -1.79
C ILE Y 32 20.18 2.90 -0.71
N GLY Y 33 20.49 2.57 0.56
CA GLY Y 33 20.09 3.43 1.65
C GLY Y 33 20.63 2.98 3.01
N TYR Y 34 20.51 3.85 4.01
CA TYR Y 34 21.00 3.53 5.36
C TYR Y 34 20.65 4.66 6.32
N ASP Y 35 20.94 4.45 7.61
CA ASP Y 35 20.71 5.46 8.63
C ASP Y 35 21.86 5.44 9.65
N ILE Y 36 21.85 6.36 10.62
CA ILE Y 36 22.95 6.44 11.61
C ILE Y 36 23.20 5.23 12.50
N HIS Y 37 22.21 4.34 12.64
CA HIS Y 37 22.37 3.15 13.48
C HIS Y 37 22.99 2.04 12.64
N LEU Y 38 23.28 2.37 11.39
CA LEU Y 38 23.85 1.44 10.44
C LEU Y 38 22.84 0.38 9.98
N ASN Y 39 21.56 0.76 9.97
CA ASN Y 39 20.55 -0.14 9.42
C ASN Y 39 20.83 0.11 7.94
N VAL Y 40 20.65 -0.88 7.08
CA VAL Y 40 20.94 -0.67 5.66
C VAL Y 40 19.85 -1.24 4.75
N VAL Y 41 19.79 -0.72 3.53
CA VAL Y 41 18.80 -1.19 2.58
C VAL Y 41 19.56 -1.67 1.35
N LEU Y 42 19.23 -2.86 0.86
CA LEU Y 42 19.88 -3.43 -0.31
C LEU Y 42 18.87 -3.85 -1.35
N ALA Y 43 19.20 -3.62 -2.62
CA ALA Y 43 18.33 -4.01 -3.73
C ALA Y 43 19.02 -5.17 -4.43
N ASP Y 44 18.23 -6.03 -5.07
CA ASP Y 44 18.77 -7.20 -5.78
C ASP Y 44 19.84 -7.83 -4.89
N ALA Y 45 19.42 -8.36 -3.75
CA ALA Y 45 20.34 -8.96 -2.80
C ALA Y 45 20.21 -10.47 -2.73
N GLU Y 46 21.26 -11.10 -2.22
CA GLU Y 46 21.30 -12.55 -2.09
C GLU Y 46 21.85 -12.97 -0.73
N MET Y 47 21.07 -13.76 0.00
CA MET Y 47 21.51 -14.26 1.30
C MET Y 47 22.50 -15.39 1.03
N ILE Y 48 23.67 -15.33 1.65
CA ILE Y 48 24.68 -16.36 1.45
C ILE Y 48 25.06 -17.08 2.75
N GLN Y 49 25.43 -18.35 2.63
CA GLN Y 49 25.82 -19.15 3.77
C GLN Y 49 26.83 -20.20 3.30
N ASP Y 50 28.10 -19.96 3.60
CA ASP Y 50 29.17 -20.86 3.18
C ASP Y 50 29.38 -20.81 1.68
N GLY Y 51 29.53 -19.59 1.15
CA GLY Y 51 29.74 -19.41 -0.27
C GLY Y 51 28.59 -19.84 -1.15
N GLU Y 52 27.46 -20.17 -0.54
CA GLU Y 52 26.28 -20.61 -1.30
C GLU Y 52 25.07 -19.71 -1.09
N VAL Y 53 24.41 -19.35 -2.18
CA VAL Y 53 23.22 -18.51 -2.14
C VAL Y 53 22.01 -19.35 -1.76
N VAL Y 54 21.27 -18.92 -0.74
CA VAL Y 54 20.09 -19.64 -0.30
C VAL Y 54 18.81 -18.86 -0.59
N LYS Y 55 18.94 -17.53 -0.66
CA LYS Y 55 17.79 -16.67 -0.91
C LYS Y 55 18.16 -15.41 -1.69
N ARG Y 56 17.17 -14.83 -2.34
CA ARG Y 56 17.35 -13.60 -3.10
C ARG Y 56 16.15 -12.71 -2.83
N TYR Y 57 16.36 -11.40 -2.83
CA TYR Y 57 15.28 -10.45 -2.57
C TYR Y 57 15.41 -9.23 -3.48
N GLY Y 58 14.27 -8.66 -3.87
CA GLY Y 58 14.32 -7.49 -4.71
C GLY Y 58 14.88 -6.35 -3.88
N LYS Y 59 14.31 -6.18 -2.69
CA LYS Y 59 14.75 -5.13 -1.78
C LYS Y 59 14.62 -5.66 -0.35
N ILE Y 60 15.62 -5.38 0.47
CA ILE Y 60 15.61 -5.85 1.85
C ILE Y 60 16.21 -4.85 2.81
N VAL Y 61 15.56 -4.65 3.94
CA VAL Y 61 16.06 -3.73 4.97
C VAL Y 61 16.64 -4.60 6.09
N ILE Y 62 17.93 -4.39 6.36
CA ILE Y 62 18.67 -5.13 7.37
C ILE Y 62 18.94 -4.27 8.63
N ARG Y 63 18.64 -4.81 9.81
CA ARG Y 63 18.87 -4.05 11.04
C ARG Y 63 20.34 -4.11 11.45
N GLY Y 64 20.94 -2.95 11.67
CA GLY Y 64 22.34 -2.89 12.04
C GLY Y 64 22.78 -3.60 13.31
N ASP Y 65 21.86 -3.80 14.26
CA ASP Y 65 22.20 -4.46 15.52
C ASP Y 65 22.75 -5.86 15.32
N ASN Y 66 22.30 -6.53 14.25
CA ASN Y 66 22.74 -7.89 13.96
C ASN Y 66 23.96 -7.94 13.06
N VAL Y 67 24.40 -6.77 12.58
CA VAL Y 67 25.52 -6.72 11.68
C VAL Y 67 26.88 -6.79 12.35
N LEU Y 68 27.74 -7.65 11.82
CA LEU Y 68 29.09 -7.79 12.34
C LEU Y 68 30.00 -6.81 11.60
N ALA Y 69 29.82 -6.72 10.29
CA ALA Y 69 30.64 -5.83 9.48
C ALA Y 69 30.08 -5.60 8.09
N ILE Y 70 30.48 -4.49 7.48
CA ILE Y 70 30.03 -4.14 6.14
C ILE Y 70 31.27 -3.83 5.31
N SER Y 71 31.33 -4.40 4.11
CA SER Y 71 32.49 -4.19 3.25
C SER Y 71 32.16 -3.81 1.82
N PRO Y 72 32.70 -2.68 1.34
CA PRO Y 72 32.45 -2.23 -0.03
C PRO Y 72 33.23 -3.16 -0.96
N THR Y 73 32.54 -3.85 -1.86
CA THR Y 73 33.21 -4.75 -2.80
C THR Y 73 34.08 -4.00 -3.81
N GLU Z 3 46.15 7.53 29.04
CA GLU Z 3 45.86 7.03 27.67
C GLU Z 3 44.50 6.37 27.55
N ARG Z 4 43.46 7.20 27.45
CA ARG Z 4 42.10 6.72 27.33
C ARG Z 4 41.94 5.84 26.09
N PRO Z 5 40.98 4.91 26.12
CA PRO Z 5 40.72 4.01 25.00
C PRO Z 5 40.67 4.72 23.65
N LEU Z 6 40.01 5.88 23.60
CA LEU Z 6 39.91 6.60 22.33
C LEU Z 6 41.23 7.25 21.93
N ASP Z 7 42.10 7.50 22.91
CA ASP Z 7 43.41 8.10 22.65
C ASP Z 7 44.26 7.07 21.93
N VAL Z 8 44.27 5.86 22.49
CA VAL Z 8 45.03 4.75 21.93
C VAL Z 8 44.61 4.48 20.49
N ILE Z 9 43.30 4.39 20.26
CA ILE Z 9 42.78 4.13 18.92
C ILE Z 9 43.13 5.24 17.93
N HIS Z 10 43.06 6.49 18.37
CA HIS Z 10 43.37 7.61 17.50
C HIS Z 10 44.83 7.60 17.03
N ARG Z 11 45.73 7.23 17.94
CA ARG Z 11 47.15 7.18 17.60
C ARG Z 11 47.45 6.03 16.63
N SER Z 12 46.59 5.02 16.62
CA SER Z 12 46.77 3.87 15.75
C SER Z 12 46.32 4.09 14.31
N LEU Z 13 45.82 5.29 14.01
CA LEU Z 13 45.38 5.57 12.65
C LEU Z 13 46.55 5.31 11.70
N ASP Z 14 46.22 4.95 10.46
CA ASP Z 14 47.21 4.64 9.44
C ASP Z 14 48.21 3.60 9.95
N LYS Z 15 47.77 2.79 10.90
CA LYS Z 15 48.62 1.74 11.45
C LYS Z 15 47.94 0.37 11.52
N ASP Z 16 48.79 -0.64 11.70
CA ASP Z 16 48.41 -2.04 11.81
C ASP Z 16 47.71 -2.31 13.15
N VAL Z 17 46.57 -3.00 13.12
CA VAL Z 17 45.87 -3.31 14.36
C VAL Z 17 45.20 -4.68 14.35
N LEU Z 18 44.99 -5.22 15.54
CA LEU Z 18 44.35 -6.53 15.73
C LEU Z 18 42.99 -6.33 16.43
N VAL Z 19 41.90 -6.63 15.71
CA VAL Z 19 40.55 -6.51 16.26
C VAL Z 19 39.98 -7.87 16.64
N ILE Z 20 39.96 -8.14 17.95
CA ILE Z 20 39.46 -9.40 18.51
C ILE Z 20 37.94 -9.43 18.72
N LEU Z 21 37.27 -10.46 18.21
CA LEU Z 21 35.82 -10.59 18.35
C LEU Z 21 35.48 -11.55 19.48
N LYS Z 22 34.23 -11.47 19.97
CA LYS Z 22 33.76 -12.31 21.07
C LYS Z 22 33.69 -13.81 20.83
N LYS Z 23 33.99 -14.28 19.62
CA LYS Z 23 33.91 -15.71 19.34
C LYS Z 23 35.20 -16.40 18.85
N GLY Z 24 36.35 -15.85 19.18
CA GLY Z 24 37.60 -16.47 18.75
C GLY Z 24 38.09 -15.93 17.42
N PHE Z 25 37.18 -15.36 16.66
CA PHE Z 25 37.51 -14.78 15.36
C PHE Z 25 38.21 -13.45 15.58
N GLU Z 26 38.85 -12.93 14.54
CA GLU Z 26 39.54 -11.66 14.63
C GLU Z 26 39.84 -11.08 13.25
N PHE Z 27 40.20 -9.80 13.23
CA PHE Z 27 40.54 -9.12 11.98
C PHE Z 27 41.84 -8.37 12.16
N ARG Z 28 42.66 -8.37 11.12
CA ARG Z 28 43.93 -7.65 11.13
C ARG Z 28 43.92 -6.71 9.93
N GLY Z 29 44.39 -5.49 10.14
CA GLY Z 29 44.43 -4.52 9.06
C GLY Z 29 44.95 -3.18 9.50
N ARG Z 30 44.98 -2.25 8.56
CA ARG Z 30 45.45 -0.90 8.82
C ARG Z 30 44.25 -0.08 9.25
N LEU Z 31 44.32 0.50 10.44
CA LEU Z 31 43.23 1.32 10.96
C LEU Z 31 43.19 2.63 10.21
N ILE Z 32 42.06 2.95 9.58
CA ILE Z 32 41.94 4.19 8.83
C ILE Z 32 40.78 5.07 9.26
N GLY Z 33 39.92 4.55 10.14
CA GLY Z 33 38.78 5.33 10.60
C GLY Z 33 38.17 4.72 11.84
N TYR Z 34 37.30 5.48 12.50
CA TYR Z 34 36.64 5.02 13.72
C TYR Z 34 35.69 6.11 14.21
N ASP Z 35 34.81 5.74 15.14
CA ASP Z 35 33.89 6.71 15.73
C ASP Z 35 33.85 6.50 17.25
N ILE Z 36 33.05 7.29 17.95
CA ILE Z 36 32.99 7.17 19.42
C ILE Z 36 32.38 5.87 19.95
N HIS Z 37 31.73 5.11 19.08
CA HIS Z 37 31.10 3.85 19.47
C HIS Z 37 32.07 2.69 19.32
N LEU Z 38 33.29 3.03 18.91
CA LEU Z 38 34.35 2.06 18.69
C LEU Z 38 34.13 1.22 17.43
N ASN Z 39 33.39 1.77 16.49
CA ASN Z 39 33.18 1.11 15.20
C ASN Z 39 34.49 1.50 14.52
N VAL Z 40 35.08 0.59 13.74
CA VAL Z 40 36.33 0.92 13.08
C VAL Z 40 36.33 0.54 11.62
N VAL Z 41 37.18 1.20 10.85
CA VAL Z 41 37.30 0.92 9.42
C VAL Z 41 38.71 0.43 9.18
N LEU Z 42 38.83 -0.74 8.54
CA LEU Z 42 40.14 -1.30 8.26
C LEU Z 42 40.31 -1.49 6.76
N ALA Z 43 41.53 -1.27 6.27
CA ALA Z 43 41.84 -1.44 4.85
C ALA Z 43 42.87 -2.55 4.76
N ASP Z 44 42.94 -3.22 3.61
CA ASP Z 44 43.89 -4.32 3.43
C ASP Z 44 43.74 -5.24 4.63
N ALA Z 45 42.49 -5.64 4.89
CA ALA Z 45 42.18 -6.49 6.03
C ALA Z 45 42.03 -7.98 5.73
N GLU Z 46 42.16 -8.77 6.80
CA GLU Z 46 42.03 -10.21 6.72
C GLU Z 46 41.34 -10.79 7.95
N MET Z 47 40.33 -11.62 7.72
CA MET Z 47 39.61 -12.27 8.80
C MET Z 47 40.41 -13.48 9.22
N ILE Z 48 40.59 -13.65 10.53
CA ILE Z 48 41.35 -14.78 11.04
C ILE Z 48 40.49 -15.64 11.95
N GLN Z 49 40.60 -16.96 11.80
CA GLN Z 49 39.85 -17.91 12.61
C GLN Z 49 40.73 -19.05 13.09
N ASP Z 50 40.84 -19.18 14.41
CA ASP Z 50 41.62 -20.24 15.06
C ASP Z 50 43.11 -20.12 14.78
N GLY Z 51 43.51 -19.08 14.04
CA GLY Z 51 44.92 -18.89 13.75
C GLY Z 51 45.29 -18.68 12.29
N GLU Z 52 44.34 -18.92 11.38
CA GLU Z 52 44.61 -18.76 9.96
C GLU Z 52 43.71 -17.74 9.27
N VAL Z 53 44.16 -17.25 8.12
CA VAL Z 53 43.39 -16.28 7.34
C VAL Z 53 42.29 -16.95 6.55
N VAL Z 54 41.04 -16.61 6.87
CA VAL Z 54 39.89 -17.20 6.18
C VAL Z 54 39.38 -16.34 5.03
N LYS Z 55 39.51 -15.03 5.16
CA LYS Z 55 39.06 -14.11 4.11
C LYS Z 55 39.83 -12.79 4.15
N ARG Z 56 39.89 -12.12 3.01
CA ARG Z 56 40.59 -10.84 2.90
C ARG Z 56 39.63 -9.78 2.39
N TYR Z 57 39.77 -8.56 2.89
CA TYR Z 57 38.91 -7.47 2.46
C TYR Z 57 39.72 -6.23 2.14
N GLY Z 58 39.33 -5.54 1.08
CA GLY Z 58 40.05 -4.34 0.71
C GLY Z 58 39.76 -3.25 1.73
N LYS Z 59 38.51 -3.19 2.16
CA LYS Z 59 38.05 -2.19 3.14
C LYS Z 59 36.86 -2.79 3.87
N ILE Z 60 36.85 -2.69 5.20
CA ILE Z 60 35.76 -3.24 5.97
C ILE Z 60 35.39 -2.41 7.22
N VAL Z 61 34.09 -2.18 7.39
CA VAL Z 61 33.59 -1.44 8.54
C VAL Z 61 33.17 -2.48 9.57
N ILE Z 62 33.79 -2.42 10.75
CA ILE Z 62 33.49 -3.36 11.82
C ILE Z 62 32.75 -2.63 12.94
N ARG Z 63 31.61 -3.18 13.35
CA ARG Z 63 30.82 -2.56 14.41
C ARG Z 63 31.44 -2.83 15.77
N GLY Z 64 31.62 -1.76 16.55
CA GLY Z 64 32.22 -1.90 17.85
C GLY Z 64 31.51 -2.78 18.86
N ASP Z 65 30.20 -2.95 18.70
CA ASP Z 65 29.42 -3.75 19.65
C ASP Z 65 29.81 -5.23 19.73
N ASN Z 66 30.43 -5.75 18.67
CA ASN Z 66 30.84 -7.16 18.67
C ASN Z 66 32.30 -7.33 19.05
N VAL Z 67 32.96 -6.22 19.36
CA VAL Z 67 34.38 -6.22 19.68
C VAL Z 67 34.73 -6.47 21.14
N LEU Z 68 35.70 -7.36 21.34
CA LEU Z 68 36.21 -7.71 22.66
C LEU Z 68 37.37 -6.79 22.99
N ALA Z 69 38.30 -6.67 22.04
CA ALA Z 69 39.48 -5.83 22.25
C ALA Z 69 40.12 -5.43 20.93
N ILE Z 70 40.84 -4.32 20.95
CA ILE Z 70 41.55 -3.80 19.79
C ILE Z 70 42.98 -3.62 20.27
N SER Z 71 43.93 -4.07 19.46
CA SER Z 71 45.34 -3.95 19.85
C SER Z 71 46.24 -3.48 18.72
N PRO Z 72 47.03 -2.43 18.96
CA PRO Z 72 47.94 -1.93 17.93
C PRO Z 72 49.14 -2.89 17.92
N THR Z 73 49.23 -3.72 16.87
CA THR Z 73 50.29 -4.72 16.78
C THR Z 73 51.71 -4.15 16.80
N GLU AA 3 33.60 3.86 48.34
CA GLU AA 3 34.61 3.63 47.26
C GLU AA 3 33.87 3.11 46.04
N ARG AA 4 33.44 4.03 45.18
CA ARG AA 4 32.70 3.63 44.00
C ARG AA 4 33.57 2.92 42.97
N PRO AA 5 32.94 2.13 42.10
CA PRO AA 5 33.67 1.39 41.06
C PRO AA 5 34.71 2.25 40.33
N LEU AA 6 34.29 3.43 39.89
CA LEU AA 6 35.18 4.35 39.17
C LEU AA 6 36.40 4.82 39.97
N ASP AA 7 36.27 4.92 41.29
CA ASP AA 7 37.38 5.36 42.14
C ASP AA 7 38.45 4.26 42.20
N VAL AA 8 38.00 3.05 42.55
CA VAL AA 8 38.87 1.90 42.64
C VAL AA 8 39.69 1.75 41.36
N ILE AA 9 39.02 1.92 40.22
CA ILE AA 9 39.69 1.82 38.93
C ILE AA 9 40.70 2.98 38.77
N HIS AA 10 40.34 4.16 39.25
CA HIS AA 10 41.23 5.31 39.14
C HIS AA 10 42.49 5.08 39.96
N ARG AA 11 42.31 4.54 41.16
CA ARG AA 11 43.43 4.25 42.05
C ARG AA 11 44.34 3.14 41.53
N SER AA 12 43.86 2.39 40.54
CA SER AA 12 44.66 1.30 39.98
C SER AA 12 45.48 1.73 38.78
N LEU AA 13 45.40 2.99 38.39
CA LEU AA 13 46.19 3.44 37.24
C LEU AA 13 47.68 3.16 37.48
N ASP AA 14 48.38 2.78 36.43
CA ASP AA 14 49.80 2.45 36.49
C ASP AA 14 50.10 1.26 37.40
N LYS AA 15 49.07 0.47 37.70
CA LYS AA 15 49.23 -0.69 38.55
C LYS AA 15 48.70 -1.95 37.85
N ASP AA 16 49.16 -3.10 38.33
CA ASP AA 16 48.75 -4.38 37.77
C ASP AA 16 47.31 -4.73 38.14
N VAL AA 17 46.53 -5.14 37.15
CA VAL AA 17 45.14 -5.51 37.42
C VAL AA 17 44.71 -6.79 36.69
N LEU AA 18 43.66 -7.41 37.21
CA LEU AA 18 43.10 -8.63 36.64
C LEU AA 18 41.72 -8.30 36.07
N VAL AA 19 41.56 -8.44 34.75
CA VAL AA 19 40.29 -8.17 34.12
C VAL AA 19 39.66 -9.49 33.71
N ILE AA 20 38.62 -9.89 34.46
CA ILE AA 20 37.90 -11.13 34.22
C ILE AA 20 36.80 -11.03 33.17
N LEU AA 21 36.80 -11.97 32.22
CA LEU AA 21 35.81 -11.99 31.16
C LEU AA 21 34.81 -13.15 31.33
N LYS AA 22 33.79 -13.20 30.46
CA LYS AA 22 32.79 -14.26 30.53
C LYS AA 22 33.01 -15.30 29.44
N LYS AA 23 33.96 -16.20 29.69
CA LYS AA 23 34.30 -17.28 28.76
C LYS AA 23 35.13 -18.26 29.57
N GLY AA 24 35.63 -17.77 30.70
CA GLY AA 24 36.47 -18.58 31.56
C GLY AA 24 37.89 -18.05 31.55
N PHE AA 25 38.15 -17.07 30.69
CA PHE AA 25 39.48 -16.51 30.61
C PHE AA 25 39.56 -15.08 31.14
N GLU AA 26 40.77 -14.56 31.20
CA GLU AA 26 40.97 -13.22 31.72
C GLU AA 26 42.20 -12.55 31.15
N PHE AA 27 42.36 -11.27 31.49
CA PHE AA 27 43.51 -10.50 31.05
C PHE AA 27 44.20 -9.95 32.29
N ARG AA 28 45.54 -9.93 32.25
CA ARG AA 28 46.35 -9.39 33.33
C ARG AA 28 47.27 -8.38 32.66
N GLY AA 29 47.47 -7.22 33.29
CA GLY AA 29 48.32 -6.22 32.68
C GLY AA 29 48.37 -4.95 33.51
N ARG AA 30 49.14 -3.97 33.06
CA ARG AA 30 49.23 -2.72 33.79
C ARG AA 30 48.18 -1.76 33.24
N LEU AA 31 47.31 -1.28 34.12
CA LEU AA 31 46.23 -0.35 33.74
C LEU AA 31 46.80 1.02 33.41
N ILE AA 32 46.66 1.46 32.17
CA ILE AA 32 47.16 2.77 31.78
C ILE AA 32 46.08 3.71 31.25
N GLY AA 33 44.81 3.30 31.34
CA GLY AA 33 43.74 4.14 30.86
C GLY AA 33 42.37 3.51 31.02
N TYR AA 34 41.32 4.32 30.88
CA TYR AA 34 39.96 3.82 31.01
C TYR AA 34 38.98 4.95 30.74
N ASP AA 35 37.71 4.61 30.67
CA ASP AA 35 36.68 5.62 30.49
C ASP AA 35 35.47 5.25 31.34
N ILE AA 36 34.43 6.09 31.30
CA ILE AA 36 33.26 5.84 32.13
C ILE AA 36 32.48 4.57 31.82
N HIS AA 37 32.67 4.02 30.63
CA HIS AA 37 31.96 2.79 30.24
C HIS AA 37 32.71 1.55 30.77
N LEU AA 38 33.84 1.80 31.42
CA LEU AA 38 34.70 0.75 31.95
C LEU AA 38 35.51 0.06 30.86
N ASN AA 39 35.69 0.72 29.72
CA ASN AA 39 36.56 0.19 28.68
C ASN AA 39 37.90 0.48 29.36
N VAL AA 40 38.89 -0.39 29.18
CA VAL AA 40 40.18 -0.18 29.81
C VAL AA 40 41.30 -0.39 28.82
N VAL AA 41 42.47 0.18 29.13
CA VAL AA 41 43.66 0.04 28.30
C VAL AA 41 44.70 -0.61 29.22
N LEU AA 42 45.31 -1.70 28.75
CA LEU AA 42 46.32 -2.38 29.56
C LEU AA 42 47.64 -2.36 28.80
N ALA AA 43 48.74 -2.34 29.56
CA ALA AA 43 50.09 -2.34 29.00
C ALA AA 43 50.75 -3.64 29.39
N ASP AA 44 51.53 -4.20 28.46
CA ASP AA 44 52.21 -5.48 28.72
C ASP AA 44 51.15 -6.46 29.21
N ALA AA 45 50.09 -6.61 28.42
CA ALA AA 45 48.97 -7.49 28.77
C ALA AA 45 49.18 -8.93 28.38
N GLU AA 46 48.49 -9.83 29.08
CA GLU AA 46 48.56 -11.26 28.78
C GLU AA 46 47.19 -11.92 28.95
N MET AA 47 46.72 -12.57 27.88
CA MET AA 47 45.45 -13.26 27.94
C MET AA 47 45.70 -14.56 28.68
N ILE AA 48 44.88 -14.82 29.69
CA ILE AA 48 45.00 -16.01 30.51
C ILE AA 48 43.77 -16.90 30.41
N GLN AA 49 44.01 -18.20 30.33
CA GLN AA 49 42.92 -19.15 30.23
C GLN AA 49 43.17 -20.35 31.13
N ASP AA 50 42.28 -20.54 32.09
CA ASP AA 50 42.40 -21.66 33.03
C ASP AA 50 43.70 -21.63 33.81
N GLY AA 51 44.17 -20.44 34.13
CA GLY AA 51 45.39 -20.31 34.90
C GLY AA 51 46.70 -20.16 34.15
N GLU AA 52 46.66 -20.30 32.83
CA GLU AA 52 47.88 -20.18 32.04
C GLU AA 52 47.78 -19.18 30.89
N VAL AA 53 48.88 -18.49 30.63
CA VAL AA 53 48.99 -17.50 29.58
C VAL AA 53 48.82 -18.13 28.19
N VAL AA 54 48.14 -17.42 27.29
CA VAL AA 54 47.92 -17.93 25.93
C VAL AA 54 48.36 -16.95 24.86
N LYS AA 55 48.40 -15.66 25.20
CA LYS AA 55 48.83 -14.62 24.26
C LYS AA 55 49.37 -13.45 25.04
N ARG AA 56 50.17 -12.61 24.39
CA ARG AA 56 50.76 -11.44 25.03
C ARG AA 56 50.50 -10.22 24.16
N TYR AA 57 50.34 -9.06 24.79
CA TYR AA 57 50.10 -7.83 24.05
C TYR AA 57 50.84 -6.66 24.68
N GLY AA 58 51.45 -5.82 23.84
CA GLY AA 58 52.17 -4.67 24.36
C GLY AA 58 51.16 -3.70 24.95
N LYS AA 59 50.08 -3.47 24.20
CA LYS AA 59 49.02 -2.56 24.62
C LYS AA 59 47.70 -3.07 24.02
N ILE AA 60 46.64 -3.06 24.82
CA ILE AA 60 45.36 -3.56 24.33
C ILE AA 60 44.20 -2.81 24.96
N VAL AA 61 43.17 -2.55 24.16
CA VAL AA 61 41.99 -1.85 24.66
C VAL AA 61 40.87 -2.88 24.78
N ILE AA 62 40.39 -3.07 26.02
CA ILE AA 62 39.33 -4.03 26.31
C ILE AA 62 37.98 -3.33 26.56
N ARG AA 63 36.97 -3.68 25.77
CA ARG AA 63 35.65 -3.05 25.92
C ARG AA 63 34.95 -3.52 27.19
N GLY AA 64 34.48 -2.57 27.99
CA GLY AA 64 33.81 -2.88 29.24
C GLY AA 64 32.61 -3.80 29.15
N ASP AA 65 31.90 -3.75 28.03
CA ASP AA 65 30.70 -4.58 27.87
C ASP AA 65 30.96 -6.08 28.01
N ASN AA 66 32.23 -6.49 27.89
CA ASN AA 66 32.60 -7.90 27.99
C ASN AA 66 33.16 -8.27 29.35
N VAL AA 67 33.30 -7.28 30.22
CA VAL AA 67 33.90 -7.50 31.52
C VAL AA 67 32.99 -7.96 32.63
N LEU AA 68 33.41 -9.00 33.35
CA LEU AA 68 32.67 -9.53 34.48
C LEU AA 68 33.14 -8.79 35.73
N ALA AA 69 34.45 -8.62 35.86
CA ALA AA 69 35.02 -7.94 37.02
C ALA AA 69 36.44 -7.50 36.78
N ILE AA 70 36.90 -6.58 37.62
CA ILE AA 70 38.26 -6.07 37.53
C ILE AA 70 38.78 -6.03 38.96
N SER AA 71 39.98 -6.59 39.16
CA SER AA 71 40.57 -6.62 40.50
C SER AA 71 41.99 -6.08 40.50
N PRO AA 72 42.29 -5.15 41.42
CA PRO AA 72 43.62 -4.54 41.52
C PRO AA 72 44.70 -5.56 41.91
N THR AA 73 44.47 -6.29 42.99
CA THR AA 73 45.43 -7.29 43.48
C THR AA 73 46.64 -6.60 44.11
N GLU BA 3 12.17 0.36 51.08
CA GLU BA 3 13.22 -0.64 50.77
C GLU BA 3 13.34 -0.86 49.26
N ARG BA 4 13.70 0.20 48.56
CA ARG BA 4 13.87 0.17 47.12
C ARG BA 4 15.23 -0.49 46.85
N PRO BA 5 15.41 -1.14 45.69
CA PRO BA 5 16.67 -1.80 45.35
C PRO BA 5 17.91 -1.00 45.80
N LEU BA 6 18.02 0.25 45.36
CA LEU BA 6 19.18 1.07 45.76
C LEU BA 6 19.28 1.27 47.28
N ASP BA 7 18.13 1.30 47.96
CA ASP BA 7 18.11 1.47 49.41
C ASP BA 7 18.71 0.28 50.12
N VAL BA 8 18.34 -0.92 49.69
CA VAL BA 8 18.85 -2.13 50.30
C VAL BA 8 20.35 -2.20 50.10
N ILE BA 9 20.82 -1.81 48.92
CA ILE BA 9 22.24 -1.83 48.62
C ILE BA 9 22.99 -0.83 49.51
N HIS BA 10 22.44 0.37 49.63
CA HIS BA 10 23.09 1.39 50.45
C HIS BA 10 23.26 0.93 51.90
N ARG BA 11 22.22 0.30 52.44
CA ARG BA 11 22.21 -0.19 53.83
C ARG BA 11 23.12 -1.38 54.07
N SER BA 12 23.62 -1.97 53.00
CA SER BA 12 24.50 -3.11 53.12
C SER BA 12 25.96 -2.68 53.08
N LEU BA 13 26.20 -1.37 52.96
CA LEU BA 13 27.58 -0.91 52.93
C LEU BA 13 28.24 -1.40 54.22
N ASP BA 14 29.51 -1.77 54.12
CA ASP BA 14 30.27 -2.27 55.27
C ASP BA 14 29.83 -3.66 55.71
N LYS BA 15 28.78 -4.20 55.09
CA LYS BA 15 28.29 -5.53 55.47
C LYS BA 15 28.59 -6.61 54.44
N ASP BA 16 28.44 -7.86 54.87
CA ASP BA 16 28.68 -9.02 54.02
C ASP BA 16 27.50 -9.21 53.05
N VAL BA 17 27.81 -9.45 51.78
CA VAL BA 17 26.76 -9.68 50.78
C VAL BA 17 27.13 -10.78 49.79
N LEU BA 18 26.10 -11.35 49.19
CA LEU BA 18 26.23 -12.39 48.18
C LEU BA 18 25.82 -11.81 46.83
N VAL BA 19 26.74 -11.80 45.87
CA VAL BA 19 26.44 -11.29 44.54
C VAL BA 19 26.34 -12.50 43.64
N ILE BA 20 25.11 -12.80 43.23
CA ILE BA 20 24.84 -13.96 42.39
C ILE BA 20 24.87 -13.62 40.91
N LEU BA 21 25.73 -14.33 40.18
CA LEU BA 21 25.84 -14.12 38.75
C LEU BA 21 25.08 -15.19 38.00
N LYS BA 22 23.78 -15.01 37.87
CA LYS BA 22 22.96 -15.94 37.11
C LYS BA 22 22.49 -17.29 37.68
N LYS BA 23 23.35 -18.10 38.33
CA LYS BA 23 22.86 -19.39 38.80
C LYS BA 23 23.59 -20.13 39.94
N GLY BA 24 24.76 -20.68 39.65
CA GLY BA 24 25.52 -21.38 40.67
C GLY BA 24 26.92 -20.81 40.78
N PHE BA 25 27.03 -19.53 40.39
CA PHE BA 25 28.28 -18.80 40.41
C PHE BA 25 28.04 -17.50 41.15
N GLU BA 26 28.83 -17.25 42.20
CA GLU BA 26 28.64 -16.06 43.00
C GLU BA 26 29.93 -15.47 43.55
N PHE BA 27 29.82 -14.27 44.08
CA PHE BA 27 30.94 -13.59 44.74
C PHE BA 27 30.34 -13.26 46.10
N ARG BA 28 31.15 -13.42 47.15
CA ARG BA 28 30.68 -13.14 48.50
C ARG BA 28 31.73 -12.21 49.09
N GLY BA 29 31.31 -11.16 49.76
CA GLY BA 29 32.29 -10.24 50.33
C GLY BA 29 31.68 -9.08 51.06
N ARG BA 30 32.53 -8.17 51.53
CA ARG BA 30 32.04 -7.00 52.25
C ARG BA 30 31.80 -5.89 51.25
N LEU BA 31 30.56 -5.41 51.17
CA LEU BA 31 30.22 -4.34 50.23
C LEU BA 31 30.81 -3.00 50.66
N ILE BA 32 31.68 -2.42 49.85
CA ILE BA 32 32.29 -1.13 50.20
C ILE BA 32 31.96 -0.01 49.22
N GLY BA 33 31.28 -0.35 48.11
CA GLY BA 33 30.92 0.67 47.14
C GLY BA 33 29.94 0.18 46.09
N TYR BA 34 29.39 1.12 45.31
CA TYR BA 34 28.44 0.75 44.27
C TYR BA 34 28.05 2.00 43.50
N ASP BA 35 27.39 1.83 42.36
CA ASP BA 35 26.94 2.99 41.60
C ASP BA 35 25.50 2.72 41.14
N ILE BA 36 24.88 3.73 40.53
CA ILE BA 36 23.50 3.60 40.10
C ILE BA 36 23.24 2.47 39.10
N HIS BA 37 24.30 1.96 38.46
CA HIS BA 37 24.14 0.86 37.50
C HIS BA 37 24.15 -0.49 38.20
N LEU BA 38 24.33 -0.45 39.52
CA LEU BA 38 24.42 -1.62 40.36
C LEU BA 38 25.74 -2.35 40.20
N ASN BA 39 26.75 -1.63 39.72
CA ASN BA 39 28.10 -2.17 39.63
C ASN BA 39 28.41 -2.08 41.13
N VAL BA 40 29.13 -3.06 41.68
CA VAL BA 40 29.45 -3.02 43.11
C VAL BA 40 30.93 -3.30 43.34
N VAL BA 41 31.42 -2.87 44.50
CA VAL BA 41 32.81 -3.08 44.89
C VAL BA 41 32.77 -3.92 46.16
N LEU BA 42 33.54 -5.00 46.18
CA LEU BA 42 33.59 -5.88 47.34
C LEU BA 42 35.02 -5.92 47.85
N ALA BA 43 35.18 -6.03 49.15
CA ALA BA 43 36.50 -6.10 49.77
C ALA BA 43 36.62 -7.47 50.43
N ASP BA 44 37.83 -8.03 50.45
CA ASP BA 44 38.04 -9.36 51.03
C ASP BA 44 36.99 -10.28 50.45
N ALA BA 45 37.00 -10.39 49.12
CA ALA BA 45 36.02 -11.20 48.39
C ALA BA 45 36.51 -12.58 48.07
N GLU BA 46 35.56 -13.42 47.66
CA GLU BA 46 35.84 -14.78 47.25
C GLU BA 46 34.87 -15.19 46.16
N MET BA 47 35.39 -15.85 45.13
CA MET BA 47 34.57 -16.34 44.04
C MET BA 47 34.11 -17.72 44.49
N ILE BA 48 32.80 -17.97 44.43
CA ILE BA 48 32.23 -19.23 44.85
C ILE BA 48 31.57 -19.97 43.69
N GLN BA 49 31.96 -21.23 43.51
CA GLN BA 49 31.38 -22.05 42.46
C GLN BA 49 31.01 -23.39 43.06
N ASP BA 50 29.72 -23.70 43.06
CA ASP BA 50 29.27 -24.97 43.61
C ASP BA 50 29.59 -25.05 45.11
N GLY BA 51 29.42 -23.92 45.80
CA GLY BA 51 29.68 -23.87 47.23
C GLY BA 51 31.13 -23.95 47.65
N GLU BA 52 32.04 -23.96 46.69
CA GLU BA 52 33.47 -24.04 46.97
C GLU BA 52 34.17 -22.75 46.60
N VAL BA 53 34.99 -22.22 47.51
CA VAL BA 53 35.74 -21.00 47.23
C VAL BA 53 36.83 -21.37 46.22
N VAL BA 54 36.92 -20.63 45.11
CA VAL BA 54 37.96 -20.95 44.13
C VAL BA 54 38.98 -19.84 43.96
N LYS BA 55 38.71 -18.67 44.52
CA LYS BA 55 39.63 -17.54 44.44
C LYS BA 55 39.26 -16.50 45.47
N ARG BA 56 40.24 -15.72 45.88
CA ARG BA 56 40.01 -14.68 46.85
C ARG BA 56 40.57 -13.42 46.25
N TYR BA 57 39.94 -12.29 46.56
CA TYR BA 57 40.38 -11.00 46.05
C TYR BA 57 40.40 -10.00 47.18
N GLY BA 58 41.44 -9.20 47.25
CA GLY BA 58 41.48 -8.20 48.29
C GLY BA 58 40.39 -7.20 47.99
N LYS BA 59 40.29 -6.83 46.71
CA LYS BA 59 39.30 -5.87 46.22
C LYS BA 59 38.87 -6.25 44.80
N ILE BA 60 37.58 -6.13 44.52
CA ILE BA 60 37.10 -6.49 43.18
C ILE BA 60 35.86 -5.66 42.80
N VAL BA 61 35.86 -5.19 41.56
CA VAL BA 61 34.75 -4.40 41.02
C VAL BA 61 33.97 -5.35 40.10
N ILE BA 62 32.69 -5.54 40.39
CA ILE BA 62 31.82 -6.43 39.60
C ILE BA 62 30.77 -5.60 38.82
N ARG BA 63 30.69 -5.79 37.52
CA ARG BA 63 29.72 -5.03 36.73
C ARG BA 63 28.29 -5.55 36.90
N GLY BA 64 27.36 -4.61 37.16
CA GLY BA 64 25.97 -4.95 37.36
C GLY BA 64 25.28 -5.71 36.23
N ASP BA 65 25.70 -5.46 34.99
CA ASP BA 65 25.08 -6.10 33.83
C ASP BA 65 25.07 -7.62 33.86
N ASN BA 66 25.97 -8.23 34.65
CA ASN BA 66 26.01 -9.69 34.72
C ASN BA 66 25.40 -10.25 36.01
N VAL BA 67 24.88 -9.37 36.85
CA VAL BA 67 24.30 -9.78 38.12
C VAL BA 67 22.84 -10.19 38.03
N LEU BA 68 22.52 -11.31 38.64
CA LEU BA 68 21.16 -11.80 38.70
C LEU BA 68 20.50 -11.19 39.92
N ALA BA 69 21.19 -11.30 41.05
CA ALA BA 69 20.67 -10.79 42.31
C ALA BA 69 21.78 -10.55 43.33
N ILE BA 70 21.44 -9.74 44.33
CA ILE BA 70 22.35 -9.41 45.40
C ILE BA 70 21.59 -9.65 46.69
N SER BA 71 22.17 -10.42 47.60
CA SER BA 71 21.52 -10.73 48.87
C SER BA 71 22.36 -10.35 50.07
N PRO BA 72 21.82 -9.50 50.97
CA PRO BA 72 22.60 -9.13 52.15
C PRO BA 72 22.63 -10.30 53.12
N THR BA 73 23.82 -10.65 53.58
CA THR BA 73 23.98 -11.76 54.52
C THR BA 73 23.68 -11.28 55.95
#